data_3VZE
# 
_entry.id   3VZE 
# 
_audit_conform.dict_name       mmcif_pdbx.dic 
_audit_conform.dict_version    5.381 
_audit_conform.dict_location   http://mmcif.pdb.org/dictionaries/ascii/mmcif_pdbx.dic 
# 
loop_
_database_2.database_id 
_database_2.database_code 
_database_2.pdbx_database_accession 
_database_2.pdbx_DOI 
PDB   3VZE         pdb_00003vze 10.2210/pdb3vze/pdb 
RCSB  RCSB095691   ?            ?                   
WWPDB D_1000095691 ?            ?                   
# 
loop_
_pdbx_database_related.db_name 
_pdbx_database_related.db_id 
_pdbx_database_related.details 
_pdbx_database_related.content_type 
PDB 3VZF . unspecified 
PDB 3VZG . unspecified 
# 
_pdbx_database_status.status_code                     REL 
_pdbx_database_status.entry_id                        3VZE 
_pdbx_database_status.recvd_initial_deposition_date   2012-10-11 
_pdbx_database_status.deposit_site                    PDBJ 
_pdbx_database_status.process_site                    PDBJ 
_pdbx_database_status.methods_development_category    ? 
_pdbx_database_status.status_code_sf                  REL 
_pdbx_database_status.status_code_mr                  ? 
_pdbx_database_status.SG_entry                        ? 
_pdbx_database_status.status_code_cs                  ? 
_pdbx_database_status.pdb_format_compatible           Y 
_pdbx_database_status.status_code_nmr_data            ? 
# 
loop_
_audit_author.name 
_audit_author.pdbx_ordinal 
'Kanagawa, M.'  1 
'Yamaguchi, Y.' 2 
# 
_citation.id                        primary 
_citation.title                     'Structural Basis for Multiple Sugar Recognition of Jacalin-related Human ZG16p Lectin' 
_citation.journal_abbrev            J.Biol.Chem. 
_citation.journal_volume            289 
_citation.page_first                16954 
_citation.page_last                 16965 
_citation.year                      2014 
_citation.journal_id_ASTM           JBCHA3 
_citation.country                   US 
_citation.journal_id_ISSN           0021-9258 
_citation.journal_id_CSD            0071 
_citation.book_publisher            ? 
_citation.pdbx_database_id_PubMed   24790092 
_citation.pdbx_database_id_DOI      10.1074/jbc.M113.539114 
# 
loop_
_citation_author.citation_id 
_citation_author.name 
_citation_author.ordinal 
_citation_author.identifier_ORCID 
primary 'Kanagawa, M.'      1 ? 
primary 'Liu, Y.'           2 ? 
primary 'Hanashima, S.'     3 ? 
primary 'Ikeda, A.'         4 ? 
primary 'Chai, W.'          5 ? 
primary 'Nakano, Y.'        6 ? 
primary 'Kojima-Aikawa, K.' 7 ? 
primary 'Feizi, T.'         8 ? 
primary 'Yamaguchi, Y.'     9 ? 
# 
_cell.entry_id           3VZE 
_cell.length_a           58.3200 
_cell.length_b           73.1950 
_cell.length_c           30.5010 
_cell.angle_alpha        90 
_cell.angle_beta         90 
_cell.angle_gamma        90 
_cell.Z_PDB              4 
_cell.pdbx_unique_axis   ? 
_cell.length_a_esd       ? 
_cell.length_b_esd       ? 
_cell.length_c_esd       ? 
_cell.angle_alpha_esd    ? 
_cell.angle_beta_esd     ? 
_cell.angle_gamma_esd    ? 
# 
_symmetry.entry_id                         3VZE 
_symmetry.space_group_name_H-M             'P 21 21 2' 
_symmetry.pdbx_full_space_group_name_H-M   ? 
_symmetry.cell_setting                     ? 
_symmetry.Int_Tables_number                18 
_symmetry.space_group_name_Hall            ? 
# 
loop_
_entity.id 
_entity.type 
_entity.src_method 
_entity.pdbx_description 
_entity.formula_weight 
_entity.pdbx_number_of_molecules 
_entity.pdbx_ec 
_entity.pdbx_mutation 
_entity.pdbx_fragment 
_entity.details 
1 polymer     man 'Zymogen granule membrane protein 16'               15501.401 1   ? ? 'UNP residues 21-159' ? 
2 branched    man 'alpha-D-mannopyranose-(1-3)-alpha-D-mannopyranose' 342.297   1   ? ? ?                     ? 
3 non-polymer syn 'CHLORIDE ION'                                      35.453    2   ? ? ?                     ? 
4 water       nat water                                               18.015    155 ? ? ?                     ? 
# 
loop_
_entity_name_com.entity_id 
_entity_name_com.name 
1 'Zymogen granule protein 16, hZG16, Secretory lectin ZG16' 
2 3alpha-alpha-mannobiose                                    
# 
_entity_poly.entity_id                      1 
_entity_poly.type                           'polypeptide(L)' 
_entity_poly.nstd_linkage                   no 
_entity_poly.nstd_monomer                   no 
_entity_poly.pdbx_seq_one_letter_code       
;GSARSSSYSGEYGSGGGKRFSHSGNQLDGPITALRVRVNTYYIVGLQVRYGKVWSDYVGGRNGDLEEIFLHPGESVIQVS
GKYKWYLKKLVFVTDKGRYLSFGKDSGTSFNAVPLHPNTVLRFISGRSGSLIDAIGLHWDV
;
_entity_poly.pdbx_seq_one_letter_code_can   
;GSARSSSYSGEYGSGGGKRFSHSGNQLDGPITALRVRVNTYYIVGLQVRYGKVWSDYVGGRNGDLEEIFLHPGESVIQVS
GKYKWYLKKLVFVTDKGRYLSFGKDSGTSFNAVPLHPNTVLRFISGRSGSLIDAIGLHWDV
;
_entity_poly.pdbx_strand_id                 A 
_entity_poly.pdbx_target_identifier         ? 
# 
loop_
_entity_poly_seq.entity_id 
_entity_poly_seq.num 
_entity_poly_seq.mon_id 
_entity_poly_seq.hetero 
1 1   GLY n 
1 2   SER n 
1 3   ALA n 
1 4   ARG n 
1 5   SER n 
1 6   SER n 
1 7   SER n 
1 8   TYR n 
1 9   SER n 
1 10  GLY n 
1 11  GLU n 
1 12  TYR n 
1 13  GLY n 
1 14  SER n 
1 15  GLY n 
1 16  GLY n 
1 17  GLY n 
1 18  LYS n 
1 19  ARG n 
1 20  PHE n 
1 21  SER n 
1 22  HIS n 
1 23  SER n 
1 24  GLY n 
1 25  ASN n 
1 26  GLN n 
1 27  LEU n 
1 28  ASP n 
1 29  GLY n 
1 30  PRO n 
1 31  ILE n 
1 32  THR n 
1 33  ALA n 
1 34  LEU n 
1 35  ARG n 
1 36  VAL n 
1 37  ARG n 
1 38  VAL n 
1 39  ASN n 
1 40  THR n 
1 41  TYR n 
1 42  TYR n 
1 43  ILE n 
1 44  VAL n 
1 45  GLY n 
1 46  LEU n 
1 47  GLN n 
1 48  VAL n 
1 49  ARG n 
1 50  TYR n 
1 51  GLY n 
1 52  LYS n 
1 53  VAL n 
1 54  TRP n 
1 55  SER n 
1 56  ASP n 
1 57  TYR n 
1 58  VAL n 
1 59  GLY n 
1 60  GLY n 
1 61  ARG n 
1 62  ASN n 
1 63  GLY n 
1 64  ASP n 
1 65  LEU n 
1 66  GLU n 
1 67  GLU n 
1 68  ILE n 
1 69  PHE n 
1 70  LEU n 
1 71  HIS n 
1 72  PRO n 
1 73  GLY n 
1 74  GLU n 
1 75  SER n 
1 76  VAL n 
1 77  ILE n 
1 78  GLN n 
1 79  VAL n 
1 80  SER n 
1 81  GLY n 
1 82  LYS n 
1 83  TYR n 
1 84  LYS n 
1 85  TRP n 
1 86  TYR n 
1 87  LEU n 
1 88  LYS n 
1 89  LYS n 
1 90  LEU n 
1 91  VAL n 
1 92  PHE n 
1 93  VAL n 
1 94  THR n 
1 95  ASP n 
1 96  LYS n 
1 97  GLY n 
1 98  ARG n 
1 99  TYR n 
1 100 LEU n 
1 101 SER n 
1 102 PHE n 
1 103 GLY n 
1 104 LYS n 
1 105 ASP n 
1 106 SER n 
1 107 GLY n 
1 108 THR n 
1 109 SER n 
1 110 PHE n 
1 111 ASN n 
1 112 ALA n 
1 113 VAL n 
1 114 PRO n 
1 115 LEU n 
1 116 HIS n 
1 117 PRO n 
1 118 ASN n 
1 119 THR n 
1 120 VAL n 
1 121 LEU n 
1 122 ARG n 
1 123 PHE n 
1 124 ILE n 
1 125 SER n 
1 126 GLY n 
1 127 ARG n 
1 128 SER n 
1 129 GLY n 
1 130 SER n 
1 131 LEU n 
1 132 ILE n 
1 133 ASP n 
1 134 ALA n 
1 135 ILE n 
1 136 GLY n 
1 137 LEU n 
1 138 HIS n 
1 139 TRP n 
1 140 ASP n 
1 141 VAL n 
# 
_entity_src_gen.entity_id                          1 
_entity_src_gen.pdbx_src_id                        1 
_entity_src_gen.pdbx_alt_source_flag               sample 
_entity_src_gen.pdbx_seq_type                      ? 
_entity_src_gen.pdbx_beg_seq_num                   ? 
_entity_src_gen.pdbx_end_seq_num                   ? 
_entity_src_gen.gene_src_common_name               human 
_entity_src_gen.gene_src_genus                     ? 
_entity_src_gen.pdbx_gene_src_gene                 ZG16 
_entity_src_gen.gene_src_species                   ? 
_entity_src_gen.gene_src_strain                    ? 
_entity_src_gen.gene_src_tissue                    ? 
_entity_src_gen.gene_src_tissue_fraction           ? 
_entity_src_gen.gene_src_details                   ? 
_entity_src_gen.pdbx_gene_src_fragment             ? 
_entity_src_gen.pdbx_gene_src_scientific_name      'Homo sapiens' 
_entity_src_gen.pdbx_gene_src_ncbi_taxonomy_id     9606 
_entity_src_gen.pdbx_gene_src_variant              ? 
_entity_src_gen.pdbx_gene_src_cell_line            ? 
_entity_src_gen.pdbx_gene_src_atcc                 ? 
_entity_src_gen.pdbx_gene_src_organ                ? 
_entity_src_gen.pdbx_gene_src_organelle            ? 
_entity_src_gen.pdbx_gene_src_cell                 ? 
_entity_src_gen.pdbx_gene_src_cellular_location    ? 
_entity_src_gen.host_org_common_name               ? 
_entity_src_gen.pdbx_host_org_scientific_name      'Escherichia coli' 
_entity_src_gen.pdbx_host_org_ncbi_taxonomy_id     562 
_entity_src_gen.host_org_genus                     ? 
_entity_src_gen.pdbx_host_org_gene                 ? 
_entity_src_gen.pdbx_host_org_organ                ? 
_entity_src_gen.host_org_species                   ? 
_entity_src_gen.pdbx_host_org_tissue               ? 
_entity_src_gen.pdbx_host_org_tissue_fraction      ? 
_entity_src_gen.pdbx_host_org_strain               'E. coli BL21(DE3)' 
_entity_src_gen.pdbx_host_org_variant              ? 
_entity_src_gen.pdbx_host_org_cell_line            ? 
_entity_src_gen.pdbx_host_org_atcc                 ? 
_entity_src_gen.pdbx_host_org_culture_collection   ? 
_entity_src_gen.pdbx_host_org_cell                 ? 
_entity_src_gen.pdbx_host_org_organelle            ? 
_entity_src_gen.pdbx_host_org_cellular_location    ? 
_entity_src_gen.pdbx_host_org_vector_type          plasmid 
_entity_src_gen.pdbx_host_org_vector               ? 
_entity_src_gen.host_org_details                   ? 
_entity_src_gen.expression_system_id               ? 
_entity_src_gen.plasmid_name                       'pCold-I(MBP fusion)' 
_entity_src_gen.plasmid_details                    ? 
_entity_src_gen.pdbx_description                   ? 
# 
_struct_ref.id                         1 
_struct_ref.db_name                    UNP 
_struct_ref.db_code                    ZG16_HUMAN 
_struct_ref.pdbx_db_accession          O60844 
_struct_ref.entity_id                  1 
_struct_ref.pdbx_seq_one_letter_code   
;ARSSSYSGEYGSGGGKRFSHSGNQLDGPITALRVRVNTYYIVGLQVRYGKVWSDYVGGRNGDLEEIFLHPGESVIQVSGK
YKWYLKKLVFVTDKGRYLSFGKDSGTSFNAVPLHPNTVLRFISGRSGSLIDAIGLHWDV
;
_struct_ref.pdbx_align_begin           21 
_struct_ref.pdbx_db_isoform            ? 
# 
_struct_ref_seq.align_id                      1 
_struct_ref_seq.ref_id                        1 
_struct_ref_seq.pdbx_PDB_id_code              3VZE 
_struct_ref_seq.pdbx_strand_id                A 
_struct_ref_seq.seq_align_beg                 3 
_struct_ref_seq.pdbx_seq_align_beg_ins_code   ? 
_struct_ref_seq.seq_align_end                 141 
_struct_ref_seq.pdbx_seq_align_end_ins_code   ? 
_struct_ref_seq.pdbx_db_accession             O60844 
_struct_ref_seq.db_align_beg                  21 
_struct_ref_seq.pdbx_db_align_beg_ins_code    ? 
_struct_ref_seq.db_align_end                  159 
_struct_ref_seq.pdbx_db_align_end_ins_code    ? 
_struct_ref_seq.pdbx_auth_seq_align_beg       21 
_struct_ref_seq.pdbx_auth_seq_align_end       159 
# 
loop_
_struct_ref_seq_dif.align_id 
_struct_ref_seq_dif.pdbx_pdb_id_code 
_struct_ref_seq_dif.mon_id 
_struct_ref_seq_dif.pdbx_pdb_strand_id 
_struct_ref_seq_dif.seq_num 
_struct_ref_seq_dif.pdbx_pdb_ins_code 
_struct_ref_seq_dif.pdbx_seq_db_name 
_struct_ref_seq_dif.pdbx_seq_db_accession_code 
_struct_ref_seq_dif.db_mon_id 
_struct_ref_seq_dif.pdbx_seq_db_seq_num 
_struct_ref_seq_dif.details 
_struct_ref_seq_dif.pdbx_auth_seq_num 
_struct_ref_seq_dif.pdbx_ordinal 
1 3VZE GLY A 1 ? UNP O60844 ? ? 'expression tag' 19 1 
1 3VZE SER A 2 ? UNP O60844 ? ? 'expression tag' 20 2 
# 
loop_
_chem_comp.id 
_chem_comp.type 
_chem_comp.mon_nstd_flag 
_chem_comp.name 
_chem_comp.pdbx_synonyms 
_chem_comp.formula 
_chem_comp.formula_weight 
ALA 'L-peptide linking'           y ALANINE               ?                                     'C3 H7 N O2'     89.093  
ARG 'L-peptide linking'           y ARGININE              ?                                     'C6 H15 N4 O2 1' 175.209 
ASN 'L-peptide linking'           y ASPARAGINE            ?                                     'C4 H8 N2 O3'    132.118 
ASP 'L-peptide linking'           y 'ASPARTIC ACID'       ?                                     'C4 H7 N O4'     133.103 
CL  non-polymer                   . 'CHLORIDE ION'        ?                                     'Cl -1'          35.453  
GLN 'L-peptide linking'           y GLUTAMINE             ?                                     'C5 H10 N2 O3'   146.144 
GLU 'L-peptide linking'           y 'GLUTAMIC ACID'       ?                                     'C5 H9 N O4'     147.129 
GLY 'peptide linking'             y GLYCINE               ?                                     'C2 H5 N O2'     75.067  
HIS 'L-peptide linking'           y HISTIDINE             ?                                     'C6 H10 N3 O2 1' 156.162 
HOH non-polymer                   . WATER                 ?                                     'H2 O'           18.015  
ILE 'L-peptide linking'           y ISOLEUCINE            ?                                     'C6 H13 N O2'    131.173 
LEU 'L-peptide linking'           y LEUCINE               ?                                     'C6 H13 N O2'    131.173 
LYS 'L-peptide linking'           y LYSINE                ?                                     'C6 H15 N2 O2 1' 147.195 
MAN 'D-saccharide, alpha linking' . alpha-D-mannopyranose 'alpha-D-mannose; D-mannose; mannose' 'C6 H12 O6'      180.156 
PHE 'L-peptide linking'           y PHENYLALANINE         ?                                     'C9 H11 N O2'    165.189 
PRO 'L-peptide linking'           y PROLINE               ?                                     'C5 H9 N O2'     115.130 
SER 'L-peptide linking'           y SERINE                ?                                     'C3 H7 N O3'     105.093 
THR 'L-peptide linking'           y THREONINE             ?                                     'C4 H9 N O3'     119.119 
TRP 'L-peptide linking'           y TRYPTOPHAN            ?                                     'C11 H12 N2 O2'  204.225 
TYR 'L-peptide linking'           y TYROSINE              ?                                     'C9 H11 N O3'    181.189 
VAL 'L-peptide linking'           y VALINE                ?                                     'C5 H11 N O2'    117.146 
# 
_exptl.entry_id          3VZE 
_exptl.method            'X-RAY DIFFRACTION' 
_exptl.crystals_number   1 
# 
_exptl_crystal.id                    1 
_exptl_crystal.density_meas          ? 
_exptl_crystal.density_Matthews      2.10 
_exptl_crystal.density_percent_sol   41.41 
_exptl_crystal.description           ? 
_exptl_crystal.F_000                 ? 
_exptl_crystal.preparation           ? 
# 
_exptl_crystal_grow.crystal_id      1 
_exptl_crystal_grow.method          'VAPOR DIFFUSION, SITTING DROP' 
_exptl_crystal_grow.temp            293 
_exptl_crystal_grow.temp_details    ? 
_exptl_crystal_grow.pH              5.6 
_exptl_crystal_grow.pdbx_details    
;0.09M MES(pH 6.5), 0.09M Sodium phosphate, 0.09M Potassium phosphate, 1.8M Sodium chloride, VAPOR DIFFUSION, SITTING DROP, temperature 293K
;
_exptl_crystal_grow.pdbx_pH_range   . 
# 
_diffrn.id                     1 
_diffrn.ambient_temp           100 
_diffrn.ambient_temp_details   ? 
_diffrn.crystal_id             1 
# 
_diffrn_detector.diffrn_id              1 
_diffrn_detector.detector               CCD 
_diffrn_detector.type                   'ADSC QUANTUM 210' 
_diffrn_detector.pdbx_collection_date   2010-10-08 
_diffrn_detector.details                ? 
# 
_diffrn_radiation.diffrn_id                        1 
_diffrn_radiation.wavelength_id                    1 
_diffrn_radiation.pdbx_monochromatic_or_laue_m_l   M 
_diffrn_radiation.monochromator                    'Si(111)' 
_diffrn_radiation.pdbx_diffrn_protocol             'SINGLE WAVELENGTH' 
_diffrn_radiation.pdbx_scattering_type             x-ray 
# 
_diffrn_radiation_wavelength.id           1 
_diffrn_radiation_wavelength.wavelength   1.00000 
_diffrn_radiation_wavelength.wt           1.0 
# 
_diffrn_source.diffrn_id                   1 
_diffrn_source.source                      SYNCHROTRON 
_diffrn_source.type                        'PHOTON FACTORY BEAMLINE AR-NW12A' 
_diffrn_source.pdbx_synchrotron_site       'Photon Factory' 
_diffrn_source.pdbx_synchrotron_beamline   AR-NW12A 
_diffrn_source.pdbx_wavelength             ? 
_diffrn_source.pdbx_wavelength_list        1.00000 
# 
_reflns.entry_id                     3VZE 
_reflns.observed_criterion_sigma_I   ? 
_reflns.observed_criterion_sigma_F   ? 
_reflns.d_resolution_low             50.0 
_reflns.d_resolution_high            1.90 
_reflns.number_obs                   10860 
_reflns.number_all                   ? 
_reflns.percent_possible_obs         99.9 
_reflns.pdbx_Rmerge_I_obs            0.121 
_reflns.pdbx_Rsym_value              ? 
_reflns.pdbx_netI_over_sigmaI        14.8 
_reflns.B_iso_Wilson_estimate        ? 
_reflns.pdbx_redundancy              7.0 
_reflns.R_free_details               ? 
_reflns.limit_h_max                  ? 
_reflns.limit_h_min                  ? 
_reflns.limit_k_max                  ? 
_reflns.limit_k_min                  ? 
_reflns.limit_l_max                  ? 
_reflns.limit_l_min                  ? 
_reflns.observed_criterion_F_max     ? 
_reflns.observed_criterion_F_min     ? 
_reflns.pdbx_chi_squared             ? 
_reflns.pdbx_scaling_rejects         ? 
_reflns.pdbx_ordinal                 1 
_reflns.pdbx_diffrn_id               1 
# 
_reflns_shell.d_res_high                  1.90 
_reflns_shell.d_res_low                   1.93 
_reflns_shell.percent_possible_all        99.4 
_reflns_shell.Rmerge_I_obs                0.526 
_reflns_shell.pdbx_Rsym_value             ? 
_reflns_shell.meanI_over_sigI_obs         2.6 
_reflns_shell.pdbx_redundancy             6.5 
_reflns_shell.percent_possible_obs        ? 
_reflns_shell.number_unique_all           ? 
_reflns_shell.number_measured_all         ? 
_reflns_shell.number_measured_obs         ? 
_reflns_shell.number_unique_obs           ? 
_reflns_shell.pdbx_chi_squared            ? 
_reflns_shell.pdbx_rejects                ? 
_reflns_shell.pdbx_netI_over_sigmaI_obs   ? 
_reflns_shell.number_possible             ? 
_reflns_shell.Rmerge_F_all                ? 
_reflns_shell.Rmerge_F_obs                ? 
_reflns_shell.Rmerge_I_all                ? 
_reflns_shell.meanI_over_sigI_all         ? 
_reflns_shell.pdbx_Rrim_I_all             ? 
_reflns_shell.pdbx_Rpim_I_all             ? 
_reflns_shell.pdbx_ordinal                1 
_reflns_shell.pdbx_diffrn_id              1 
# 
_refine.entry_id                                 3VZE 
_refine.ls_number_reflns_obs                     10284 
_refine.ls_number_reflns_all                     ? 
_refine.pdbx_ls_sigma_I                          ? 
_refine.pdbx_ls_sigma_F                          ? 
_refine.pdbx_data_cutoff_high_absF               ? 
_refine.pdbx_data_cutoff_low_absF                ? 
_refine.pdbx_data_cutoff_high_rms_absF           ? 
_refine.ls_d_res_low                             45.60 
_refine.ls_d_res_high                            1.90 
_refine.ls_percent_reflns_obs                    99.89 
_refine.ls_R_factor_obs                          0.18565 
_refine.ls_R_factor_all                          ? 
_refine.ls_R_factor_R_work                       0.18321 
_refine.ls_R_factor_R_free                       0.23386 
_refine.ls_R_factor_R_free_error                 ? 
_refine.ls_R_factor_R_free_error_details         ? 
_refine.ls_percent_reflns_R_free                 4.8 
_refine.ls_number_reflns_R_free                  521 
_refine.ls_number_parameters                     ? 
_refine.ls_number_restraints                     ? 
_refine.occupancy_min                            ? 
_refine.occupancy_max                            ? 
_refine.correlation_coeff_Fo_to_Fc               0.950 
_refine.correlation_coeff_Fo_to_Fc_free          0.911 
_refine.B_iso_mean                               16.439 
_refine.aniso_B[1][1]                            -0.35 
_refine.aniso_B[2][2]                            -0.59 
_refine.aniso_B[3][3]                            0.94 
_refine.aniso_B[1][2]                            0.00 
_refine.aniso_B[1][3]                            0.00 
_refine.aniso_B[2][3]                            0.00 
_refine.solvent_model_details                    MASK 
_refine.solvent_model_param_ksol                 ? 
_refine.solvent_model_param_bsol                 ? 
_refine.pdbx_solvent_vdw_probe_radii             1.40 
_refine.pdbx_solvent_ion_probe_radii             0.80 
_refine.pdbx_solvent_shrinkage_radii             0.80 
_refine.pdbx_ls_cross_valid_method               THROUGHOUT 
_refine.details                                  'HYDROGENS HAVE BEEN ADDED IN THE RIDING POSITIONS' 
_refine.pdbx_starting_model                      3APA 
_refine.pdbx_method_to_determine_struct          'MOLECULAR REPLACEMENT' 
_refine.pdbx_isotropic_thermal_model             ? 
_refine.pdbx_stereochemistry_target_values       'MAXIMUM LIKELIHOOD' 
_refine.pdbx_stereochem_target_val_spec_case     ? 
_refine.pdbx_R_Free_selection_details            RANDOM 
_refine.pdbx_overall_ESU_R                       0.174 
_refine.pdbx_overall_ESU_R_Free                  0.158 
_refine.overall_SU_ML                            0.105 
_refine.pdbx_overall_phase_error                 ? 
_refine.overall_SU_B                             3.518 
_refine.overall_SU_R_Cruickshank_DPI             ? 
_refine.ls_redundancy_reflns_obs                 ? 
_refine.B_iso_min                                ? 
_refine.B_iso_max                                ? 
_refine.overall_SU_R_free                        ? 
_refine.ls_wR_factor_R_free                      ? 
_refine.ls_wR_factor_R_work                      ? 
_refine.overall_FOM_free_R_set                   ? 
_refine.overall_FOM_work_R_set                   ? 
_refine.pdbx_diffrn_id                           1 
_refine.pdbx_refine_id                           'X-RAY DIFFRACTION' 
_refine.pdbx_TLS_residual_ADP_flag               ? 
_refine.pdbx_overall_SU_R_free_Cruickshank_DPI   ? 
_refine.pdbx_overall_SU_R_Blow_DPI               ? 
_refine.pdbx_overall_SU_R_free_Blow_DPI          ? 
# 
_refine_hist.pdbx_refine_id                   'X-RAY DIFFRACTION' 
_refine_hist.cycle_id                         LAST 
_refine_hist.pdbx_number_atoms_protein        1084 
_refine_hist.pdbx_number_atoms_nucleic_acid   0 
_refine_hist.pdbx_number_atoms_ligand         25 
_refine_hist.number_atoms_solvent             155 
_refine_hist.number_atoms_total               1264 
_refine_hist.d_res_high                       1.90 
_refine_hist.d_res_low                        45.60 
# 
loop_
_refine_ls_restr.type 
_refine_ls_restr.dev_ideal 
_refine_ls_restr.dev_ideal_target 
_refine_ls_restr.weight 
_refine_ls_restr.number 
_refine_ls_restr.pdbx_restraint_function 
_refine_ls_restr.pdbx_refine_id 
r_bond_refined_d             0.008  0.021  ? 1136 ? 'X-RAY DIFFRACTION' 
r_bond_other_d               ?      ?      ? ?    ? 'X-RAY DIFFRACTION' 
r_angle_refined_deg          1.133  1.965  ? 1534 ? 'X-RAY DIFFRACTION' 
r_angle_other_deg            ?      ?      ? ?    ? 'X-RAY DIFFRACTION' 
r_dihedral_angle_1_deg       6.319  5.000  ? 137  ? 'X-RAY DIFFRACTION' 
r_dihedral_angle_2_deg       34.269 22.000 ? 50   ? 'X-RAY DIFFRACTION' 
r_dihedral_angle_3_deg       11.886 15.000 ? 179  ? 'X-RAY DIFFRACTION' 
r_dihedral_angle_4_deg       15.817 15.000 ? 9    ? 'X-RAY DIFFRACTION' 
r_chiral_restr               0.076  0.200  ? 164  ? 'X-RAY DIFFRACTION' 
r_gen_planes_refined         0.003  0.020  ? 857  ? 'X-RAY DIFFRACTION' 
r_gen_planes_other           ?      ?      ? ?    ? 'X-RAY DIFFRACTION' 
r_nbd_refined                0.180  0.200  ? 467  ? 'X-RAY DIFFRACTION' 
r_nbd_other                  ?      ?      ? ?    ? 'X-RAY DIFFRACTION' 
r_nbtor_refined              0.306  0.200  ? 774  ? 'X-RAY DIFFRACTION' 
r_nbtor_other                ?      ?      ? ?    ? 'X-RAY DIFFRACTION' 
r_xyhbond_nbd_refined        0.140  0.200  ? 111  ? 'X-RAY DIFFRACTION' 
r_xyhbond_nbd_other          ?      ?      ? ?    ? 'X-RAY DIFFRACTION' 
r_metal_ion_refined          ?      ?      ? ?    ? 'X-RAY DIFFRACTION' 
r_metal_ion_other            ?      ?      ? ?    ? 'X-RAY DIFFRACTION' 
r_symmetry_vdw_refined       0.113  0.200  ? 35   ? 'X-RAY DIFFRACTION' 
r_symmetry_vdw_other         ?      ?      ? ?    ? 'X-RAY DIFFRACTION' 
r_symmetry_hbond_refined     0.145  0.200  ? 31   ? 'X-RAY DIFFRACTION' 
r_symmetry_hbond_other       ?      ?      ? ?    ? 'X-RAY DIFFRACTION' 
r_symmetry_metal_ion_refined ?      ?      ? ?    ? 'X-RAY DIFFRACTION' 
r_symmetry_metal_ion_other   ?      ?      ? ?    ? 'X-RAY DIFFRACTION' 
r_mcbond_it                  0.630  1.500  ? 692  ? 'X-RAY DIFFRACTION' 
r_mcbond_other               ?      ?      ? ?    ? 'X-RAY DIFFRACTION' 
r_mcangle_it                 1.077  2.000  ? 1077 ? 'X-RAY DIFFRACTION' 
r_scbond_it                  1.573  3.000  ? 517  ? 'X-RAY DIFFRACTION' 
r_scangle_it                 2.346  4.500  ? 457  ? 'X-RAY DIFFRACTION' 
r_rigid_bond_restr           ?      ?      ? ?    ? 'X-RAY DIFFRACTION' 
r_sphericity_free            ?      ?      ? ?    ? 'X-RAY DIFFRACTION' 
r_sphericity_bonded          ?      ?      ? ?    ? 'X-RAY DIFFRACTION' 
# 
_refine_ls_shell.pdbx_refine_id                   'X-RAY DIFFRACTION' 
_refine_ls_shell.pdbx_total_number_of_bins_used   20 
_refine_ls_shell.d_res_high                       1.900 
_refine_ls_shell.d_res_low                        1.950 
_refine_ls_shell.number_reflns_R_work             729 
_refine_ls_shell.R_factor_R_work                  0.230 
_refine_ls_shell.percent_reflns_obs               99.61 
_refine_ls_shell.R_factor_R_free                  0.272 
_refine_ls_shell.R_factor_R_free_error            ? 
_refine_ls_shell.percent_reflns_R_free            ? 
_refine_ls_shell.number_reflns_R_free             39 
_refine_ls_shell.number_reflns_all                ? 
_refine_ls_shell.R_factor_all                     ? 
_refine_ls_shell.number_reflns_obs                ? 
_refine_ls_shell.redundancy_reflns_obs            ? 
# 
_struct.entry_id                  3VZE 
_struct.title                     'Crystal structure of human pancreatic secretory protein ZG16p with alpha1,3-mannobiose' 
_struct.pdbx_model_details        ? 
_struct.pdbx_CASP_flag            ? 
_struct.pdbx_model_type_details   ? 
# 
_struct_keywords.entry_id        3VZE 
_struct_keywords.pdbx_keywords   'SUGAR BINDING PROTEIN' 
_struct_keywords.text            'beta-prism fold, SUGAR BINDING PROTEIN' 
# 
loop_
_struct_asym.id 
_struct_asym.pdbx_blank_PDB_chainid_flag 
_struct_asym.pdbx_modified 
_struct_asym.entity_id 
_struct_asym.details 
A N N 1 ? 
B N N 2 ? 
C N N 3 ? 
D N N 3 ? 
E N N 4 ? 
# 
_struct_biol.id        1 
_struct_biol.details   ? 
# 
_struct_conf.conf_type_id            HELX_P 
_struct_conf.id                      HELX_P1 
_struct_conf.pdbx_PDB_helix_id       1 
_struct_conf.beg_label_comp_id       SER 
_struct_conf.beg_label_asym_id       A 
_struct_conf.beg_label_seq_id        23 
_struct_conf.pdbx_beg_PDB_ins_code   ? 
_struct_conf.end_label_comp_id       GLY 
_struct_conf.end_label_asym_id       A 
_struct_conf.end_label_seq_id        29 
_struct_conf.pdbx_end_PDB_ins_code   ? 
_struct_conf.beg_auth_comp_id        SER 
_struct_conf.beg_auth_asym_id        A 
_struct_conf.beg_auth_seq_id         41 
_struct_conf.end_auth_comp_id        GLY 
_struct_conf.end_auth_asym_id        A 
_struct_conf.end_auth_seq_id         47 
_struct_conf.pdbx_PDB_helix_class    5 
_struct_conf.details                 ? 
_struct_conf.pdbx_PDB_helix_length   7 
# 
_struct_conf_type.id          HELX_P 
_struct_conf_type.criteria    ? 
_struct_conf_type.reference   ? 
# 
_struct_conn.id                            covale1 
_struct_conn.conn_type_id                  covale 
_struct_conn.pdbx_leaving_atom_flag        both 
_struct_conn.pdbx_PDB_id                   ? 
_struct_conn.ptnr1_label_asym_id           B 
_struct_conn.ptnr1_label_comp_id           MAN 
_struct_conn.ptnr1_label_seq_id            . 
_struct_conn.ptnr1_label_atom_id           O3 
_struct_conn.pdbx_ptnr1_label_alt_id       ? 
_struct_conn.pdbx_ptnr1_PDB_ins_code       ? 
_struct_conn.pdbx_ptnr1_standard_comp_id   ? 
_struct_conn.ptnr1_symmetry                1_555 
_struct_conn.ptnr2_label_asym_id           B 
_struct_conn.ptnr2_label_comp_id           MAN 
_struct_conn.ptnr2_label_seq_id            . 
_struct_conn.ptnr2_label_atom_id           C1 
_struct_conn.pdbx_ptnr2_label_alt_id       ? 
_struct_conn.pdbx_ptnr2_PDB_ins_code       ? 
_struct_conn.ptnr1_auth_asym_id            B 
_struct_conn.ptnr1_auth_comp_id            MAN 
_struct_conn.ptnr1_auth_seq_id             1 
_struct_conn.ptnr2_auth_asym_id            B 
_struct_conn.ptnr2_auth_comp_id            MAN 
_struct_conn.ptnr2_auth_seq_id             2 
_struct_conn.ptnr2_symmetry                1_555 
_struct_conn.pdbx_ptnr3_label_atom_id      ? 
_struct_conn.pdbx_ptnr3_label_seq_id       ? 
_struct_conn.pdbx_ptnr3_label_comp_id      ? 
_struct_conn.pdbx_ptnr3_label_asym_id      ? 
_struct_conn.pdbx_ptnr3_label_alt_id       ? 
_struct_conn.pdbx_ptnr3_PDB_ins_code       ? 
_struct_conn.details                       ? 
_struct_conn.pdbx_dist_value               1.342 
_struct_conn.pdbx_value_order              ? 
_struct_conn.pdbx_role                     ? 
# 
_struct_conn_type.id          covale 
_struct_conn_type.criteria    ? 
_struct_conn_type.reference   ? 
# 
_struct_mon_prot_cis.pdbx_id                1 
_struct_mon_prot_cis.label_comp_id          GLY 
_struct_mon_prot_cis.label_seq_id           10 
_struct_mon_prot_cis.label_asym_id          A 
_struct_mon_prot_cis.label_alt_id           . 
_struct_mon_prot_cis.pdbx_PDB_ins_code      ? 
_struct_mon_prot_cis.auth_comp_id           GLY 
_struct_mon_prot_cis.auth_seq_id            28 
_struct_mon_prot_cis.auth_asym_id           A 
_struct_mon_prot_cis.pdbx_label_comp_id_2   GLU 
_struct_mon_prot_cis.pdbx_label_seq_id_2    11 
_struct_mon_prot_cis.pdbx_label_asym_id_2   A 
_struct_mon_prot_cis.pdbx_PDB_ins_code_2    ? 
_struct_mon_prot_cis.pdbx_auth_comp_id_2    GLU 
_struct_mon_prot_cis.pdbx_auth_seq_id_2     29 
_struct_mon_prot_cis.pdbx_auth_asym_id_2    A 
_struct_mon_prot_cis.pdbx_PDB_model_num     1 
_struct_mon_prot_cis.pdbx_omega_angle       -3.57 
# 
loop_
_struct_sheet.id 
_struct_sheet.type 
_struct_sheet.number_strands 
_struct_sheet.details 
A ? 4 ? 
B ? 3 ? 
C ? 4 ? 
D ? 4 ? 
# 
loop_
_struct_sheet_order.sheet_id 
_struct_sheet_order.range_id_1 
_struct_sheet_order.range_id_2 
_struct_sheet_order.offset 
_struct_sheet_order.sense 
A 1 2 ? anti-parallel 
A 2 3 ? anti-parallel 
A 3 4 ? anti-parallel 
B 1 2 ? anti-parallel 
B 2 3 ? anti-parallel 
C 1 2 ? anti-parallel 
C 2 3 ? anti-parallel 
C 3 4 ? anti-parallel 
D 1 2 ? anti-parallel 
D 2 3 ? anti-parallel 
D 3 4 ? anti-parallel 
# 
loop_
_struct_sheet_range.sheet_id 
_struct_sheet_range.id 
_struct_sheet_range.beg_label_comp_id 
_struct_sheet_range.beg_label_asym_id 
_struct_sheet_range.beg_label_seq_id 
_struct_sheet_range.pdbx_beg_PDB_ins_code 
_struct_sheet_range.end_label_comp_id 
_struct_sheet_range.end_label_asym_id 
_struct_sheet_range.end_label_seq_id 
_struct_sheet_range.pdbx_end_PDB_ins_code 
_struct_sheet_range.beg_auth_comp_id 
_struct_sheet_range.beg_auth_asym_id 
_struct_sheet_range.beg_auth_seq_id 
_struct_sheet_range.end_auth_comp_id 
_struct_sheet_range.end_auth_asym_id 
_struct_sheet_range.end_auth_seq_id 
A 1 SER A 7   ? GLY A 13  ? SER A 25  GLY A 31  
A 2 ILE A 132 ? ASP A 140 ? ILE A 150 ASP A 158 
A 3 VAL A 120 ? SER A 128 ? VAL A 138 SER A 146 
A 4 LYS A 18  ? SER A 21  ? LYS A 36  SER A 39  
B 1 VAL A 53  ? TRP A 54  ? VAL A 71  TRP A 72  
B 2 ILE A 43  ? TYR A 50  ? ILE A 61  TYR A 68  
B 3 VAL A 58  ? GLY A 59  ? VAL A 76  GLY A 77  
C 1 VAL A 53  ? TRP A 54  ? VAL A 71  TRP A 72  
C 2 ILE A 43  ? TYR A 50  ? ILE A 61  TYR A 68  
C 3 ILE A 31  ? VAL A 38  ? ILE A 49  VAL A 56  
C 4 ASP A 64  ? PHE A 69  ? ASP A 82  PHE A 87  
D 1 TYR A 99  ? GLY A 103 ? TYR A 117 GLY A 121 
D 2 LEU A 87  ? THR A 94  ? LEU A 105 THR A 112 
D 3 VAL A 76  ? TYR A 83  ? VAL A 94  TYR A 101 
D 4 THR A 108 ? ALA A 112 ? THR A 126 ALA A 130 
# 
loop_
_pdbx_struct_sheet_hbond.sheet_id 
_pdbx_struct_sheet_hbond.range_id_1 
_pdbx_struct_sheet_hbond.range_id_2 
_pdbx_struct_sheet_hbond.range_1_label_atom_id 
_pdbx_struct_sheet_hbond.range_1_label_comp_id 
_pdbx_struct_sheet_hbond.range_1_label_asym_id 
_pdbx_struct_sheet_hbond.range_1_label_seq_id 
_pdbx_struct_sheet_hbond.range_1_PDB_ins_code 
_pdbx_struct_sheet_hbond.range_1_auth_atom_id 
_pdbx_struct_sheet_hbond.range_1_auth_comp_id 
_pdbx_struct_sheet_hbond.range_1_auth_asym_id 
_pdbx_struct_sheet_hbond.range_1_auth_seq_id 
_pdbx_struct_sheet_hbond.range_2_label_atom_id 
_pdbx_struct_sheet_hbond.range_2_label_comp_id 
_pdbx_struct_sheet_hbond.range_2_label_asym_id 
_pdbx_struct_sheet_hbond.range_2_label_seq_id 
_pdbx_struct_sheet_hbond.range_2_PDB_ins_code 
_pdbx_struct_sheet_hbond.range_2_auth_atom_id 
_pdbx_struct_sheet_hbond.range_2_auth_comp_id 
_pdbx_struct_sheet_hbond.range_2_auth_asym_id 
_pdbx_struct_sheet_hbond.range_2_auth_seq_id 
A 1 2 N TYR A 12  ? N TYR A 30  O ILE A 135 ? O ILE A 153 
A 2 3 O ASP A 140 ? O ASP A 158 N VAL A 120 ? N VAL A 138 
A 3 4 O SER A 128 ? O SER A 146 N LYS A 18  ? N LYS A 36  
B 1 2 O VAL A 53  ? O VAL A 71  N TYR A 50  ? N TYR A 68  
B 2 3 N LEU A 46  ? N LEU A 64  O VAL A 58  ? O VAL A 76  
C 1 2 O VAL A 53  ? O VAL A 71  N TYR A 50  ? N TYR A 68  
C 2 3 O GLN A 47  ? O GLN A 65  N ARG A 35  ? N ARG A 53  
C 3 4 N LEU A 34  ? N LEU A 52  O ILE A 68  ? O ILE A 86  
D 1 2 O LEU A 100 ? O LEU A 118 N PHE A 92  ? N PHE A 110 
D 2 3 O LYS A 88  ? O LYS A 106 N LYS A 82  ? N LYS A 100 
D 3 4 N VAL A 79  ? N VAL A 97  O ALA A 112 ? O ALA A 130 
# 
_atom_sites.entry_id                    3VZE 
_atom_sites.fract_transf_matrix[1][1]   0.00640911 
_atom_sites.fract_transf_matrix[1][2]   0.01552940 
_atom_sites.fract_transf_matrix[1][3]   -0.00343230 
_atom_sites.fract_transf_matrix[2][1]   -0.00860362 
_atom_sites.fract_transf_matrix[2][2]   0.00555006 
_atom_sites.fract_transf_matrix[2][3]   0.00904571 
_atom_sites.fract_transf_matrix[3][1]   0.02232604 
_atom_sites.fract_transf_matrix[3][2]   -0.00398096 
_atom_sites.fract_transf_matrix[3][3]   0.02367746 
_atom_sites.fract_transf_vector[1]      0.220801 
_atom_sites.fract_transf_vector[2]      0.236875 
_atom_sites.fract_transf_vector[3]      0.060956 
# 
loop_
_atom_type.symbol 
C  
CL 
N  
O  
# 
loop_
_atom_site.group_PDB 
_atom_site.id 
_atom_site.type_symbol 
_atom_site.label_atom_id 
_atom_site.label_alt_id 
_atom_site.label_comp_id 
_atom_site.label_asym_id 
_atom_site.label_entity_id 
_atom_site.label_seq_id 
_atom_site.pdbx_PDB_ins_code 
_atom_site.Cartn_x 
_atom_site.Cartn_y 
_atom_site.Cartn_z 
_atom_site.occupancy 
_atom_site.B_iso_or_equiv 
_atom_site.pdbx_formal_charge 
_atom_site.auth_seq_id 
_atom_site.auth_comp_id 
_atom_site.auth_asym_id 
_atom_site.auth_atom_id 
_atom_site.pdbx_PDB_model_num 
ATOM   1    N  N   . ARG A 1 4   ? -5.760  -5.493  22.503  1.00 24.84 ? 22  ARG A N   1 
ATOM   2    C  CA  . ARG A 1 4   ? -5.031  -4.829  21.377  1.00 24.29 ? 22  ARG A CA  1 
ATOM   3    C  C   . ARG A 1 4   ? -5.521  -5.314  20.010  1.00 23.15 ? 22  ARG A C   1 
ATOM   4    O  O   . ARG A 1 4   ? -5.676  -6.515  19.768  1.00 23.43 ? 22  ARG A O   1 
ATOM   5    C  CB  . ARG A 1 4   ? -3.520  -5.019  21.509  1.00 24.99 ? 22  ARG A CB  1 
ATOM   6    C  CG  . ARG A 1 4   ? -2.685  -3.979  20.762  1.00 27.32 ? 22  ARG A CG  1 
ATOM   7    C  CD  . ARG A 1 4   ? -2.839  -2.590  21.389  1.00 31.31 ? 22  ARG A CD  1 
ATOM   8    N  NE  . ARG A 1 4   ? -2.667  -1.514  20.413  1.00 34.70 ? 22  ARG A NE  1 
ATOM   9    C  CZ  . ARG A 1 4   ? -3.609  -1.090  19.569  1.00 36.52 ? 22  ARG A CZ  1 
ATOM   10   N  NH1 . ARG A 1 4   ? -3.346  -0.097  18.723  1.00 38.07 ? 22  ARG A NH1 1 
ATOM   11   N  NH2 . ARG A 1 4   ? -4.814  -1.648  19.563  1.00 37.14 ? 22  ARG A NH2 1 
ATOM   12   N  N   . SER A 1 5   ? -5.737  -4.356  19.121  1.00 21.45 ? 23  SER A N   1 
ATOM   13   C  CA  . SER A 1 5   ? -6.383  -4.604  17.849  1.00 20.43 ? 23  SER A CA  1 
ATOM   14   C  C   . SER A 1 5   ? -5.467  -4.370  16.656  1.00 19.12 ? 23  SER A C   1 
ATOM   15   O  O   . SER A 1 5   ? -5.851  -4.649  15.519  1.00 18.77 ? 23  SER A O   1 
ATOM   16   C  CB  . SER A 1 5   ? -7.621  -3.722  17.737  1.00 20.74 ? 23  SER A CB  1 
ATOM   17   O  OG  . SER A 1 5   ? -8.478  -3.940  18.844  1.00 22.17 ? 23  SER A OG  1 
ATOM   18   N  N   . SER A 1 6   ? -4.262  -3.858  16.904  1.00 17.52 ? 24  SER A N   1 
ATOM   19   C  CA  . SER A 1 6   ? -3.320  -3.650  15.805  1.00 16.55 ? 24  SER A CA  1 
ATOM   20   C  C   . SER A 1 6   ? -2.778  -4.980  15.295  1.00 15.35 ? 24  SER A C   1 
ATOM   21   O  O   . SER A 1 6   ? -2.607  -5.938  16.056  1.00 14.95 ? 24  SER A O   1 
ATOM   22   C  CB  . SER A 1 6   ? -2.175  -2.719  16.214  1.00 16.68 ? 24  SER A CB  1 
ATOM   23   O  OG  . SER A 1 6   ? -1.398  -3.301  17.242  1.00 18.33 ? 24  SER A OG  1 
ATOM   24   N  N   . SER A 1 7   ? -2.530  -5.047  13.991  1.00 14.26 ? 25  SER A N   1 
ATOM   25   C  CA  . SER A 1 7   ? -1.829  -6.189  13.424  1.00 13.17 ? 25  SER A CA  1 
ATOM   26   C  C   . SER A 1 7   ? -1.062  -5.751  12.187  1.00 13.00 ? 25  SER A C   1 
ATOM   27   O  O   . SER A 1 7   ? -1.316  -4.687  11.623  1.00 11.94 ? 25  SER A O   1 
ATOM   28   C  CB  . SER A 1 7   ? -2.779  -7.361  13.123  1.00 13.10 ? 25  SER A CB  1 
ATOM   29   O  OG  . SER A 1 7   ? -3.711  -7.050  12.095  1.00 11.84 ? 25  SER A OG  1 
ATOM   30   N  N   . TYR A 1 8   ? -0.114  -6.577  11.782  1.00 13.47 ? 26  TYR A N   1 
ATOM   31   C  CA  . TYR A 1 8   ? 0.778   -6.222  10.700  1.00 14.14 ? 26  TYR A CA  1 
ATOM   32   C  C   . TYR A 1 8   ? 0.916   -7.403  9.755   1.00 14.63 ? 26  TYR A C   1 
ATOM   33   O  O   . TYR A 1 8   ? 1.158   -8.523  10.197  1.00 14.54 ? 26  TYR A O   1 
ATOM   34   C  CB  . TYR A 1 8   ? 2.132   -5.789  11.282  1.00 14.75 ? 26  TYR A CB  1 
ATOM   35   C  CG  . TYR A 1 8   ? 3.272   -5.713  10.291  1.00 15.20 ? 26  TYR A CG  1 
ATOM   36   C  CD1 . TYR A 1 8   ? 4.386   -6.545  10.423  1.00 17.01 ? 26  TYR A CD1 1 
ATOM   37   C  CD2 . TYR A 1 8   ? 3.245   -4.814  9.232   1.00 15.26 ? 26  TYR A CD2 1 
ATOM   38   C  CE1 . TYR A 1 8   ? 5.441   -6.479  9.525   1.00 17.32 ? 26  TYR A CE1 1 
ATOM   39   C  CE2 . TYR A 1 8   ? 4.302   -4.738  8.323   1.00 15.49 ? 26  TYR A CE2 1 
ATOM   40   C  CZ  . TYR A 1 8   ? 5.390   -5.582  8.475   1.00 16.29 ? 26  TYR A CZ  1 
ATOM   41   O  OH  . TYR A 1 8   ? 6.446   -5.519  7.598   1.00 16.48 ? 26  TYR A OH  1 
ATOM   42   N  N   . SER A 1 9   ? 0.747   -7.133  8.459   1.00 15.05 ? 27  SER A N   1 
ATOM   43   C  CA  . SER A 1 9   ? 0.881   -8.129  7.394   1.00 15.80 ? 27  SER A CA  1 
ATOM   44   C  C   . SER A 1 9   ? 2.079   -7.774  6.518   1.00 16.65 ? 27  SER A C   1 
ATOM   45   O  O   . SER A 1 9   ? 2.143   -6.673  5.964   1.00 16.16 ? 27  SER A O   1 
ATOM   46   C  CB  . SER A 1 9   ? -0.384  -8.157  6.524   1.00 15.62 ? 27  SER A CB  1 
ATOM   47   O  OG  . SER A 1 9   ? -1.545  -8.481  7.272   1.00 15.35 ? 27  SER A OG  1 
ATOM   48   N  N   . GLY A 1 10  ? 3.040   -8.693  6.409   1.00 17.53 ? 28  GLY A N   1 
ATOM   49   C  CA  . GLY A 1 10  ? 4.250   -8.446  5.623   1.00 18.39 ? 28  GLY A CA  1 
ATOM   50   C  C   . GLY A 1 10  ? 5.526   -8.937  6.288   1.00 19.44 ? 28  GLY A C   1 
ATOM   51   O  O   . GLY A 1 10  ? 5.464   -9.657  7.287   1.00 19.71 ? 28  GLY A O   1 
ATOM   52   N  N   . GLU A 1 11  ? 6.689   -8.573  5.746   1.00 19.90 ? 29  GLU A N   1 
ATOM   53   C  CA  . GLU A 1 11  ? 6.810   -7.798  4.519   1.00 20.32 ? 29  GLU A CA  1 
ATOM   54   C  C   . GLU A 1 11  ? 6.594   -8.666  3.291   1.00 19.96 ? 29  GLU A C   1 
ATOM   55   O  O   . GLU A 1 11  ? 6.987   -9.833  3.262   1.00 20.05 ? 29  GLU A O   1 
ATOM   56   C  CB  . GLU A 1 11  ? 8.198   -7.174  4.412   1.00 20.97 ? 29  GLU A CB  1 
ATOM   57   C  CG  . GLU A 1 11  ? 8.469   -6.068  5.396   1.00 23.80 ? 29  GLU A CG  1 
ATOM   58   C  CD  . GLU A 1 11  ? 9.578   -5.142  4.944   1.00 27.50 ? 29  GLU A CD  1 
ATOM   59   O  OE1 . GLU A 1 11  ? 9.397   -3.903  5.049   1.00 29.74 ? 29  GLU A OE1 1 
ATOM   60   O  OE2 . GLU A 1 11  ? 10.624  -5.647  4.477   1.00 28.06 ? 29  GLU A OE2 1 
ATOM   61   N  N   . TYR A 1 12  ? 5.977   -8.077  2.273   1.00 19.21 ? 30  TYR A N   1 
ATOM   62   C  CA  . TYR A 1 12  ? 5.818   -8.730  0.991   1.00 18.72 ? 30  TYR A CA  1 
ATOM   63   C  C   . TYR A 1 12  ? 6.782   -8.110  -0.019  1.00 19.41 ? 30  TYR A C   1 
ATOM   64   O  O   . TYR A 1 12  ? 6.625   -6.950  -0.412  1.00 18.41 ? 30  TYR A O   1 
ATOM   65   C  CB  . TYR A 1 12  ? 4.375   -8.608  0.524   1.00 18.21 ? 30  TYR A CB  1 
ATOM   66   C  CG  . TYR A 1 12  ? 3.372   -9.148  1.514   1.00 17.36 ? 30  TYR A CG  1 
ATOM   67   C  CD1 . TYR A 1 12  ? 3.277   -10.516 1.762   1.00 17.36 ? 30  TYR A CD1 1 
ATOM   68   C  CD2 . TYR A 1 12  ? 2.517   -8.289  2.208   1.00 16.58 ? 30  TYR A CD2 1 
ATOM   69   C  CE1 . TYR A 1 12  ? 2.356   -11.022 2.669   1.00 15.88 ? 30  TYR A CE1 1 
ATOM   70   C  CE2 . TYR A 1 12  ? 1.589   -8.780  3.115   1.00 16.18 ? 30  TYR A CE2 1 
ATOM   71   C  CZ  . TYR A 1 12  ? 1.516   -10.148 3.339   1.00 16.49 ? 30  TYR A CZ  1 
ATOM   72   O  OH  . TYR A 1 12  ? 0.596   -10.635 4.225   1.00 17.15 ? 30  TYR A OH  1 
ATOM   73   N  N   . GLY A 1 13  ? 7.783   -8.894  -0.428  1.00 19.76 ? 31  GLY A N   1 
ATOM   74   C  CA  . GLY A 1 13  ? 8.804   -8.425  -1.363  1.00 21.00 ? 31  GLY A CA  1 
ATOM   75   C  C   . GLY A 1 13  ? 10.172  -8.933  -0.962  1.00 21.79 ? 31  GLY A C   1 
ATOM   76   O  O   . GLY A 1 13  ? 10.285  -9.958  -0.292  1.00 21.89 ? 31  GLY A O   1 
ATOM   77   N  N   . SER A 1 14  ? 11.221  -8.229  -1.367  1.00 22.66 ? 32  SER A N   1 
ATOM   78   C  CA  . SER A 1 14  ? 12.571  -8.663  -1.009  1.00 23.79 ? 32  SER A CA  1 
ATOM   79   C  C   . SER A 1 14  ? 13.284  -7.626  -0.149  1.00 23.85 ? 32  SER A C   1 
ATOM   80   O  O   . SER A 1 14  ? 12.671  -6.642  0.268   1.00 24.07 ? 32  SER A O   1 
ATOM   81   C  CB  . SER A 1 14  ? 13.382  -9.047  -2.252  1.00 23.88 ? 32  SER A CB  1 
ATOM   82   O  OG  . SER A 1 14  ? 13.725  -7.905  -3.016  1.00 26.02 ? 32  SER A OG  1 
ATOM   83   N  N   . GLY A 1 15  ? 14.566  -7.857  0.120   1.00 23.96 ? 33  GLY A N   1 
ATOM   84   C  CA  . GLY A 1 15  ? 15.299  -7.088  1.126   1.00 24.10 ? 33  GLY A CA  1 
ATOM   85   C  C   . GLY A 1 15  ? 16.080  -5.880  0.648   1.00 24.06 ? 33  GLY A C   1 
ATOM   86   O  O   . GLY A 1 15  ? 16.826  -5.283  1.424   1.00 24.60 ? 33  GLY A O   1 
ATOM   87   N  N   . GLY A 1 16  ? 15.913  -5.506  -0.619  1.00 23.69 ? 34  GLY A N   1 
ATOM   88   C  CA  . GLY A 1 16  ? 16.609  -4.345  -1.163  1.00 23.23 ? 34  GLY A CA  1 
ATOM   89   C  C   . GLY A 1 16  ? 16.067  -3.017  -0.663  1.00 23.04 ? 34  GLY A C   1 
ATOM   90   O  O   . GLY A 1 16  ? 15.080  -2.967  0.083   1.00 22.90 ? 34  GLY A O   1 
ATOM   91   N  N   . GLY A 1 17  ? 16.726  -1.938  -1.075  1.00 22.53 ? 35  GLY A N   1 
ATOM   92   C  CA  . GLY A 1 17  ? 16.306  -0.586  -0.742  1.00 22.05 ? 35  GLY A CA  1 
ATOM   93   C  C   . GLY A 1 17  ? 16.402  -0.232  0.726   1.00 21.93 ? 35  GLY A C   1 
ATOM   94   O  O   . GLY A 1 17  ? 17.054  -0.930  1.510   1.00 22.25 ? 35  GLY A O   1 
ATOM   95   N  N   . LYS A 1 18  ? 15.741  0.864   1.078   1.00 21.11 ? 36  LYS A N   1 
ATOM   96   C  CA  . LYS A 1 18  ? 15.748  1.439   2.419   1.00 20.49 ? 36  LYS A CA  1 
ATOM   97   C  C   . LYS A 1 18  ? 14.335  1.352   3.004   1.00 19.74 ? 36  LYS A C   1 
ATOM   98   O  O   . LYS A 1 18  ? 13.351  1.617   2.306   1.00 18.69 ? 36  LYS A O   1 
ATOM   99   C  CB  . LYS A 1 18  ? 16.164  2.908   2.321   1.00 20.91 ? 36  LYS A CB  1 
ATOM   100  C  CG  . LYS A 1 18  ? 16.463  3.595   3.640   1.00 23.01 ? 36  LYS A CG  1 
ATOM   101  C  CD  . LYS A 1 18  ? 16.304  5.110   3.522   1.00 26.17 ? 36  LYS A CD  1 
ATOM   102  C  CE  . LYS A 1 18  ? 16.646  5.799   4.838   1.00 27.46 ? 36  LYS A CE  1 
ATOM   103  N  NZ  . LYS A 1 18  ? 16.623  7.276   4.691   1.00 29.01 ? 36  LYS A NZ  1 
ATOM   104  N  N   . ARG A 1 19  ? 14.234  0.991   4.281   1.00 18.96 ? 37  ARG A N   1 
ATOM   105  C  CA  . ARG A 1 19  ? 12.930  0.926   4.947   1.00 18.60 ? 37  ARG A CA  1 
ATOM   106  C  C   . ARG A 1 19  ? 12.225  2.281   5.006   1.00 17.15 ? 37  ARG A C   1 
ATOM   107  O  O   . ARG A 1 19  ? 12.875  3.319   5.151   1.00 17.16 ? 37  ARG A O   1 
ATOM   108  C  CB  . ARG A 1 19  ? 13.055  0.302   6.341   1.00 18.61 ? 37  ARG A CB  1 
ATOM   109  C  CG  . ARG A 1 19  ? 13.237  -1.217  6.292   1.00 20.43 ? 37  ARG A CG  1 
ATOM   110  C  CD  . ARG A 1 19  ? 13.209  -1.848  7.686   1.00 20.23 ? 37  ARG A CD  1 
ATOM   111  N  NE  . ARG A 1 19  ? 14.489  -1.711  8.392   1.00 22.69 ? 37  ARG A NE  1 
ATOM   112  C  CZ  . ARG A 1 19  ? 14.758  -2.258  9.580   1.00 24.17 ? 37  ARG A CZ  1 
ATOM   113  N  NH1 . ARG A 1 19  ? 13.834  -2.977  10.210  1.00 24.37 ? 37  ARG A NH1 1 
ATOM   114  N  NH2 . ARG A 1 19  ? 15.951  -2.081  10.145  1.00 22.48 ? 37  ARG A NH2 1 
ATOM   115  N  N   . PHE A 1 20  ? 10.899  2.262   4.831   1.00 15.80 ? 38  PHE A N   1 
ATOM   116  C  CA  . PHE A 1 20  ? 10.048  3.439   5.047   1.00 14.50 ? 38  PHE A CA  1 
ATOM   117  C  C   . PHE A 1 20  ? 8.832   3.069   5.903   1.00 14.07 ? 38  PHE A C   1 
ATOM   118  O  O   . PHE A 1 20  ? 8.447   1.901   5.977   1.00 13.14 ? 38  PHE A O   1 
ATOM   119  C  CB  . PHE A 1 20  ? 9.609   4.088   3.716   1.00 14.43 ? 38  PHE A CB  1 
ATOM   120  C  CG  . PHE A 1 20  ? 8.549   3.312   2.966   1.00 13.27 ? 38  PHE A CG  1 
ATOM   121  C  CD1 . PHE A 1 20  ? 7.194   3.465   3.278   1.00 13.03 ? 38  PHE A CD1 1 
ATOM   122  C  CD2 . PHE A 1 20  ? 8.902   2.441   1.946   1.00 12.49 ? 38  PHE A CD2 1 
ATOM   123  C  CE1 . PHE A 1 20  ? 6.218   2.751   2.578   1.00 11.43 ? 38  PHE A CE1 1 
ATOM   124  C  CE2 . PHE A 1 20  ? 7.934   1.716   1.240   1.00 11.46 ? 38  PHE A CE2 1 
ATOM   125  C  CZ  . PHE A 1 20  ? 6.595   1.866   1.560   1.00 12.38 ? 38  PHE A CZ  1 
ATOM   126  N  N   . SER A 1 21  ? 8.233   4.060   6.558   1.00 14.06 ? 39  SER A N   1 
ATOM   127  C  CA  . SER A 1 21  ? 7.026   3.816   7.347   1.00 14.39 ? 39  SER A CA  1 
ATOM   128  C  C   . SER A 1 21  ? 6.116   5.036   7.373   1.00 14.52 ? 39  SER A C   1 
ATOM   129  O  O   . SER A 1 21  ? 6.580   6.178   7.405   1.00 14.58 ? 39  SER A O   1 
ATOM   130  C  CB  . SER A 1 21  ? 7.368   3.381   8.771   1.00 14.62 ? 39  SER A CB  1 
ATOM   131  O  OG  . SER A 1 21  ? 6.194   3.335   9.583   1.00 15.64 ? 39  SER A OG  1 
ATOM   132  N  N   . HIS A 1 22  ? 4.813   4.783   7.338   1.00 13.99 ? 40  HIS A N   1 
ATOM   133  C  CA  . HIS A 1 22  ? 3.843   5.851   7.493   1.00 14.06 ? 40  HIS A CA  1 
ATOM   134  C  C   . HIS A 1 22  ? 3.224   5.848   8.890   1.00 14.38 ? 40  HIS A C   1 
ATOM   135  O  O   . HIS A 1 22  ? 2.127   6.378   9.094   1.00 14.54 ? 40  HIS A O   1 
ATOM   136  C  CB  . HIS A 1 22  ? 2.749   5.754   6.424   1.00 13.69 ? 40  HIS A CB  1 
ATOM   137  C  CG  . HIS A 1 22  ? 3.234   6.006   5.029   1.00 12.78 ? 40  HIS A CG  1 
ATOM   138  N  ND1 . HIS A 1 22  ? 2.433   5.817   3.922   1.00 11.09 ? 40  HIS A ND1 1 
ATOM   139  C  CD2 . HIS A 1 22  ? 4.432   6.435   4.559   1.00 12.33 ? 40  HIS A CD2 1 
ATOM   140  C  CE1 . HIS A 1 22  ? 3.115   6.119   2.830   1.00 11.12 ? 40  HIS A CE1 1 
ATOM   141  N  NE2 . HIS A 1 22  ? 4.329   6.498   3.189   1.00 12.15 ? 40  HIS A NE2 1 
ATOM   142  N  N   . SER A 1 23  ? 3.925   5.262   9.853   1.00 15.07 ? 41  SER A N   1 
ATOM   143  C  CA  . SER A 1 23  ? 3.411   5.181   11.220  1.00 16.33 ? 41  SER A CA  1 
ATOM   144  C  C   . SER A 1 23  ? 2.959   6.542   11.755  1.00 16.87 ? 41  SER A C   1 
ATOM   145  O  O   . SER A 1 23  ? 1.854   6.671   12.296  1.00 17.03 ? 41  SER A O   1 
ATOM   146  C  CB  . SER A 1 23  ? 4.437   4.543   12.159  1.00 16.21 ? 41  SER A CB  1 
ATOM   147  O  OG  . SER A 1 23  ? 3.830   4.291   13.411  1.00 18.79 ? 41  SER A OG  1 
ATOM   148  N  N   . GLY A 1 24  ? 3.803   7.556   11.581  1.00 17.51 ? 42  GLY A N   1 
ATOM   149  C  CA  . GLY A 1 24  ? 3.490   8.915   12.041  1.00 18.17 ? 42  GLY A CA  1 
ATOM   150  C  C   . GLY A 1 24  ? 2.293   9.541   11.350  1.00 18.29 ? 42  GLY A C   1 
ATOM   151  O  O   . GLY A 1 24  ? 1.587   10.373  11.937  1.00 18.79 ? 42  GLY A O   1 
ATOM   152  N  N   . ASN A 1 25  ? 2.048   9.119   10.113  1.00 18.24 ? 43  ASN A N   1 
ATOM   153  C  CA  . ASN A 1 25  ? 1.004   9.700   9.267   1.00 18.25 ? 43  ASN A CA  1 
ATOM   154  C  C   . ASN A 1 25  ? -0.445  9.469   9.720   1.00 18.37 ? 43  ASN A C   1 
ATOM   155  O  O   . ASN A 1 25  ? -1.328  10.245  9.357   1.00 17.87 ? 43  ASN A O   1 
ATOM   156  C  CB  . ASN A 1 25  ? 1.164   9.233   7.818   1.00 17.90 ? 43  ASN A CB  1 
ATOM   157  C  CG  . ASN A 1 25  ? 2.483   9.654   7.211   1.00 18.52 ? 43  ASN A CG  1 
ATOM   158  O  OD1 . ASN A 1 25  ? 3.521   9.067   7.491   1.00 18.72 ? 43  ASN A OD1 1 
ATOM   159  N  ND2 . ASN A 1 25  ? 2.448   10.683  6.375   1.00 18.59 ? 43  ASN A ND2 1 
ATOM   160  N  N   . GLN A 1 26  ? -0.699  8.414   10.496  1.00 18.95 ? 44  GLN A N   1 
ATOM   161  C  CA  . GLN A 1 26  ? -2.070  8.137   10.940  1.00 19.68 ? 44  GLN A CA  1 
ATOM   162  C  C   . GLN A 1 26  ? -2.650  9.250   11.833  1.00 19.81 ? 44  GLN A C   1 
ATOM   163  O  O   . GLN A 1 26  ? -3.865  9.360   11.953  1.00 20.18 ? 44  GLN A O   1 
ATOM   164  C  CB  . GLN A 1 26  ? -2.217  6.740   11.568  1.00 20.05 ? 44  GLN A CB  1 
ATOM   165  C  CG  . GLN A 1 26  ? -1.354  6.482   12.786  1.00 20.53 ? 44  GLN A CG  1 
ATOM   166  C  CD  . GLN A 1 26  ? -1.064  5.002   13.017  1.00 21.08 ? 44  GLN A CD  1 
ATOM   167  O  OE1 . GLN A 1 26  ? -1.925  4.134   12.819  1.00 21.62 ? 44  GLN A OE1 1 
ATOM   168  N  NE2 . GLN A 1 26  ? 0.157   4.710   13.451  1.00 20.80 ? 44  GLN A NE2 1 
ATOM   169  N  N   . LEU A 1 27  ? -1.790  10.093  12.407  1.00 19.81 ? 45  LEU A N   1 
ATOM   170  C  CA  . LEU A 1 27  ? -2.255  11.290  13.136  1.00 20.13 ? 45  LEU A CA  1 
ATOM   171  C  C   . LEU A 1 27  ? -2.968  12.302  12.219  1.00 19.72 ? 45  LEU A C   1 
ATOM   172  O  O   . LEU A 1 27  ? -3.799  13.094  12.681  1.00 19.70 ? 45  LEU A O   1 
ATOM   173  C  CB  . LEU A 1 27  ? -1.102  11.991  13.869  1.00 20.57 ? 45  LEU A CB  1 
ATOM   174  C  CG  . LEU A 1 27  ? -0.261  11.272  14.934  1.00 22.39 ? 45  LEU A CG  1 
ATOM   175  C  CD1 . LEU A 1 27  ? 0.873   12.194  15.402  1.00 23.43 ? 45  LEU A CD1 1 
ATOM   176  C  CD2 . LEU A 1 27  ? -1.097  10.794  16.123  1.00 23.81 ? 45  LEU A CD2 1 
ATOM   177  N  N   . ASP A 1 28  ? -2.640  12.272  10.929  1.00 18.47 ? 46  ASP A N   1 
ATOM   178  C  CA  . ASP A 1 28  ? -3.277  13.153  9.945   1.00 18.04 ? 46  ASP A CA  1 
ATOM   179  C  C   . ASP A 1 28  ? -4.709  12.741  9.602   1.00 17.06 ? 46  ASP A C   1 
ATOM   180  O  O   . ASP A 1 28  ? -5.515  13.572  9.179   1.00 16.94 ? 46  ASP A O   1 
ATOM   181  C  CB  . ASP A 1 28  ? -2.423  13.261  8.679   1.00 18.03 ? 46  ASP A CB  1 
ATOM   182  C  CG  . ASP A 1 28  ? -1.075  13.924  8.936   1.00 20.59 ? 46  ASP A CG  1 
ATOM   183  O  OD1 . ASP A 1 28  ? -1.000  14.790  9.839   1.00 21.47 ? 46  ASP A OD1 1 
ATOM   184  O  OD2 . ASP A 1 28  ? -0.090  13.584  8.237   1.00 21.40 ? 46  ASP A OD2 1 
ATOM   185  N  N   . GLY A 1 29  ? -5.016  11.456  9.770   1.00 16.00 ? 47  GLY A N   1 
ATOM   186  C  CA  . GLY A 1 29  ? -6.368  10.958  9.517   1.00 15.04 ? 47  GLY A CA  1 
ATOM   187  C  C   . GLY A 1 29  ? -6.401  9.594   8.855   1.00 14.03 ? 47  GLY A C   1 
ATOM   188  O  O   . GLY A 1 29  ? -5.354  8.975   8.644   1.00 14.10 ? 47  GLY A O   1 
ATOM   189  N  N   . PRO A 1 30  ? -7.610  9.120   8.513   1.00 13.53 ? 48  PRO A N   1 
ATOM   190  C  CA  . PRO A 1 30  ? -7.728  7.843   7.823   1.00 12.85 ? 48  PRO A CA  1 
ATOM   191  C  C   . PRO A 1 30  ? -7.230  7.994   6.389   1.00 12.39 ? 48  PRO A C   1 
ATOM   192  O  O   . PRO A 1 30  ? -7.155  9.119   5.862   1.00 11.96 ? 48  PRO A O   1 
ATOM   193  C  CB  . PRO A 1 30  ? -9.240  7.577   7.833   1.00 13.32 ? 48  PRO A CB  1 
ATOM   194  C  CG  . PRO A 1 30  ? -9.860  8.935   7.888   1.00 13.61 ? 48  PRO A CG  1 
ATOM   195  C  CD  . PRO A 1 30  ? -8.923  9.766   8.719   1.00 13.31 ? 48  PRO A CD  1 
ATOM   196  N  N   . ILE A 1 31  ? -6.889  6.874   5.771   1.00 11.92 ? 49  ILE A N   1 
ATOM   197  C  CA  . ILE A 1 31  ? -6.501  6.857   4.365   1.00 11.77 ? 49  ILE A CA  1 
ATOM   198  C  C   . ILE A 1 31  ? -7.660  7.356   3.494   1.00 11.58 ? 49  ILE A C   1 
ATOM   199  O  O   . ILE A 1 31  ? -8.772  6.835   3.580   1.00 12.06 ? 49  ILE A O   1 
ATOM   200  C  CB  . ILE A 1 31  ? -6.036  5.447   3.934   1.00 11.69 ? 49  ILE A CB  1 
ATOM   201  C  CG1 . ILE A 1 31  ? -4.726  5.092   4.647   1.00 11.51 ? 49  ILE A CG1 1 
ATOM   202  C  CG2 . ILE A 1 31  ? -5.873  5.370   2.409   1.00 12.21 ? 49  ILE A CG2 1 
ATOM   203  C  CD1 . ILE A 1 31  ? -4.309  3.633   4.533   1.00 11.43 ? 49  ILE A CD1 1 
ATOM   204  N  N   . THR A 1 32  ? -7.384  8.359   2.659   1.00 11.16 ? 50  THR A N   1 
ATOM   205  C  CA  . THR A 1 32  ? -8.400  8.935   1.778   1.00 10.99 ? 50  THR A CA  1 
ATOM   206  C  C   . THR A 1 32  ? -8.062  8.816   0.289   1.00 10.67 ? 50  THR A C   1 
ATOM   207  O  O   . THR A 1 32  ? -8.928  9.039   -0.561  1.00 11.03 ? 50  THR A O   1 
ATOM   208  C  CB  . THR A 1 32  ? -8.716  10.416  2.120   1.00 10.96 ? 50  THR A CB  1 
ATOM   209  O  OG1 . THR A 1 32  ? -7.549  11.229  1.917   1.00 11.17 ? 50  THR A OG1 1 
ATOM   210  C  CG2 . THR A 1 32  ? -9.204  10.563  3.583   1.00 11.51 ? 50  THR A CG2 1 
ATOM   211  N  N   . ALA A 1 33  ? -6.811  8.477   -0.027  1.00 10.08 ? 51  ALA A N   1 
ATOM   212  C  CA  . ALA A 1 33  ? -6.386  8.383   -1.426  1.00 9.32  ? 51  ALA A CA  1 
ATOM   213  C  C   . ALA A 1 33  ? -5.080  7.627   -1.595  1.00 8.98  ? 51  ALA A C   1 
ATOM   214  O  O   . ALA A 1 33  ? -4.293  7.492   -0.659  1.00 8.80  ? 51  ALA A O   1 
ATOM   215  C  CB  . ALA A 1 33  ? -6.276  9.768   -2.064  1.00 9.69  ? 51  ALA A CB  1 
ATOM   216  N  N   . LEU A 1 34  ? -4.855  7.147   -2.808  1.00 8.46  ? 52  LEU A N   1 
ATOM   217  C  CA  . LEU A 1 34  ? -3.674  6.353   -3.121  1.00 8.50  ? 52  LEU A CA  1 
ATOM   218  C  C   . LEU A 1 34  ? -3.008  6.872   -4.382  1.00 8.33  ? 52  LEU A C   1 
ATOM   219  O  O   . LEU A 1 34  ? -3.689  7.206   -5.354  1.00 8.01  ? 52  LEU A O   1 
ATOM   220  C  CB  . LEU A 1 34  ? -4.064  4.876   -3.305  1.00 8.68  ? 52  LEU A CB  1 
ATOM   221  C  CG  . LEU A 1 34  ? -4.767  4.216   -2.112  1.00 9.73  ? 52  LEU A CG  1 
ATOM   222  C  CD1 . LEU A 1 34  ? -5.346  2.873   -2.484  1.00 11.21 ? 52  LEU A CD1 1 
ATOM   223  C  CD2 . LEU A 1 34  ? -3.766  4.072   -0.960  1.00 8.66  ? 52  LEU A CD2 1 
ATOM   224  N  N   . ARG A 1 35  ? -1.680  6.962   -4.346  1.00 8.00  ? 53  ARG A N   1 
ATOM   225  C  CA  . ARG A 1 35  ? -0.890  7.230   -5.539  1.00 7.84  ? 53  ARG A CA  1 
ATOM   226  C  C   . ARG A 1 35  ? 0.105   6.103   -5.718  1.00 8.01  ? 53  ARG A C   1 
ATOM   227  O  O   . ARG A 1 35  ? 0.830   5.736   -4.776  1.00 7.97  ? 53  ARG A O   1 
ATOM   228  C  CB  . ARG A 1 35  ? -0.128  8.556   -5.429  1.00 7.79  ? 53  ARG A CB  1 
ATOM   229  C  CG  . ARG A 1 35  ? -0.923  9.773   -5.806  1.00 8.06  ? 53  ARG A CG  1 
ATOM   230  C  CD  . ARG A 1 35  ? -0.086  11.008  -5.561  1.00 7.50  ? 53  ARG A CD  1 
ATOM   231  N  NE  . ARG A 1 35  ? -0.824  12.253  -5.740  1.00 9.55  ? 53  ARG A NE  1 
ATOM   232  C  CZ  . ARG A 1 35  ? -0.394  13.437  -5.308  1.00 8.12  ? 53  ARG A CZ  1 
ATOM   233  N  NH1 . ARG A 1 35  ? 0.774   13.541  -4.670  1.00 7.65  ? 53  ARG A NH1 1 
ATOM   234  N  NH2 . ARG A 1 35  ? -1.139  14.513  -5.505  1.00 8.83  ? 53  ARG A NH2 1 
ATOM   235  N  N   . VAL A 1 36  ? 0.132   5.549   -6.924  1.00 7.86  ? 54  VAL A N   1 
ATOM   236  C  CA  . VAL A 1 36  ? 1.042   4.458   -7.240  1.00 8.46  ? 54  VAL A CA  1 
ATOM   237  C  C   . VAL A 1 36  ? 1.665   4.732   -8.600  1.00 8.78  ? 54  VAL A C   1 
ATOM   238  O  O   . VAL A 1 36  ? 0.951   4.857   -9.592  1.00 8.79  ? 54  VAL A O   1 
ATOM   239  C  CB  . VAL A 1 36  ? 0.329   3.085   -7.253  1.00 8.39  ? 54  VAL A CB  1 
ATOM   240  C  CG1 . VAL A 1 36  ? 1.351   1.961   -7.446  1.00 9.24  ? 54  VAL A CG1 1 
ATOM   241  C  CG2 . VAL A 1 36  ? -0.471  2.868   -5.952  1.00 8.37  ? 54  VAL A CG2 1 
ATOM   242  N  N   . ARG A 1 37  ? 2.988   4.884   -8.618  1.00 8.78  ? 55  ARG A N   1 
ATOM   243  C  CA  . ARG A 1 37  ? 3.714   5.063   -9.869  1.00 9.12  ? 55  ARG A CA  1 
ATOM   244  C  C   . ARG A 1 37  ? 4.081   3.680   -10.393 1.00 9.20  ? 55  ARG A C   1 
ATOM   245  O  O   . ARG A 1 37  ? 4.604   2.852   -9.655  1.00 8.90  ? 55  ARG A O   1 
ATOM   246  C  CB  . ARG A 1 37  ? 4.956   5.938   -9.694  1.00 8.77  ? 55  ARG A CB  1 
ATOM   247  C  CG  . ARG A 1 37  ? 5.643   6.283   -11.025 1.00 9.02  ? 55  ARG A CG  1 
ATOM   248  C  CD  . ARG A 1 37  ? 6.849   7.230   -10.872 1.00 8.82  ? 55  ARG A CD  1 
ATOM   249  N  NE  . ARG A 1 37  ? 6.494   8.481   -10.204 1.00 9.57  ? 55  ARG A NE  1 
ATOM   250  C  CZ  . ARG A 1 37  ? 5.898   9.525   -10.785 1.00 9.36  ? 55  ARG A CZ  1 
ATOM   251  N  NH1 . ARG A 1 37  ? 5.556   9.499   -12.069 1.00 10.51 ? 55  ARG A NH1 1 
ATOM   252  N  NH2 . ARG A 1 37  ? 5.633   10.609  -10.068 1.00 10.64 ? 55  ARG A NH2 1 
ATOM   253  N  N   . VAL A 1 38  ? 3.777   3.432   -11.665 1.00 10.20 ? 56  VAL A N   1 
ATOM   254  C  CA  . VAL A 1 38  ? 3.892   2.091   -12.245 1.00 11.20 ? 56  VAL A CA  1 
ATOM   255  C  C   . VAL A 1 38  ? 4.647   2.132   -13.575 1.00 11.82 ? 56  VAL A C   1 
ATOM   256  O  O   . VAL A 1 38  ? 4.470   3.054   -14.360 1.00 11.36 ? 56  VAL A O   1 
ATOM   257  C  CB  . VAL A 1 38  ? 2.493   1.464   -12.471 1.00 10.91 ? 56  VAL A CB  1 
ATOM   258  C  CG1 . VAL A 1 38  ? 2.602   0.118   -13.168 1.00 13.22 ? 56  VAL A CG1 1 
ATOM   259  C  CG2 . VAL A 1 38  ? 1.749   1.311   -11.136 1.00 11.00 ? 56  VAL A CG2 1 
ATOM   260  N  N   . ASN A 1 39  ? 5.493   1.141   -13.834 1.00 13.07 ? 57  ASN A N   1 
ATOM   261  C  CA  . ASN A 1 39  ? 6.058   1.035   -15.186 1.00 14.16 ? 57  ASN A CA  1 
ATOM   262  C  C   . ASN A 1 39  ? 5.710   -0.292  -15.855 1.00 14.84 ? 57  ASN A C   1 
ATOM   263  O  O   . ASN A 1 39  ? 4.732   -0.935  -15.480 1.00 15.39 ? 57  ASN A O   1 
ATOM   264  C  CB  . ASN A 1 39  ? 7.554   1.372   -15.220 1.00 13.92 ? 57  ASN A CB  1 
ATOM   265  C  CG  . ASN A 1 39  ? 8.411   0.399   -14.438 1.00 15.27 ? 57  ASN A CG  1 
ATOM   266  O  OD1 . ASN A 1 39  ? 8.025   -0.751  -14.185 1.00 17.21 ? 57  ASN A OD1 1 
ATOM   267  N  ND2 . ASN A 1 39  ? 9.603   0.849   -14.067 1.00 16.53 ? 57  ASN A ND2 1 
ATOM   268  N  N   . THR A 1 40  ? 6.501   -0.700  -16.845 1.00 15.80 ? 58  THR A N   1 
ATOM   269  C  CA  . THR A 1 40  ? 6.237   -1.938  -17.594 1.00 16.06 ? 58  THR A CA  1 
ATOM   270  C  C   . THR A 1 40  ? 6.152   -3.186  -16.708 1.00 15.52 ? 58  THR A C   1 
ATOM   271  O  O   . THR A 1 40  ? 5.340   -4.068  -16.968 1.00 15.70 ? 58  THR A O   1 
ATOM   272  C  CB  . THR A 1 40  ? 7.319   -2.152  -18.678 1.00 16.35 ? 58  THR A CB  1 
ATOM   273  O  OG1 . THR A 1 40  ? 7.443   -0.956  -19.454 1.00 18.24 ? 58  THR A OG1 1 
ATOM   274  C  CG2 . THR A 1 40  ? 6.960   -3.321  -19.601 1.00 17.81 ? 58  THR A CG2 1 
ATOM   275  N  N   . TYR A 1 41  ? 6.990   -3.265  -15.676 1.00 14.79 ? 59  TYR A N   1 
ATOM   276  C  CA  . TYR A 1 41  ? 7.086   -4.477  -14.866 1.00 14.81 ? 59  TYR A CA  1 
ATOM   277  C  C   . TYR A 1 41  ? 6.811   -4.300  -13.376 1.00 14.45 ? 59  TYR A C   1 
ATOM   278  O  O   . TYR A 1 41  ? 6.422   -5.259  -12.720 1.00 13.97 ? 59  TYR A O   1 
ATOM   279  C  CB  . TYR A 1 41  ? 8.462   -5.138  -15.031 1.00 15.37 ? 59  TYR A CB  1 
ATOM   280  C  CG  . TYR A 1 41  ? 8.753   -5.613  -16.435 1.00 15.88 ? 59  TYR A CG  1 
ATOM   281  C  CD1 . TYR A 1 41  ? 7.981   -6.613  -17.032 1.00 16.18 ? 59  TYR A CD1 1 
ATOM   282  C  CD2 . TYR A 1 41  ? 9.793   -5.057  -17.173 1.00 17.34 ? 59  TYR A CD2 1 
ATOM   283  C  CE1 . TYR A 1 41  ? 8.236   -7.042  -18.331 1.00 16.63 ? 59  TYR A CE1 1 
ATOM   284  C  CE2 . TYR A 1 41  ? 10.063  -5.487  -18.464 1.00 17.84 ? 59  TYR A CE2 1 
ATOM   285  C  CZ  . TYR A 1 41  ? 9.284   -6.480  -19.037 1.00 17.50 ? 59  TYR A CZ  1 
ATOM   286  O  OH  . TYR A 1 41  ? 9.557   -6.900  -20.329 1.00 19.18 ? 59  TYR A OH  1 
ATOM   287  N  N   . TYR A 1 42  ? 7.031   -3.096  -12.847 1.00 13.59 ? 60  TYR A N   1 
ATOM   288  C  CA  . TYR A 1 42  ? 7.060   -2.901  -11.397 1.00 13.37 ? 60  TYR A CA  1 
ATOM   289  C  C   . TYR A 1 42  ? 6.193   -1.772  -10.872 1.00 12.20 ? 60  TYR A C   1 
ATOM   290  O  O   . TYR A 1 42  ? 5.801   -0.867  -11.606 1.00 11.60 ? 60  TYR A O   1 
ATOM   291  C  CB  . TYR A 1 42  ? 8.483   -2.601  -10.925 1.00 14.32 ? 60  TYR A CB  1 
ATOM   292  C  CG  . TYR A 1 42  ? 9.510   -3.614  -11.320 1.00 16.36 ? 60  TYR A CG  1 
ATOM   293  C  CD1 . TYR A 1 42  ? 9.453   -4.911  -10.835 1.00 18.10 ? 60  TYR A CD1 1 
ATOM   294  C  CD2 . TYR A 1 42  ? 10.555  -3.267  -12.175 1.00 17.99 ? 60  TYR A CD2 1 
ATOM   295  C  CE1 . TYR A 1 42  ? 10.402  -5.846  -11.200 1.00 20.21 ? 60  TYR A CE1 1 
ATOM   296  C  CE2 . TYR A 1 42  ? 11.514  -4.194  -12.544 1.00 19.99 ? 60  TYR A CE2 1 
ATOM   297  C  CZ  . TYR A 1 42  ? 11.431  -5.484  -12.054 1.00 19.14 ? 60  TYR A CZ  1 
ATOM   298  O  OH  . TYR A 1 42  ? 12.386  -6.413  -12.409 1.00 19.60 ? 60  TYR A OH  1 
ATOM   299  N  N   . ILE A 1 43  ? 5.942   -1.836  -9.569  1.00 11.20 ? 61  ILE A N   1 
ATOM   300  C  CA  . ILE A 1 43  ? 5.493   -0.677  -8.812  1.00 10.41 ? 61  ILE A CA  1 
ATOM   301  C  C   . ILE A 1 43  ? 6.740   0.118   -8.429  1.00 9.62  ? 61  ILE A C   1 
ATOM   302  O  O   . ILE A 1 43  ? 7.636   -0.379  -7.735  1.00 9.47  ? 61  ILE A O   1 
ATOM   303  C  CB  . ILE A 1 43  ? 4.616   -1.067  -7.612  1.00 10.69 ? 61  ILE A CB  1 
ATOM   304  C  CG1 . ILE A 1 43  ? 3.250   -1.536  -8.141  1.00 11.93 ? 61  ILE A CG1 1 
ATOM   305  C  CG2 . ILE A 1 43  ? 4.435   0.136   -6.665  1.00 9.38  ? 61  ILE A CG2 1 
ATOM   306  C  CD1 . ILE A 1 43  ? 2.390   -2.244  -7.139  1.00 13.72 ? 61  ILE A CD1 1 
ATOM   307  N  N   . VAL A 1 44  ? 6.787   1.343   -8.939  1.00 8.84  ? 62  VAL A N   1 
ATOM   308  C  CA  . VAL A 1 44  ? 7.961   2.210   -8.886  1.00 8.83  ? 62  VAL A CA  1 
ATOM   309  C  C   . VAL A 1 44  ? 7.930   3.074   -7.624  1.00 8.77  ? 62  VAL A C   1 
ATOM   310  O  O   . VAL A 1 44  ? 8.964   3.286   -6.984  1.00 9.10  ? 62  VAL A O   1 
ATOM   311  C  CB  . VAL A 1 44  ? 8.012   3.115   -10.156 1.00 8.40  ? 62  VAL A CB  1 
ATOM   312  C  CG1 . VAL A 1 44  ? 9.139   4.149   -10.085 1.00 8.54  ? 62  VAL A CG1 1 
ATOM   313  C  CG2 . VAL A 1 44  ? 8.137   2.257   -11.418 1.00 9.99  ? 62  VAL A CG2 1 
ATOM   314  N  N   . GLY A 1 45  ? 6.745   3.576   -7.281  1.00 8.55  ? 63  GLY A N   1 
ATOM   315  C  CA  . GLY A 1 45  ? 6.598   4.469   -6.135  1.00 7.92  ? 63  GLY A CA  1 
ATOM   316  C  C   . GLY A 1 45  ? 5.204   4.461   -5.531  1.00 8.16  ? 63  GLY A C   1 
ATOM   317  O  O   . GLY A 1 45  ? 4.260   3.951   -6.130  1.00 8.36  ? 63  GLY A O   1 
ATOM   318  N  N   . LEU A 1 46  ? 5.094   5.048   -4.341  1.00 8.75  ? 64  LEU A N   1 
ATOM   319  C  CA  . LEU A 1 46  ? 3.878   5.019   -3.547  1.00 8.66  ? 64  LEU A CA  1 
ATOM   320  C  C   . LEU A 1 46  ? 3.721   6.311   -2.759  1.00 8.38  ? 64  LEU A C   1 
ATOM   321  O  O   . LEU A 1 46  ? 4.684   6.849   -2.191  1.00 8.58  ? 64  LEU A O   1 
ATOM   322  C  CB  . LEU A 1 46  ? 3.923   3.849   -2.540  1.00 8.65  ? 64  LEU A CB  1 
ATOM   323  C  CG  . LEU A 1 46  ? 3.753   2.402   -3.002  1.00 9.77  ? 64  LEU A CG  1 
ATOM   324  C  CD1 . LEU A 1 46  ? 4.120   1.446   -1.882  1.00 9.67  ? 64  LEU A CD1 1 
ATOM   325  C  CD2 . LEU A 1 46  ? 2.315   2.157   -3.485  1.00 11.32 ? 64  LEU A CD2 1 
ATOM   326  N  N   . GLN A 1 47  ? 2.489   6.783   -2.691  1.00 8.13  ? 65  GLN A N   1 
ATOM   327  C  CA  . GLN A 1 47  ? 2.141   7.878   -1.816  1.00 8.32  ? 65  GLN A CA  1 
ATOM   328  C  C   . GLN A 1 47  ? 0.735   7.593   -1.312  1.00 8.32  ? 65  GLN A C   1 
ATOM   329  O  O   . GLN A 1 47  ? -0.100  7.081   -2.063  1.00 7.58  ? 65  GLN A O   1 
ATOM   330  C  CB  . GLN A 1 47  ? 2.156   9.184   -2.598  1.00 8.90  ? 65  GLN A CB  1 
ATOM   331  C  CG  . GLN A 1 47  ? 2.777   10.338  -1.871  1.00 10.57 ? 65  GLN A CG  1 
ATOM   332  C  CD  . GLN A 1 47  ? 2.938   11.565  -2.752  1.00 10.97 ? 65  GLN A CD  1 
ATOM   333  O  OE1 . GLN A 1 47  ? 2.772   11.506  -3.975  1.00 12.63 ? 65  GLN A OE1 1 
ATOM   334  N  NE2 . GLN A 1 47  ? 3.265   12.684  -2.133  1.00 12.55 ? 65  GLN A NE2 1 
ATOM   335  N  N   . VAL A 1 48  ? 0.481   7.904   -0.043  1.00 8.05  ? 66  VAL A N   1 
ATOM   336  C  CA  . VAL A 1 48  ? -0.840  7.668   0.554   1.00 7.85  ? 66  VAL A CA  1 
ATOM   337  C  C   . VAL A 1 48  ? -1.317  8.960   1.203   1.00 8.31  ? 66  VAL A C   1 
ATOM   338  O  O   . VAL A 1 48  ? -0.526  9.675   1.831   1.00 7.84  ? 66  VAL A O   1 
ATOM   339  C  CB  . VAL A 1 48  ? -0.805  6.500   1.580   1.00 8.03  ? 66  VAL A CB  1 
ATOM   340  C  CG1 . VAL A 1 48  ? -2.171  6.298   2.250   1.00 6.09  ? 66  VAL A CG1 1 
ATOM   341  C  CG2 . VAL A 1 48  ? -0.335  5.198   0.907   1.00 7.75  ? 66  VAL A CG2 1 
ATOM   342  N  N   . ARG A 1 49  ? -2.602  9.264   1.037   1.00 8.49  ? 67  ARG A N   1 
ATOM   343  C  CA  . ARG A 1 49  ? -3.178  10.468  1.627   1.00 9.36  ? 67  ARG A CA  1 
ATOM   344  C  C   . ARG A 1 49  ? -3.839  10.082  2.946   1.00 9.70  ? 67  ARG A C   1 
ATOM   345  O  O   . ARG A 1 49  ? -4.734  9.235   2.966   1.00 9.50  ? 67  ARG A O   1 
ATOM   346  C  CB  . ARG A 1 49  ? -4.186  11.099  0.658   1.00 9.09  ? 67  ARG A CB  1 
ATOM   347  C  CG  . ARG A 1 49  ? -4.545  12.551  0.931   1.00 10.90 ? 67  ARG A CG  1 
ATOM   348  C  CD  . ARG A 1 49  ? -5.363  13.106  -0.226  1.00 11.94 ? 67  ARG A CD  1 
ATOM   349  N  NE  . ARG A 1 49  ? -5.795  14.490  -0.029  1.00 15.24 ? 67  ARG A NE  1 
ATOM   350  C  CZ  . ARG A 1 49  ? -7.028  14.858  0.325   1.00 16.63 ? 67  ARG A CZ  1 
ATOM   351  N  NH1 . ARG A 1 49  ? -7.973  13.948  0.535   1.00 16.61 ? 67  ARG A NH1 1 
ATOM   352  N  NH2 . ARG A 1 49  ? -7.320  16.143  0.462   1.00 15.80 ? 67  ARG A NH2 1 
ATOM   353  N  N   . TYR A 1 50  ? -3.367  10.683  4.040   1.00 10.15 ? 68  TYR A N   1 
ATOM   354  C  CA  . TYR A 1 50  ? -3.916  10.438  5.374   1.00 10.75 ? 68  TYR A CA  1 
ATOM   355  C  C   . TYR A 1 50  ? -4.713  11.664  5.771   1.00 11.45 ? 68  TYR A C   1 
ATOM   356  O  O   . TYR A 1 50  ? -4.156  12.757  5.881   1.00 11.72 ? 68  TYR A O   1 
ATOM   357  C  CB  . TYR A 1 50  ? -2.795  10.149  6.377   1.00 10.40 ? 68  TYR A CB  1 
ATOM   358  C  CG  . TYR A 1 50  ? -2.028  8.897   6.027   1.00 10.33 ? 68  TYR A CG  1 
ATOM   359  C  CD1 . TYR A 1 50  ? -2.416  7.662   6.538   1.00 11.22 ? 68  TYR A CD1 1 
ATOM   360  C  CD2 . TYR A 1 50  ? -0.935  8.941   5.156   1.00 10.24 ? 68  TYR A CD2 1 
ATOM   361  C  CE1 . TYR A 1 50  ? -1.730  6.502   6.212   1.00 10.23 ? 68  TYR A CE1 1 
ATOM   362  C  CE2 . TYR A 1 50  ? -0.240  7.785   4.819   1.00 9.67  ? 68  TYR A CE2 1 
ATOM   363  C  CZ  . TYR A 1 50  ? -0.648  6.570   5.350   1.00 9.96  ? 68  TYR A CZ  1 
ATOM   364  O  OH  . TYR A 1 50  ? 0.005   5.412   5.028   1.00 7.66  ? 68  TYR A OH  1 
ATOM   365  N  N   . GLY A 1 51  ? -6.024  11.499  5.943   1.00 11.63 ? 69  GLY A N   1 
ATOM   366  C  CA  . GLY A 1 51  ? -6.901  12.666  6.054   1.00 11.91 ? 69  GLY A CA  1 
ATOM   367  C  C   . GLY A 1 51  ? -6.659  13.529  4.827   1.00 12.58 ? 69  GLY A C   1 
ATOM   368  O  O   . GLY A 1 51  ? -6.751  13.049  3.699   1.00 12.28 ? 69  GLY A O   1 
ATOM   369  N  N   . LYS A 1 52  ? -6.330  14.799  5.033   1.00 12.83 ? 70  LYS A N   1 
ATOM   370  C  CA  . LYS A 1 52  ? -6.122  15.697  3.902   1.00 13.92 ? 70  LYS A CA  1 
ATOM   371  C  C   . LYS A 1 52  ? -4.652  15.846  3.498   1.00 13.09 ? 70  LYS A C   1 
ATOM   372  O  O   . LYS A 1 52  ? -4.328  16.705  2.690   1.00 13.22 ? 70  LYS A O   1 
ATOM   373  C  CB  . LYS A 1 52  ? -6.758  17.071  4.174   1.00 14.49 ? 70  LYS A CB  1 
ATOM   374  C  CG  . LYS A 1 52  ? -8.219  17.004  4.596   1.00 15.59 ? 70  LYS A CG  1 
ATOM   375  C  CD  . LYS A 1 52  ? -8.915  18.364  4.498   1.00 16.22 ? 70  LYS A CD  1 
ATOM   376  C  CE  . LYS A 1 52  ? -10.332 18.279  5.030   1.00 20.41 ? 70  LYS A CE  1 
ATOM   377  N  NZ  . LYS A 1 52  ? -11.183 17.389  4.187   1.00 24.39 ? 70  LYS A NZ  1 
ATOM   378  N  N   . VAL A 1 53  ? -3.774  14.995  4.033   1.00 12.40 ? 71  VAL A N   1 
ATOM   379  C  CA  . VAL A 1 53  ? -2.329  15.191  3.879   1.00 11.94 ? 71  VAL A CA  1 
ATOM   380  C  C   . VAL A 1 53  ? -1.607  14.006  3.230   1.00 11.50 ? 71  VAL A C   1 
ATOM   381  O  O   . VAL A 1 53  ? -1.606  12.895  3.762   1.00 11.59 ? 71  VAL A O   1 
ATOM   382  C  CB  . VAL A 1 53  ? -1.642  15.532  5.234   1.00 11.94 ? 71  VAL A CB  1 
ATOM   383  C  CG1 . VAL A 1 53  ? -0.201  15.978  5.001   1.00 12.12 ? 71  VAL A CG1 1 
ATOM   384  C  CG2 . VAL A 1 53  ? -2.428  16.603  6.007   1.00 11.86 ? 71  VAL A CG2 1 
ATOM   385  N  N   . TRP A 1 54  ? -0.975  14.263  2.090   1.00 11.23 ? 72  TRP A N   1 
ATOM   386  C  CA  . TRP A 1 54  ? -0.201  13.240  1.381   1.00 10.51 ? 72  TRP A CA  1 
ATOM   387  C  C   . TRP A 1 54  ? 1.111   12.945  2.100   1.00 11.12 ? 72  TRP A C   1 
ATOM   388  O  O   . TRP A 1 54  ? 1.830   13.873  2.506   1.00 11.35 ? 72  TRP A O   1 
ATOM   389  C  CB  . TRP A 1 54  ? 0.126   13.711  -0.035  1.00 9.86  ? 72  TRP A CB  1 
ATOM   390  C  CG  . TRP A 1 54  ? -1.014  13.628  -1.006  1.00 8.99  ? 72  TRP A CG  1 
ATOM   391  C  CD1 . TRP A 1 54  ? -1.765  14.663  -1.484  1.00 7.83  ? 72  TRP A CD1 1 
ATOM   392  C  CD2 . TRP A 1 54  ? -1.525  12.443  -1.618  1.00 8.75  ? 72  TRP A CD2 1 
ATOM   393  N  NE1 . TRP A 1 54  ? -2.717  14.195  -2.367  1.00 8.32  ? 72  TRP A NE1 1 
ATOM   394  C  CE2 . TRP A 1 54  ? -2.585  12.834  -2.469  1.00 8.05  ? 72  TRP A CE2 1 
ATOM   395  C  CE3 . TRP A 1 54  ? -1.185  11.084  -1.540  1.00 7.47  ? 72  TRP A CE3 1 
ATOM   396  C  CZ2 . TRP A 1 54  ? -3.315  11.914  -3.228  1.00 8.45  ? 72  TRP A CZ2 1 
ATOM   397  C  CZ3 . TRP A 1 54  ? -1.907  10.173  -2.297  1.00 8.15  ? 72  TRP A CZ3 1 
ATOM   398  C  CH2 . TRP A 1 54  ? -2.970  10.591  -3.119  1.00 7.75  ? 72  TRP A CH2 1 
ATOM   399  N  N   . SER A 1 55  ? 1.443   11.664  2.228   1.00 10.77 ? 73  SER A N   1 
ATOM   400  C  CA  . SER A 1 55  ? 2.750   11.259  2.751   1.00 11.19 ? 73  SER A CA  1 
ATOM   401  C  C   . SER A 1 55  ? 3.876   11.747  1.830   1.00 11.59 ? 73  SER A C   1 
ATOM   402  O  O   . SER A 1 55  ? 3.615   12.163  0.706   1.00 11.30 ? 73  SER A O   1 
ATOM   403  C  CB  . SER A 1 55  ? 2.812   9.739   2.868   1.00 11.31 ? 73  SER A CB  1 
ATOM   404  O  OG  . SER A 1 55  ? 2.682   9.141   1.589   1.00 9.09  ? 73  SER A OG  1 
ATOM   405  N  N   . ASP A 1 56  ? 5.118   11.696  2.308   1.00 12.26 ? 74  ASP A N   1 
ATOM   406  C  CA  . ASP A 1 56  ? 6.276   11.978  1.457   1.00 13.47 ? 74  ASP A CA  1 
ATOM   407  C  C   . ASP A 1 56  ? 6.439   10.841  0.454   1.00 13.05 ? 74  ASP A C   1 
ATOM   408  O  O   . ASP A 1 56  ? 6.367   9.666   0.808   1.00 13.34 ? 74  ASP A O   1 
ATOM   409  C  CB  . ASP A 1 56  ? 7.549   12.135  2.296   1.00 14.05 ? 74  ASP A CB  1 
ATOM   410  C  CG  . ASP A 1 56  ? 8.698   12.806  1.533   1.00 17.47 ? 74  ASP A CG  1 
ATOM   411  O  OD1 . ASP A 1 56  ? 8.544   13.192  0.339   1.00 20.21 ? 74  ASP A OD1 1 
ATOM   412  O  OD2 . ASP A 1 56  ? 9.779   12.953  2.154   1.00 20.28 ? 74  ASP A OD2 1 
ATOM   413  N  N   . TYR A 1 57  ? 6.645   11.200  -0.806  1.00 12.95 ? 75  TYR A N   1 
ATOM   414  C  CA  . TYR A 1 57  ? 6.717   10.210  -1.870  1.00 12.80 ? 75  TYR A CA  1 
ATOM   415  C  C   . TYR A 1 57  ? 7.901   9.272   -1.639  1.00 12.56 ? 75  TYR A C   1 
ATOM   416  O  O   . TYR A 1 57  ? 8.994   9.722   -1.320  1.00 12.31 ? 75  TYR A O   1 
ATOM   417  C  CB  . TYR A 1 57  ? 6.829   10.913  -3.227  1.00 12.80 ? 75  TYR A CB  1 
ATOM   418  C  CG  . TYR A 1 57  ? 6.954   9.975   -4.403  1.00 13.34 ? 75  TYR A CG  1 
ATOM   419  C  CD1 . TYR A 1 57  ? 5.826   9.604   -5.139  1.00 13.03 ? 75  TYR A CD1 1 
ATOM   420  C  CD2 . TYR A 1 57  ? 8.201   9.465   -4.790  1.00 13.05 ? 75  TYR A CD2 1 
ATOM   421  C  CE1 . TYR A 1 57  ? 5.930   8.744   -6.224  1.00 12.01 ? 75  TYR A CE1 1 
ATOM   422  C  CE2 . TYR A 1 57  ? 8.314   8.601   -5.876  1.00 13.13 ? 75  TYR A CE2 1 
ATOM   423  C  CZ  . TYR A 1 57  ? 7.170   8.256   -6.586  1.00 12.17 ? 75  TYR A CZ  1 
ATOM   424  O  OH  . TYR A 1 57  ? 7.257   7.405   -7.655  1.00 13.18 ? 75  TYR A OH  1 
ATOM   425  N  N   . VAL A 1 58  ? 7.665   7.971   -1.782  1.00 12.43 ? 76  VAL A N   1 
ATOM   426  C  CA  . VAL A 1 58  ? 8.736   6.981   -1.682  1.00 12.16 ? 76  VAL A CA  1 
ATOM   427  C  C   . VAL A 1 58  ? 8.842   6.201   -2.987  1.00 12.22 ? 76  VAL A C   1 
ATOM   428  O  O   . VAL A 1 58  ? 7.839   5.943   -3.649  1.00 11.96 ? 76  VAL A O   1 
ATOM   429  C  CB  . VAL A 1 58  ? 8.559   6.015   -0.471  1.00 12.63 ? 76  VAL A CB  1 
ATOM   430  C  CG1 . VAL A 1 58  ? 8.677   6.786   0.874   1.00 12.50 ? 76  VAL A CG1 1 
ATOM   431  C  CG2 . VAL A 1 58  ? 7.243   5.224   -0.559  1.00 11.94 ? 76  VAL A CG2 1 
ATOM   432  N  N   . GLY A 1 59  ? 10.066  5.835   -3.349  1.00 12.10 ? 77  GLY A N   1 
ATOM   433  C  CA  . GLY A 1 59  ? 10.304  5.117   -4.588  1.00 12.12 ? 77  GLY A CA  1 
ATOM   434  C  C   . GLY A 1 59  ? 10.960  5.985   -5.636  1.00 11.91 ? 77  GLY A C   1 
ATOM   435  O  O   . GLY A 1 59  ? 11.495  7.049   -5.337  1.00 11.54 ? 77  GLY A O   1 
ATOM   436  N  N   . GLY A 1 60  ? 10.907  5.520   -6.878  1.00 12.17 ? 78  GLY A N   1 
ATOM   437  C  CA  . GLY A 1 60  ? 11.660  6.131   -7.946  1.00 12.59 ? 78  GLY A CA  1 
ATOM   438  C  C   . GLY A 1 60  ? 10.791  6.943   -8.868  1.00 12.75 ? 78  GLY A C   1 
ATOM   439  O  O   . GLY A 1 60  ? 9.619   7.193   -8.574  1.00 12.60 ? 78  GLY A O   1 
ATOM   440  N  N   . ARG A 1 61  ? 11.367  7.327   -10.002 1.00 12.89 ? 79  ARG A N   1 
ATOM   441  C  CA  . ARG A 1 61  ? 10.714  8.264   -10.917 1.00 13.97 ? 79  ARG A CA  1 
ATOM   442  C  C   . ARG A 1 61  ? 10.402  7.689   -12.301 1.00 12.72 ? 79  ARG A C   1 
ATOM   443  O  O   . ARG A 1 61  ? 9.729   8.335   -13.104 1.00 12.72 ? 79  ARG A O   1 
ATOM   444  C  CB  . ARG A 1 61  ? 11.550  9.546   -11.037 1.00 14.33 ? 79  ARG A CB  1 
ATOM   445  C  CG  . ARG A 1 61  ? 11.916  10.174  -9.677  1.00 15.95 ? 79  ARG A CG  1 
ATOM   446  C  CD  . ARG A 1 61  ? 12.515  11.568  -9.806  1.00 16.64 ? 79  ARG A CD  1 
ATOM   447  N  NE  . ARG A 1 61  ? 13.751  11.596  -10.583 1.00 21.87 ? 79  ARG A NE  1 
ATOM   448  C  CZ  . ARG A 1 61  ? 13.932  12.282  -11.711 1.00 25.05 ? 79  ARG A CZ  1 
ATOM   449  N  NH1 . ARG A 1 61  ? 12.959  13.021  -12.226 1.00 26.31 ? 79  ARG A NH1 1 
ATOM   450  N  NH2 . ARG A 1 61  ? 15.102  12.225  -12.331 1.00 27.38 ? 79  ARG A NH2 1 
ATOM   451  N  N   . ASN A 1 62  ? 10.876  6.476   -12.574 1.00 12.15 ? 80  ASN A N   1 
ATOM   452  C  CA  . ASN A 1 62  ? 10.758  5.882   -13.899 1.00 11.84 ? 80  ASN A CA  1 
ATOM   453  C  C   . ASN A 1 62  ? 9.440   5.125   -14.067 1.00 11.72 ? 80  ASN A C   1 
ATOM   454  O  O   . ASN A 1 62  ? 9.430   3.911   -14.225 1.00 11.65 ? 80  ASN A O   1 
ATOM   455  C  CB  . ASN A 1 62  ? 11.982  4.990   -14.189 1.00 11.84 ? 80  ASN A CB  1 
ATOM   456  C  CG  . ASN A 1 62  ? 12.009  4.450   -15.609 1.00 12.65 ? 80  ASN A CG  1 
ATOM   457  O  OD1 . ASN A 1 62  ? 11.465  5.055   -16.534 1.00 12.46 ? 80  ASN A OD1 1 
ATOM   458  N  ND2 . ASN A 1 62  ? 12.657  3.296   -15.788 1.00 14.67 ? 80  ASN A ND2 1 
ATOM   459  N  N   . GLY A 1 63  ? 8.326   5.853   -14.002 1.00 11.33 ? 81  GLY A N   1 
ATOM   460  C  CA  . GLY A 1 63  ? 7.013   5.267   -14.257 1.00 11.50 ? 81  GLY A CA  1 
ATOM   461  C  C   . GLY A 1 63  ? 5.909   6.301   -14.355 1.00 12.06 ? 81  GLY A C   1 
ATOM   462  O  O   . GLY A 1 63  ? 6.146   7.493   -14.135 1.00 11.78 ? 81  GLY A O   1 
ATOM   463  N  N   . ASP A 1 64  ? 4.700   5.847   -14.682 1.00 12.28 ? 82  ASP A N   1 
ATOM   464  C  CA  . ASP A 1 64  ? 3.538   6.746   -14.788 1.00 13.03 ? 82  ASP A CA  1 
ATOM   465  C  C   . ASP A 1 64  ? 2.724   6.751   -13.504 1.00 12.83 ? 82  ASP A C   1 
ATOM   466  O  O   . ASP A 1 64  ? 2.509   5.703   -12.894 1.00 12.22 ? 82  ASP A O   1 
ATOM   467  C  CB  . ASP A 1 64  ? 2.652   6.348   -15.956 1.00 13.52 ? 82  ASP A CB  1 
ATOM   468  C  CG  . ASP A 1 64  ? 3.197   6.840   -17.293 1.00 17.17 ? 82  ASP A CG  1 
ATOM   469  O  OD1 . ASP A 1 64  ? 2.967   8.025   -17.647 1.00 20.88 ? 82  ASP A OD1 1 
ATOM   470  O  OD2 . ASP A 1 64  ? 3.851   6.040   -17.993 1.00 21.08 ? 82  ASP A OD2 1 
ATOM   471  N  N   . LEU A 1 65  ? 2.278   7.937   -13.100 1.00 13.08 ? 83  LEU A N   1 
ATOM   472  C  CA  . LEU A 1 65  ? 1.561   8.077   -11.841 1.00 13.70 ? 83  LEU A CA  1 
ATOM   473  C  C   . LEU A 1 65  ? 0.085   7.749   -12.015 1.00 14.01 ? 83  LEU A C   1 
ATOM   474  O  O   . LEU A 1 65  ? -0.590  8.296   -12.897 1.00 14.38 ? 83  LEU A O   1 
ATOM   475  C  CB  . LEU A 1 65  ? 1.743   9.480   -11.249 1.00 14.02 ? 83  LEU A CB  1 
ATOM   476  C  CG  . LEU A 1 65  ? 1.293   9.626   -9.794  1.00 14.83 ? 83  LEU A CG  1 
ATOM   477  C  CD1 . LEU A 1 65  ? 2.456   9.318   -8.839  1.00 15.95 ? 83  LEU A CD1 1 
ATOM   478  C  CD2 . LEU A 1 65  ? 0.730   11.018  -9.546  1.00 16.85 ? 83  LEU A CD2 1 
ATOM   479  N  N   . GLU A 1 66  ? -0.390  6.829   -11.179 1.00 13.59 ? 84  GLU A N   1 
ATOM   480  C  CA  . GLU A 1 66  ? -1.798  6.471   -11.103 1.00 14.10 ? 84  GLU A CA  1 
ATOM   481  C  C   . GLU A 1 66  ? -2.334  6.915   -9.747  1.00 14.18 ? 84  GLU A C   1 
ATOM   482  O  O   . GLU A 1 66  ? -1.614  6.910   -8.748  1.00 13.31 ? 84  GLU A O   1 
ATOM   483  C  CB  . GLU A 1 66  ? -1.976  4.972   -11.342 1.00 14.07 ? 84  GLU A CB  1 
ATOM   484  C  CG  . GLU A 1 66  ? -1.390  4.543   -12.693 1.00 15.66 ? 84  GLU A CG  1 
ATOM   485  C  CD  . GLU A 1 66  ? -1.437  3.055   -12.944 1.00 18.47 ? 84  GLU A CD  1 
ATOM   486  O  OE1 . GLU A 1 66  ? -2.025  2.310   -12.129 1.00 20.39 ? 84  GLU A OE1 1 
ATOM   487  O  OE2 . GLU A 1 66  ? -0.875  2.628   -13.978 1.00 20.52 ? 84  GLU A OE2 1 
ATOM   488  N  N   . GLU A 1 67  ? -3.585  7.347   -9.726  1.00 14.61 ? 85  GLU A N   1 
ATOM   489  C  CA  . GLU A 1 67  ? -4.133  7.980   -8.536  1.00 15.61 ? 85  GLU A CA  1 
ATOM   490  C  C   . GLU A 1 67  ? -5.597  7.636   -8.390  1.00 15.52 ? 85  GLU A C   1 
ATOM   491  O  O   . GLU A 1 67  ? -6.348  7.658   -9.374  1.00 15.56 ? 85  GLU A O   1 
ATOM   492  C  CB  . GLU A 1 67  ? -3.942  9.501   -8.592  1.00 15.62 ? 85  GLU A CB  1 
ATOM   493  C  CG  . GLU A 1 67  ? -4.487  10.245  -7.377  1.00 17.55 ? 85  GLU A CG  1 
ATOM   494  C  CD  . GLU A 1 67  ? -4.347  11.745  -7.493  1.00 17.93 ? 85  GLU A CD  1 
ATOM   495  O  OE1 . GLU A 1 67  ? -5.025  12.357  -8.347  1.00 22.16 ? 85  GLU A OE1 1 
ATOM   496  O  OE2 . GLU A 1 67  ? -3.564  12.318  -6.718  1.00 21.61 ? 85  GLU A OE2 1 
ATOM   497  N  N   . ILE A 1 68  ? -5.994  7.301   -7.167  1.00 15.05 ? 86  ILE A N   1 
ATOM   498  C  CA  . ILE A 1 68  ? -7.388  7.004   -6.886  1.00 14.99 ? 86  ILE A CA  1 
ATOM   499  C  C   . ILE A 1 68  ? -7.780  7.486   -5.488  1.00 14.68 ? 86  ILE A C   1 
ATOM   500  O  O   . ILE A 1 68  ? -7.086  7.211   -4.498  1.00 13.92 ? 86  ILE A O   1 
ATOM   501  C  CB  . ILE A 1 68  ? -7.723  5.497   -7.125  1.00 15.44 ? 86  ILE A CB  1 
ATOM   502  C  CG1 . ILE A 1 68  ? -9.231  5.289   -7.367  1.00 16.60 ? 86  ILE A CG1 1 
ATOM   503  C  CG2 . ILE A 1 68  ? -7.160  4.606   -6.027  1.00 16.33 ? 86  ILE A CG2 1 
ATOM   504  C  CD1 . ILE A 1 68  ? -10.048 5.027   -6.129  1.00 19.60 ? 86  ILE A CD1 1 
ATOM   505  N  N   . PHE A 1 69  ? -8.887  8.224   -5.439  1.00 14.41 ? 87  PHE A N   1 
ATOM   506  C  CA  . PHE A 1 69  ? -9.444  8.711   -4.186  1.00 14.50 ? 87  PHE A CA  1 
ATOM   507  C  C   . PHE A 1 69  ? -10.492 7.763   -3.646  1.00 14.33 ? 87  PHE A C   1 
ATOM   508  O  O   . PHE A 1 69  ? -11.310 7.210   -4.398  1.00 13.76 ? 87  PHE A O   1 
ATOM   509  C  CB  . PHE A 1 69  ? -10.070 10.093  -4.369  1.00 15.43 ? 87  PHE A CB  1 
ATOM   510  C  CG  . PHE A 1 69  ? -9.080  11.210  -4.303  1.00 15.72 ? 87  PHE A CG  1 
ATOM   511  C  CD1 . PHE A 1 69  ? -8.897  11.924  -3.118  1.00 17.39 ? 87  PHE A CD1 1 
ATOM   512  C  CD2 . PHE A 1 69  ? -8.322  11.545  -5.413  1.00 17.33 ? 87  PHE A CD2 1 
ATOM   513  C  CE1 . PHE A 1 69  ? -7.967  12.957  -3.047  1.00 18.08 ? 87  PHE A CE1 1 
ATOM   514  C  CE2 . PHE A 1 69  ? -7.387  12.584  -5.352  1.00 18.28 ? 87  PHE A CE2 1 
ATOM   515  C  CZ  . PHE A 1 69  ? -7.213  13.285  -4.171  1.00 17.62 ? 87  PHE A CZ  1 
ATOM   516  N  N   . LEU A 1 70  ? -10.469 7.593   -2.332  1.00 14.08 ? 88  LEU A N   1 
ATOM   517  C  CA  . LEU A 1 70  ? -11.488 6.809   -1.652  1.00 14.91 ? 88  LEU A CA  1 
ATOM   518  C  C   . LEU A 1 70  ? -12.716 7.680   -1.418  1.00 15.12 ? 88  LEU A C   1 
ATOM   519  O  O   . LEU A 1 70  ? -12.603 8.899   -1.328  1.00 15.18 ? 88  LEU A O   1 
ATOM   520  C  CB  . LEU A 1 70  ? -10.946 6.265   -0.315  1.00 14.59 ? 88  LEU A CB  1 
ATOM   521  C  CG  . LEU A 1 70  ? -10.214 4.911   -0.326  1.00 15.59 ? 88  LEU A CG  1 
ATOM   522  C  CD1 . LEU A 1 70  ? -9.102  4.875   -1.348  1.00 16.43 ? 88  LEU A CD1 1 
ATOM   523  C  CD2 . LEU A 1 70  ? -9.667  4.582   1.046   1.00 14.38 ? 88  LEU A CD2 1 
ATOM   524  N  N   . HIS A 1 71  ? -13.888 7.058   -1.340  1.00 15.93 ? 89  HIS A N   1 
ATOM   525  C  CA  . HIS A 1 71  ? -15.103 7.789   -0.981  1.00 16.62 ? 89  HIS A CA  1 
ATOM   526  C  C   . HIS A 1 71  ? -15.100 8.067   0.526   1.00 16.55 ? 89  HIS A C   1 
ATOM   527  O  O   . HIS A 1 71  ? -14.511 7.300   1.299   1.00 16.45 ? 89  HIS A O   1 
ATOM   528  C  CB  . HIS A 1 71  ? -16.367 7.000   -1.347  1.00 16.92 ? 89  HIS A CB  1 
ATOM   529  C  CG  . HIS A 1 71  ? -16.430 6.563   -2.778  1.00 18.61 ? 89  HIS A CG  1 
ATOM   530  N  ND1 . HIS A 1 71  ? -15.883 7.295   -3.811  1.00 21.26 ? 89  HIS A ND1 1 
ATOM   531  C  CD2 . HIS A 1 71  ? -16.998 5.476   -3.349  1.00 20.46 ? 89  HIS A CD2 1 
ATOM   532  C  CE1 . HIS A 1 71  ? -16.104 6.672   -4.956  1.00 21.39 ? 89  HIS A CE1 1 
ATOM   533  N  NE2 . HIS A 1 71  ? -16.775 5.564   -4.703  1.00 21.51 ? 89  HIS A NE2 1 
ATOM   534  N  N   . PRO A 1 72  ? -15.748 9.169   0.958   1.00 16.76 ? 90  PRO A N   1 
ATOM   535  C  CA  . PRO A 1 72  ? -15.908 9.357   2.404   1.00 16.80 ? 90  PRO A CA  1 
ATOM   536  C  C   . PRO A 1 72  ? -16.476 8.096   3.052   1.00 16.39 ? 90  PRO A C   1 
ATOM   537  O  O   . PRO A 1 72  ? -17.437 7.519   2.543   1.00 16.90 ? 90  PRO A O   1 
ATOM   538  C  CB  . PRO A 1 72  ? -16.906 10.518  2.502   1.00 16.81 ? 90  PRO A CB  1 
ATOM   539  C  CG  . PRO A 1 72  ? -16.680 11.304  1.244   1.00 17.71 ? 90  PRO A CG  1 
ATOM   540  C  CD  . PRO A 1 72  ? -16.326 10.283  0.180   1.00 16.94 ? 90  PRO A CD  1 
ATOM   541  N  N   . GLY A 1 73  ? -15.855 7.645   4.136   1.00 16.10 ? 91  GLY A N   1 
ATOM   542  C  CA  . GLY A 1 73  ? -16.341 6.465   4.863   1.00 15.80 ? 91  GLY A CA  1 
ATOM   543  C  C   . GLY A 1 73  ? -15.889 5.128   4.302   1.00 14.96 ? 91  GLY A C   1 
ATOM   544  O  O   . GLY A 1 73  ? -16.245 4.065   4.838   1.00 15.47 ? 91  GLY A O   1 
ATOM   545  N  N   . GLU A 1 74  ? -15.109 5.176   3.225   1.00 13.57 ? 92  GLU A N   1 
ATOM   546  C  CA  . GLU A 1 74  ? -14.615 3.969   2.588   1.00 12.52 ? 92  GLU A CA  1 
ATOM   547  C  C   . GLU A 1 74  ? -13.272 3.582   3.216   1.00 12.05 ? 92  GLU A C   1 
ATOM   548  O  O   . GLU A 1 74  ? -12.369 4.411   3.297   1.00 12.50 ? 92  GLU A O   1 
ATOM   549  C  CB  . GLU A 1 74  ? -14.473 4.189   1.074   1.00 12.19 ? 92  GLU A CB  1 
ATOM   550  C  CG  . GLU A 1 74  ? -14.074 2.955   0.313   1.00 11.48 ? 92  GLU A CG  1 
ATOM   551  C  CD  . GLU A 1 74  ? -13.974 3.196   -1.182  1.00 12.09 ? 92  GLU A CD  1 
ATOM   552  O  OE1 . GLU A 1 74  ? -13.680 4.339   -1.588  1.00 10.21 ? 92  GLU A OE1 1 
ATOM   553  O  OE2 . GLU A 1 74  ? -14.180 2.231   -1.951  1.00 12.24 ? 92  GLU A OE2 1 
ATOM   554  N  N   . SER A 1 75  ? -13.163 2.332   3.664   1.00 11.63 ? 93  SER A N   1 
ATOM   555  C  CA  . SER A 1 75  ? -11.943 1.800   4.284   1.00 11.40 ? 93  SER A CA  1 
ATOM   556  C  C   . SER A 1 75  ? -11.397 0.592   3.522   1.00 10.95 ? 93  SER A C   1 
ATOM   557  O  O   . SER A 1 75  ? -12.168 -0.182  2.946   1.00 11.06 ? 93  SER A O   1 
ATOM   558  C  CB  . SER A 1 75  ? -12.225 1.374   5.724   1.00 10.95 ? 93  SER A CB  1 
ATOM   559  O  OG  . SER A 1 75  ? -12.795 2.429   6.477   1.00 12.90 ? 93  SER A OG  1 
ATOM   560  N  N   . VAL A 1 76  ? -10.077 0.416   3.533   1.00 10.35 ? 94  VAL A N   1 
ATOM   561  C  CA  . VAL A 1 76  ? -9.468  -0.786  2.944   1.00 10.11 ? 94  VAL A CA  1 
ATOM   562  C  C   . VAL A 1 76  ? -9.478  -1.919  3.972   1.00 10.02 ? 94  VAL A C   1 
ATOM   563  O  O   . VAL A 1 76  ? -9.003  -1.747  5.102   1.00 9.43  ? 94  VAL A O   1 
ATOM   564  C  CB  . VAL A 1 76  ? -8.024  -0.534  2.418   1.00 10.23 ? 94  VAL A CB  1 
ATOM   565  C  CG1 . VAL A 1 76  ? -7.414  -1.820  1.856   1.00 8.99  ? 94  VAL A CG1 1 
ATOM   566  C  CG2 . VAL A 1 76  ? -8.015  0.556   1.354   1.00 10.27 ? 94  VAL A CG2 1 
ATOM   567  N  N   . ILE A 1 77  ? -10.009 -3.072  3.568   1.00 10.33 ? 95  ILE A N   1 
ATOM   568  C  CA  . ILE A 1 77  ? -10.215 -4.210  4.479   1.00 11.05 ? 95  ILE A CA  1 
ATOM   569  C  C   . ILE A 1 77  ? -9.466  -5.489  4.075   1.00 10.89 ? 95  ILE A C   1 
ATOM   570  O  O   . ILE A 1 77  ? -9.490  -6.498  4.795   1.00 10.53 ? 95  ILE A O   1 
ATOM   571  C  CB  . ILE A 1 77  ? -11.740 -4.497  4.686   1.00 11.46 ? 95  ILE A CB  1 
ATOM   572  C  CG1 . ILE A 1 77  ? -12.417 -4.845  3.347   1.00 11.34 ? 95  ILE A CG1 1 
ATOM   573  C  CG2 . ILE A 1 77  ? -12.410 -3.293  5.394   1.00 12.15 ? 95  ILE A CG2 1 
ATOM   574  C  CD1 . ILE A 1 77  ? -13.907 -5.245  3.447   1.00 11.75 ? 95  ILE A CD1 1 
ATOM   575  N  N   . GLN A 1 78  ? -8.810  -5.435  2.919   1.00 11.01 ? 96  GLN A N   1 
ATOM   576  C  CA  . GLN A 1 78  ? -8.030  -6.545  2.384   1.00 11.54 ? 96  GLN A CA  1 
ATOM   577  C  C   . GLN A 1 78  ? -7.077  -5.967  1.340   1.00 11.51 ? 96  GLN A C   1 
ATOM   578  O  O   . GLN A 1 78  ? -7.451  -5.056  0.598   1.00 11.46 ? 96  GLN A O   1 
ATOM   579  C  CB  . GLN A 1 78  ? -8.972  -7.557  1.725   1.00 11.47 ? 96  GLN A CB  1 
ATOM   580  C  CG  . GLN A 1 78  ? -8.358  -8.864  1.252   1.00 13.08 ? 96  GLN A CG  1 
ATOM   581  C  CD  . GLN A 1 78  ? -9.385  -9.768  0.537   1.00 13.49 ? 96  GLN A CD  1 
ATOM   582  O  OE1 . GLN A 1 78  ? -10.532 -9.367  0.295   1.00 15.34 ? 96  GLN A OE1 1 
ATOM   583  N  NE2 . GLN A 1 78  ? -8.973  -10.989 0.210   1.00 14.78 ? 96  GLN A NE2 1 
ATOM   584  N  N   . VAL A 1 79  ? -5.850  -6.478  1.298   1.00 11.50 ? 97  VAL A N   1 
ATOM   585  C  CA  . VAL A 1 79  ? -4.872  -6.101  0.251   1.00 11.65 ? 97  VAL A CA  1 
ATOM   586  C  C   . VAL A 1 79  ? -4.257  -7.356  -0.347  1.00 11.74 ? 97  VAL A C   1 
ATOM   587  O  O   . VAL A 1 79  ? -3.728  -8.196  0.381   1.00 11.58 ? 97  VAL A O   1 
ATOM   588  C  CB  . VAL A 1 79  ? -3.716  -5.202  0.802   1.00 11.63 ? 97  VAL A CB  1 
ATOM   589  C  CG1 . VAL A 1 79  ? -2.738  -4.799  -0.332  1.00 10.69 ? 97  VAL A CG1 1 
ATOM   590  C  CG2 . VAL A 1 79  ? -4.275  -3.959  1.504   1.00 11.28 ? 97  VAL A CG2 1 
ATOM   591  N  N   . SER A 1 80  ? -4.340  -7.500  -1.668  1.00 11.89 ? 98  SER A N   1 
ATOM   592  C  CA  . SER A 1 80  ? -3.606  -8.571  -2.331  1.00 11.82 ? 98  SER A CA  1 
ATOM   593  C  C   . SER A 1 80  ? -2.535  -7.962  -3.222  1.00 11.94 ? 98  SER A C   1 
ATOM   594  O  O   . SER A 1 80  ? -2.486  -6.740  -3.422  1.00 11.13 ? 98  SER A O   1 
ATOM   595  C  CB  . SER A 1 80  ? -4.535  -9.502  -3.124  1.00 12.03 ? 98  SER A CB  1 
ATOM   596  O  OG  . SER A 1 80  ? -5.116  -8.839  -4.237  1.00 13.52 ? 98  SER A OG  1 
ATOM   597  N  N   . GLY A 1 81  ? -1.655  -8.807  -3.736  1.00 11.90 ? 99  GLY A N   1 
ATOM   598  C  CA  . GLY A 1 81  ? -0.641  -8.307  -4.635  1.00 12.41 ? 99  GLY A CA  1 
ATOM   599  C  C   . GLY A 1 81  ? 0.296   -9.365  -5.141  1.00 13.46 ? 99  GLY A C   1 
ATOM   600  O  O   . GLY A 1 81  ? 0.113   -10.560 -4.884  1.00 12.58 ? 99  GLY A O   1 
ATOM   601  N  N   . LYS A 1 82  ? 1.308   -8.907  -5.868  1.00 14.77 ? 100 LYS A N   1 
ATOM   602  C  CA  . LYS A 1 82  ? 2.293   -9.786  -6.482  1.00 16.66 ? 100 LYS A CA  1 
ATOM   603  C  C   . LYS A 1 82  ? 3.667   -9.135  -6.443  1.00 17.17 ? 100 LYS A C   1 
ATOM   604  O  O   . LYS A 1 82  ? 3.773   -7.905  -6.473  1.00 17.08 ? 100 LYS A O   1 
ATOM   605  C  CB  . LYS A 1 82  ? 1.869   -10.131 -7.914  1.00 16.61 ? 100 LYS A CB  1 
ATOM   606  C  CG  . LYS A 1 82  ? 0.646   -11.055 -7.965  1.00 18.52 ? 100 LYS A CG  1 
ATOM   607  C  CD  . LYS A 1 82  ? 0.065   -11.224 -9.356  1.00 18.99 ? 100 LYS A CD  1 
ATOM   608  C  CE  . LYS A 1 82  ? -1.186  -12.103 -9.282  1.00 22.41 ? 100 LYS A CE  1 
ATOM   609  N  NZ  . LYS A 1 82  ? -1.895  -12.217 -10.591 1.00 24.15 ? 100 LYS A NZ  1 
ATOM   610  N  N   . TYR A 1 83  ? 4.712   -9.959  -6.356  1.00 18.20 ? 101 TYR A N   1 
ATOM   611  C  CA  . TYR A 1 83  ? 6.095   -9.476  -6.266  1.00 19.40 ? 101 TYR A CA  1 
ATOM   612  C  C   . TYR A 1 83  ? 7.124   -10.497 -6.785  1.00 20.55 ? 101 TYR A C   1 
ATOM   613  O  O   . TYR A 1 83  ? 6.844   -11.695 -6.848  1.00 20.58 ? 101 TYR A O   1 
ATOM   614  C  CB  . TYR A 1 83  ? 6.437   -9.081  -4.820  1.00 19.33 ? 101 TYR A CB  1 
ATOM   615  C  CG  . TYR A 1 83  ? 6.412   -10.222 -3.820  1.00 19.79 ? 101 TYR A CG  1 
ATOM   616  C  CD1 . TYR A 1 83  ? 7.572   -10.964 -3.548  1.00 20.35 ? 101 TYR A CD1 1 
ATOM   617  C  CD2 . TYR A 1 83  ? 5.240   -10.554 -3.135  1.00 18.96 ? 101 TYR A CD2 1 
ATOM   618  C  CE1 . TYR A 1 83  ? 7.558   -12.014 -2.628  1.00 20.72 ? 101 TYR A CE1 1 
ATOM   619  C  CE2 . TYR A 1 83  ? 5.218   -11.604 -2.202  1.00 19.79 ? 101 TYR A CE2 1 
ATOM   620  C  CZ  . TYR A 1 83  ? 6.381   -12.326 -1.961  1.00 20.67 ? 101 TYR A CZ  1 
ATOM   621  O  OH  . TYR A 1 83  ? 6.380   -13.362 -1.055  1.00 21.35 ? 101 TYR A OH  1 
ATOM   622  N  N   . LYS A 1 84  ? 8.310   -10.005 -7.141  1.00 21.67 ? 102 LYS A N   1 
ATOM   623  C  CA  . LYS A 1 84  ? 9.487   -10.850 -7.419  1.00 23.12 ? 102 LYS A CA  1 
ATOM   624  C  C   . LYS A 1 84  ? 10.592  -10.519 -6.414  1.00 23.58 ? 102 LYS A C   1 
ATOM   625  O  O   . LYS A 1 84  ? 10.503  -10.869 -5.230  1.00 24.94 ? 102 LYS A O   1 
ATOM   626  C  CB  . LYS A 1 84  ? 9.993   -10.622 -8.847  1.00 23.20 ? 102 LYS A CB  1 
ATOM   627  C  CG  . LYS A 1 84  ? 10.144  -9.152  -9.232  1.00 24.15 ? 102 LYS A CG  1 
ATOM   628  C  CD  . LYS A 1 84  ? 11.434  -8.875  -9.994  1.00 25.52 ? 102 LYS A CD  1 
ATOM   629  C  CE  . LYS A 1 84  ? 11.374  -9.430  -11.420 1.00 28.67 ? 102 LYS A CE  1 
ATOM   630  N  NZ  . LYS A 1 84  ? 10.358  -8.742  -12.280 1.00 28.12 ? 102 LYS A NZ  1 
ATOM   631  N  N   . TRP A 1 85  ? 11.643  -9.860  -6.896  1.00 23.60 ? 103 TRP A N   1 
ATOM   632  C  CA  . TRP A 1 85  ? 12.573  -9.144  -6.043  1.00 23.31 ? 103 TRP A CA  1 
ATOM   633  C  C   . TRP A 1 85  ? 11.959  -7.790  -5.723  1.00 22.06 ? 103 TRP A C   1 
ATOM   634  O  O   . TRP A 1 85  ? 12.312  -7.169  -4.725  1.00 22.21 ? 103 TRP A O   1 
ATOM   635  C  CB  . TRP A 1 85  ? 13.921  -8.965  -6.739  1.00 24.66 ? 103 TRP A CB  1 
ATOM   636  C  CG  . TRP A 1 85  ? 14.656  -10.259 -6.890  1.00 26.17 ? 103 TRP A CG  1 
ATOM   637  C  CD1 . TRP A 1 85  ? 14.614  -11.108 -7.963  1.00 27.47 ? 103 TRP A CD1 1 
ATOM   638  C  CD2 . TRP A 1 85  ? 15.521  -10.868 -5.925  1.00 27.29 ? 103 TRP A CD2 1 
ATOM   639  N  NE1 . TRP A 1 85  ? 15.410  -12.204 -7.726  1.00 28.16 ? 103 TRP A NE1 1 
ATOM   640  C  CE2 . TRP A 1 85  ? 15.981  -12.081 -6.486  1.00 27.88 ? 103 TRP A CE2 1 
ATOM   641  C  CE3 . TRP A 1 85  ? 15.964  -10.501 -4.641  1.00 27.37 ? 103 TRP A CE3 1 
ATOM   642  C  CZ2 . TRP A 1 85  ? 16.866  -12.938 -5.807  1.00 27.84 ? 103 TRP A CZ2 1 
ATOM   643  C  CZ3 . TRP A 1 85  ? 16.842  -11.352 -3.967  1.00 27.40 ? 103 TRP A CZ3 1 
ATOM   644  C  CH2 . TRP A 1 85  ? 17.281  -12.556 -4.555  1.00 27.04 ? 103 TRP A CH2 1 
ATOM   645  N  N   . TYR A 1 86  ? 11.038  -7.344  -6.578  1.00 20.29 ? 104 TYR A N   1 
ATOM   646  C  CA  . TYR A 1 86  ? 10.333  -6.078  -6.366  1.00 18.71 ? 104 TYR A CA  1 
ATOM   647  C  C   . TYR A 1 86  ? 8.822   -6.222  -6.503  1.00 17.29 ? 104 TYR A C   1 
ATOM   648  O  O   . TYR A 1 86  ? 8.314   -7.143  -7.154  1.00 16.94 ? 104 TYR A O   1 
ATOM   649  C  CB  . TYR A 1 86  ? 10.835  -4.992  -7.322  1.00 18.89 ? 104 TYR A CB  1 
ATOM   650  C  CG  . TYR A 1 86  ? 12.331  -4.986  -7.532  1.00 19.28 ? 104 TYR A CG  1 
ATOM   651  C  CD1 . TYR A 1 86  ? 13.187  -4.434  -6.583  1.00 18.71 ? 104 TYR A CD1 1 
ATOM   652  C  CD2 . TYR A 1 86  ? 12.887  -5.535  -8.691  1.00 19.87 ? 104 TYR A CD2 1 
ATOM   653  C  CE1 . TYR A 1 86  ? 14.561  -4.430  -6.783  1.00 20.12 ? 104 TYR A CE1 1 
ATOM   654  C  CE2 . TYR A 1 86  ? 14.247  -5.531  -8.901  1.00 20.18 ? 104 TYR A CE2 1 
ATOM   655  C  CZ  . TYR A 1 86  ? 15.081  -4.983  -7.947  1.00 20.20 ? 104 TYR A CZ  1 
ATOM   656  O  OH  . TYR A 1 86  ? 16.439  -4.986  -8.160  1.00 21.19 ? 104 TYR A OH  1 
ATOM   657  N  N   . LEU A 1 87  ? 8.110   -5.280  -5.900  1.00 15.88 ? 105 LEU A N   1 
ATOM   658  C  CA  . LEU A 1 87  ? 6.658   -5.280  -5.926  1.00 14.55 ? 105 LEU A CA  1 
ATOM   659  C  C   . LEU A 1 87  ? 6.129   -5.044  -7.336  1.00 14.06 ? 105 LEU A C   1 
ATOM   660  O  O   . LEU A 1 87  ? 6.597   -4.147  -8.044  1.00 14.04 ? 105 LEU A O   1 
ATOM   661  C  CB  . LEU A 1 87  ? 6.131   -4.208  -4.969  1.00 14.26 ? 105 LEU A CB  1 
ATOM   662  C  CG  . LEU A 1 87  ? 4.629   -4.203  -4.687  1.00 13.86 ? 105 LEU A CG  1 
ATOM   663  C  CD1 . LEU A 1 87  ? 4.213   -5.419  -3.862  1.00 12.25 ? 105 LEU A CD1 1 
ATOM   664  C  CD2 . LEU A 1 87  ? 4.249   -2.905  -3.985  1.00 14.25 ? 105 LEU A CD2 1 
ATOM   665  N  N   . LYS A 1 88  ? 5.144   -5.842  -7.737  1.00 13.65 ? 106 LYS A N   1 
ATOM   666  C  CA  . LYS A 1 88  ? 4.598   -5.775  -9.096  1.00 13.62 ? 106 LYS A CA  1 
ATOM   667  C  C   . LYS A 1 88  ? 3.132   -5.361  -9.190  1.00 13.01 ? 106 LYS A C   1 
ATOM   668  O  O   . LYS A 1 88  ? 2.727   -4.716  -10.171 1.00 12.58 ? 106 LYS A O   1 
ATOM   669  C  CB  . LYS A 1 88  ? 4.795   -7.115  -9.811  1.00 14.08 ? 106 LYS A CB  1 
ATOM   670  C  CG  . LYS A 1 88  ? 6.247   -7.398  -10.202 1.00 14.86 ? 106 LYS A CG  1 
ATOM   671  C  CD  . LYS A 1 88  ? 6.408   -8.734  -10.923 1.00 15.56 ? 106 LYS A CD  1 
ATOM   672  C  CE  . LYS A 1 88  ? 5.583   -8.819  -12.214 1.00 18.76 ? 106 LYS A CE  1 
ATOM   673  N  NZ  . LYS A 1 88  ? 6.039   -7.919  -13.323 1.00 20.86 ? 106 LYS A NZ  1 
ATOM   674  N  N   . LYS A 1 89  ? 2.337   -5.744  -8.191  1.00 12.04 ? 107 LYS A N   1 
ATOM   675  C  CA  . LYS A 1 89  ? 0.895   -5.502  -8.221  1.00 11.91 ? 107 LYS A CA  1 
ATOM   676  C  C   . LYS A 1 89  ? 0.360   -5.289  -6.818  1.00 11.16 ? 107 LYS A C   1 
ATOM   677  O  O   . LYS A 1 89  ? 0.820   -5.918  -5.872  1.00 10.27 ? 107 LYS A O   1 
ATOM   678  C  CB  . LYS A 1 89  ? 0.140   -6.667  -8.885  1.00 11.76 ? 107 LYS A CB  1 
ATOM   679  C  CG  . LYS A 1 89  ? -1.305  -6.318  -9.282  1.00 12.69 ? 107 LYS A CG  1 
ATOM   680  C  CD  . LYS A 1 89  ? -2.067  -7.485  -9.886  1.00 13.97 ? 107 LYS A CD  1 
ATOM   681  C  CE  . LYS A 1 89  ? -3.490  -7.067  -10.196 1.00 18.33 ? 107 LYS A CE  1 
ATOM   682  N  NZ  . LYS A 1 89  ? -4.246  -8.100  -10.974 1.00 20.94 ? 107 LYS A NZ  1 
ATOM   683  N  N   . LEU A 1 90  ? -0.613  -4.394  -6.706  1.00 11.17 ? 108 LEU A N   1 
ATOM   684  C  CA  . LEU A 1 90  ? -1.360  -4.193  -5.470  1.00 11.08 ? 108 LEU A CA  1 
ATOM   685  C  C   . LEU A 1 90  ? -2.833  -4.082  -5.806  1.00 11.17 ? 108 LEU A C   1 
ATOM   686  O  O   . LEU A 1 90  ? -3.198  -3.423  -6.779  1.00 11.80 ? 108 LEU A O   1 
ATOM   687  C  CB  . LEU A 1 90  ? -0.922  -2.909  -4.772  1.00 11.24 ? 108 LEU A CB  1 
ATOM   688  C  CG  . LEU A 1 90  ? 0.445   -2.877  -4.081  1.00 11.39 ? 108 LEU A CG  1 
ATOM   689  C  CD1 . LEU A 1 90  ? 0.762   -1.477  -3.613  1.00 11.13 ? 108 LEU A CD1 1 
ATOM   690  C  CD2 . LEU A 1 90  ? 0.514   -3.856  -2.914  1.00 11.52 ? 108 LEU A CD2 1 
ATOM   691  N  N   . VAL A 1 91  ? -3.671  -4.724  -5.000  1.00 10.85 ? 109 VAL A N   1 
ATOM   692  C  CA  . VAL A 1 91  ? -5.113  -4.551  -5.080  1.00 10.50 ? 109 VAL A CA  1 
ATOM   693  C  C   . VAL A 1 91  ? -5.623  -4.245  -3.680  1.00 10.23 ? 109 VAL A C   1 
ATOM   694  O  O   . VAL A 1 91  ? -5.447  -5.056  -2.756  1.00 9.62  ? 109 VAL A O   1 
ATOM   695  C  CB  . VAL A 1 91  ? -5.832  -5.797  -5.642  1.00 10.58 ? 109 VAL A CB  1 
ATOM   696  C  CG1 . VAL A 1 91  ? -7.347  -5.581  -5.659  1.00 10.46 ? 109 VAL A CG1 1 
ATOM   697  C  CG2 . VAL A 1 91  ? -5.318  -6.141  -7.058  1.00 10.65 ? 109 VAL A CG2 1 
ATOM   698  N  N   . PHE A 1 92  ? -6.214  -3.063  -3.535  1.00 10.11 ? 110 PHE A N   1 
ATOM   699  C  CA  . PHE A 1 92  ? -6.814  -2.618  -2.279  1.00 10.56 ? 110 PHE A CA  1 
ATOM   700  C  C   . PHE A 1 92  ? -8.319  -2.862  -2.333  1.00 10.53 ? 110 PHE A C   1 
ATOM   701  O  O   . PHE A 1 92  ? -9.023  -2.210  -3.105  1.00 11.35 ? 110 PHE A O   1 
ATOM   702  C  CB  . PHE A 1 92  ? -6.533  -1.128  -2.060  1.00 10.45 ? 110 PHE A CB  1 
ATOM   703  C  CG  . PHE A 1 92  ? -5.070  -0.793  -1.940  1.00 11.45 ? 110 PHE A CG  1 
ATOM   704  C  CD1 . PHE A 1 92  ? -4.462  -0.730  -0.686  1.00 10.85 ? 110 PHE A CD1 1 
ATOM   705  C  CD2 . PHE A 1 92  ? -4.298  -0.537  -3.078  1.00 11.19 ? 110 PHE A CD2 1 
ATOM   706  C  CE1 . PHE A 1 92  ? -3.122  -0.418  -0.559  1.00 11.54 ? 110 PHE A CE1 1 
ATOM   707  C  CE2 . PHE A 1 92  ? -2.950  -0.222  -2.967  1.00 12.00 ? 110 PHE A CE2 1 
ATOM   708  C  CZ  . PHE A 1 92  ? -2.351  -0.171  -1.712  1.00 11.52 ? 110 PHE A CZ  1 
ATOM   709  N  N   . VAL A 1 93  ? -8.800  -3.818  -1.538  1.00 10.56 ? 111 VAL A N   1 
ATOM   710  C  CA  . VAL A 1 93  ? -10.220 -4.162  -1.484  1.00 10.81 ? 111 VAL A CA  1 
ATOM   711  C  C   . VAL A 1 93  ? -10.876 -3.376  -0.352  1.00 11.29 ? 111 VAL A C   1 
ATOM   712  O  O   . VAL A 1 93  ? -10.388 -3.384  0.794   1.00 11.19 ? 111 VAL A O   1 
ATOM   713  C  CB  . VAL A 1 93  ? -10.444 -5.685  -1.275  1.00 10.60 ? 111 VAL A CB  1 
ATOM   714  C  CG1 . VAL A 1 93  ? -11.918 -6.029  -1.391  1.00 10.56 ? 111 VAL A CG1 1 
ATOM   715  C  CG2 . VAL A 1 93  ? -9.606  -6.510  -2.281  1.00 10.26 ? 111 VAL A CG2 1 
ATOM   716  N  N   . THR A 1 94  ? -11.964 -2.682  -0.677  1.00 11.72 ? 112 THR A N   1 
ATOM   717  C  CA  . THR A 1 94  ? -12.622 -1.795  0.282   1.00 12.19 ? 112 THR A CA  1 
ATOM   718  C  C   . THR A 1 94  ? -13.944 -2.351  0.795   1.00 12.86 ? 112 THR A C   1 
ATOM   719  O  O   . THR A 1 94  ? -14.497 -3.301  0.227   1.00 13.02 ? 112 THR A O   1 
ATOM   720  C  CB  . THR A 1 94  ? -12.853 -0.357  -0.276  1.00 12.10 ? 112 THR A CB  1 
ATOM   721  O  OG1 . THR A 1 94  ? -14.061 -0.316  -1.052  1.00 12.04 ? 112 THR A OG1 1 
ATOM   722  C  CG2 . THR A 1 94  ? -11.654 0.127   -1.112  1.00 11.11 ? 112 THR A CG2 1 
ATOM   723  N  N   . ASP A 1 95  ? -14.445 -1.739  1.868   1.00 13.66 ? 113 ASP A N   1 
ATOM   724  C  CA  . ASP A 1 95  ? -15.724 -2.125  2.466   1.00 14.96 ? 113 ASP A CA  1 
ATOM   725  C  C   . ASP A 1 95  ? -16.944 -1.625  1.673   1.00 15.54 ? 113 ASP A C   1 
ATOM   726  O  O   . ASP A 1 95  ? -18.093 -1.869  2.065   1.00 15.93 ? 113 ASP A O   1 
ATOM   727  C  CB  . ASP A 1 95  ? -15.798 -1.691  3.946   1.00 15.17 ? 113 ASP A CB  1 
ATOM   728  C  CG  . ASP A 1 95  ? -15.688 -0.181  4.137   1.00 16.07 ? 113 ASP A CG  1 
ATOM   729  O  OD1 . ASP A 1 95  ? -15.483 0.568   3.158   1.00 15.06 ? 113 ASP A OD1 1 
ATOM   730  O  OD2 . ASP A 1 95  ? -15.801 0.271   5.291   1.00 19.40 ? 113 ASP A OD2 1 
ATOM   731  N  N   . LYS A 1 96  ? -16.689 -0.917  0.573   1.00 15.63 ? 114 LYS A N   1 
ATOM   732  C  CA  . LYS A 1 96  ? -17.748 -0.535  -0.359  1.00 15.78 ? 114 LYS A CA  1 
ATOM   733  C  C   . LYS A 1 96  ? -17.725 -1.423  -1.610  1.00 15.28 ? 114 LYS A C   1 
ATOM   734  O  O   . LYS A 1 96  ? -18.440 -1.171  -2.582  1.00 15.32 ? 114 LYS A O   1 
ATOM   735  C  CB  . LYS A 1 96  ? -17.663 0.960   -0.710  1.00 16.10 ? 114 LYS A CB  1 
ATOM   736  C  CG  . LYS A 1 96  ? -17.741 1.890   0.516   1.00 17.49 ? 114 LYS A CG  1 
ATOM   737  C  CD  . LYS A 1 96  ? -18.990 1.616   1.371   1.00 19.39 ? 114 LYS A CD  1 
ATOM   738  C  CE  . LYS A 1 96  ? -18.914 2.325   2.733   1.00 19.85 ? 114 LYS A CE  1 
ATOM   739  N  NZ  . LYS A 1 96  ? -19.174 3.785   2.587   1.00 22.89 ? 114 LYS A NZ  1 
ATOM   740  N  N   . GLY A 1 97  ? -16.896 -2.462  -1.565  1.00 14.44 ? 115 GLY A N   1 
ATOM   741  C  CA  . GLY A 1 97  ? -16.884 -3.506  -2.591  1.00 13.95 ? 115 GLY A CA  1 
ATOM   742  C  C   . GLY A 1 97  ? -16.053 -3.152  -3.805  1.00 13.24 ? 115 GLY A C   1 
ATOM   743  O  O   . GLY A 1 97  ? -16.200 -3.765  -4.857  1.00 12.97 ? 115 GLY A O   1 
ATOM   744  N  N   . ARG A 1 98  ? -15.165 -2.172  -3.659  1.00 12.95 ? 116 ARG A N   1 
ATOM   745  C  CA  . ARG A 1 98  ? -14.292 -1.781  -4.761  1.00 12.65 ? 116 ARG A CA  1 
ATOM   746  C  C   . ARG A 1 98  ? -12.936 -2.472  -4.663  1.00 12.85 ? 116 ARG A C   1 
ATOM   747  O  O   . ARG A 1 98  ? -12.413 -2.722  -3.560  1.00 12.18 ? 116 ARG A O   1 
ATOM   748  C  CB  . ARG A 1 98  ? -14.119 -0.265  -4.833  1.00 12.59 ? 116 ARG A CB  1 
ATOM   749  C  CG  . ARG A 1 98  ? -15.412 0.512   -5.031  1.00 12.73 ? 116 ARG A CG  1 
ATOM   750  C  CD  . ARG A 1 98  ? -15.145 1.885   -5.633  1.00 12.52 ? 116 ARG A CD  1 
ATOM   751  N  NE  . ARG A 1 98  ? -14.319 2.736   -4.770  1.00 12.82 ? 116 ARG A NE  1 
ATOM   752  C  CZ  . ARG A 1 98  ? -13.670 3.821   -5.184  1.00 12.51 ? 116 ARG A CZ  1 
ATOM   753  N  NH1 . ARG A 1 98  ? -13.735 4.188   -6.465  1.00 11.65 ? 116 ARG A NH1 1 
ATOM   754  N  NH2 . ARG A 1 98  ? -12.945 4.531   -4.320  1.00 12.61 ? 116 ARG A NH2 1 
ATOM   755  N  N   . TYR A 1 99  ? -12.383 -2.781  -5.831  1.00 12.57 ? 117 TYR A N   1 
ATOM   756  C  CA  . TYR A 1 99  ? -11.096 -3.447  -5.951  1.00 13.19 ? 117 TYR A CA  1 
ATOM   757  C  C   . TYR A 1 99  ? -10.169 -2.486  -6.679  1.00 13.24 ? 117 TYR A C   1 
ATOM   758  O  O   . TYR A 1 99  ? -10.242 -2.331  -7.904  1.00 13.15 ? 117 TYR A O   1 
ATOM   759  C  CB  . TYR A 1 99  ? -11.254 -4.761  -6.722  1.00 14.02 ? 117 TYR A CB  1 
ATOM   760  C  CG  . TYR A 1 99  ? -12.064 -5.805  -5.977  1.00 15.17 ? 117 TYR A CG  1 
ATOM   761  C  CD1 . TYR A 1 99  ? -11.444 -6.923  -5.431  1.00 17.43 ? 117 TYR A CD1 1 
ATOM   762  C  CD2 . TYR A 1 99  ? -13.448 -5.671  -5.811  1.00 17.70 ? 117 TYR A CD2 1 
ATOM   763  C  CE1 . TYR A 1 99  ? -12.162 -7.878  -4.732  1.00 17.76 ? 117 TYR A CE1 1 
ATOM   764  C  CE2 . TYR A 1 99  ? -14.183 -6.629  -5.112  1.00 17.10 ? 117 TYR A CE2 1 
ATOM   765  C  CZ  . TYR A 1 99  ? -13.529 -7.725  -4.579  1.00 17.42 ? 117 TYR A CZ  1 
ATOM   766  O  OH  . TYR A 1 99  ? -14.234 -8.683  -3.896  1.00 16.87 ? 117 TYR A OH  1 
ATOM   767  N  N   . LEU A 1 100 ? -9.320  -1.811  -5.915  1.00 12.71 ? 118 LEU A N   1 
ATOM   768  C  CA  . LEU A 1 100 ? -8.479  -0.751  -6.470  1.00 12.85 ? 118 LEU A CA  1 
ATOM   769  C  C   . LEU A 1 100 ? -7.125  -1.322  -6.860  1.00 12.92 ? 118 LEU A C   1 
ATOM   770  O  O   . LEU A 1 100 ? -6.254  -1.541  -6.010  1.00 12.32 ? 118 LEU A O   1 
ATOM   771  C  CB  . LEU A 1 100 ? -8.347  0.417   -5.484  1.00 12.48 ? 118 LEU A CB  1 
ATOM   772  C  CG  . LEU A 1 100 ? -9.647  0.915   -4.838  1.00 12.90 ? 118 LEU A CG  1 
ATOM   773  C  CD1 . LEU A 1 100 ? -9.355  2.019   -3.831  1.00 13.83 ? 118 LEU A CD1 1 
ATOM   774  C  CD2 . LEU A 1 100 ? -10.659 1.382   -5.883  1.00 14.54 ? 118 LEU A CD2 1 
ATOM   775  N  N   . SER A 1 101 ? -6.965  -1.559  -8.162  1.00 13.37 ? 119 SER A N   1 
ATOM   776  C  CA  . SER A 1 101 ? -5.852  -2.334  -8.685  1.00 14.01 ? 119 SER A CA  1 
ATOM   777  C  C   . SER A 1 101 ? -4.780  -1.477  -9.359  1.00 14.29 ? 119 SER A C   1 
ATOM   778  O  O   . SER A 1 101 ? -5.095  -0.539  -10.098 1.00 13.93 ? 119 SER A O   1 
ATOM   779  C  CB  . SER A 1 101 ? -6.375  -3.378  -9.670  1.00 14.21 ? 119 SER A CB  1 
ATOM   780  O  OG  . SER A 1 101 ? -5.325  -4.210  -10.120 1.00 16.64 ? 119 SER A OG  1 
ATOM   781  N  N   . PHE A 1 102 ? -3.517  -1.821  -9.098  1.00 14.19 ? 120 PHE A N   1 
ATOM   782  C  CA  . PHE A 1 102 ? -2.374  -1.130  -9.680  1.00 14.88 ? 120 PHE A CA  1 
ATOM   783  C  C   . PHE A 1 102 ? -1.318  -2.144  -10.083 1.00 15.66 ? 120 PHE A C   1 
ATOM   784  O  O   . PHE A 1 102 ? -0.960  -3.024  -9.295  1.00 15.01 ? 120 PHE A O   1 
ATOM   785  C  CB  . PHE A 1 102 ? -1.739  -0.153  -8.680  1.00 14.75 ? 120 PHE A CB  1 
ATOM   786  C  CG  . PHE A 1 102 ? -2.676  0.888   -8.149  1.00 15.07 ? 120 PHE A CG  1 
ATOM   787  C  CD1 . PHE A 1 102 ? -2.753  2.145   -8.745  1.00 15.82 ? 120 PHE A CD1 1 
ATOM   788  C  CD2 . PHE A 1 102 ? -3.469  0.623   -7.029  1.00 14.79 ? 120 PHE A CD2 1 
ATOM   789  C  CE1 . PHE A 1 102 ? -3.611  3.122   -8.239  1.00 15.66 ? 120 PHE A CE1 1 
ATOM   790  C  CE2 . PHE A 1 102 ? -4.326  1.587   -6.522  1.00 14.53 ? 120 PHE A CE2 1 
ATOM   791  C  CZ  . PHE A 1 102 ? -4.404  2.836   -7.128  1.00 15.11 ? 120 PHE A CZ  1 
ATOM   792  N  N   . GLY A 1 103 ? -0.820  -2.025  -11.309 1.00 16.43 ? 121 GLY A N   1 
ATOM   793  C  CA  . GLY A 1 103 ? 0.370   -2.768  -11.706 1.00 18.74 ? 121 GLY A CA  1 
ATOM   794  C  C   . GLY A 1 103 ? 0.131   -3.996  -12.559 1.00 20.40 ? 121 GLY A C   1 
ATOM   795  O  O   . GLY A 1 103 ? -0.920  -4.133  -13.190 1.00 20.51 ? 121 GLY A O   1 
ATOM   796  N  N   . LYS A 1 104 ? 1.115   -4.895  -12.546 1.00 22.05 ? 122 LYS A N   1 
ATOM   797  C  CA  . LYS A 1 104 ? 1.186   -6.025  -13.474 1.00 24.03 ? 122 LYS A CA  1 
ATOM   798  C  C   . LYS A 1 104 ? 0.920   -7.381  -12.829 1.00 24.42 ? 122 LYS A C   1 
ATOM   799  O  O   . LYS A 1 104 ? 1.511   -7.732  -11.803 1.00 24.46 ? 122 LYS A O   1 
ATOM   800  C  CB  . LYS A 1 104 ? 2.550   -6.053  -14.178 1.00 24.27 ? 122 LYS A CB  1 
ATOM   801  C  CG  . LYS A 1 104 ? 2.837   -4.848  -15.070 1.00 26.69 ? 122 LYS A CG  1 
ATOM   802  C  CD  . LYS A 1 104 ? 2.023   -4.863  -16.363 1.00 28.99 ? 122 LYS A CD  1 
ATOM   803  C  CE  . LYS A 1 104 ? 2.263   -3.602  -17.179 1.00 30.44 ? 122 LYS A CE  1 
ATOM   804  N  NZ  . LYS A 1 104 ? 2.156   -2.364  -16.348 1.00 32.46 ? 122 LYS A NZ  1 
ATOM   805  N  N   . ASP A 1 105 ? 0.056   -8.142  -13.497 1.00 25.56 ? 123 ASP A N   1 
ATOM   806  C  CA  . ASP A 1 105 ? -0.509  -9.399  -13.013 1.00 26.72 ? 123 ASP A CA  1 
ATOM   807  C  C   . ASP A 1 105 ? 0.464   -10.554 -13.228 1.00 26.66 ? 123 ASP A C   1 
ATOM   808  O  O   . ASP A 1 105 ? 0.249   -11.408 -14.091 1.00 27.63 ? 123 ASP A O   1 
ATOM   809  C  CB  . ASP A 1 105 ? -1.829  -9.656  -13.761 1.00 27.47 ? 123 ASP A CB  1 
ATOM   810  C  CG  . ASP A 1 105 ? -2.687  -10.725 -13.114 1.00 29.70 ? 123 ASP A CG  1 
ATOM   811  O  OD1 . ASP A 1 105 ? -2.447  -11.929 -13.360 1.00 32.30 ? 123 ASP A OD1 1 
ATOM   812  O  OD2 . ASP A 1 105 ? -3.634  -10.362 -12.382 1.00 32.69 ? 123 ASP A OD2 1 
ATOM   813  N  N   . SER A 1 106 ? 1.538   -10.574 -12.445 1.00 26.05 ? 124 SER A N   1 
ATOM   814  C  CA  . SER A 1 106 ? 2.585   -11.578 -12.582 1.00 25.60 ? 124 SER A CA  1 
ATOM   815  C  C   . SER A 1 106 ? 3.426   -11.633 -11.312 1.00 24.77 ? 124 SER A C   1 
ATOM   816  O  O   . SER A 1 106 ? 3.583   -10.630 -10.625 1.00 24.89 ? 124 SER A O   1 
ATOM   817  C  CB  . SER A 1 106 ? 3.467   -11.258 -13.799 1.00 25.84 ? 124 SER A CB  1 
ATOM   818  O  OG  . SER A 1 106 ? 4.623   -12.083 -13.849 1.00 27.58 ? 124 SER A OG  1 
ATOM   819  N  N   . GLY A 1 107 ? 3.965   -12.811 -11.006 1.00 23.98 ? 125 GLY A N   1 
ATOM   820  C  CA  . GLY A 1 107 ? 4.855   -12.977 -9.866  1.00 22.27 ? 125 GLY A CA  1 
ATOM   821  C  C   . GLY A 1 107 ? 4.244   -13.770 -8.722  1.00 21.31 ? 125 GLY A C   1 
ATOM   822  O  O   . GLY A 1 107 ? 3.177   -14.370 -8.866  1.00 21.64 ? 125 GLY A O   1 
ATOM   823  N  N   . THR A 1 108 ? 4.941   -13.777 -7.591  1.00 20.14 ? 126 THR A N   1 
ATOM   824  C  CA  . THR A 1 108 ? 4.485   -14.437 -6.372  1.00 19.08 ? 126 THR A CA  1 
ATOM   825  C  C   . THR A 1 108 ? 3.321   -13.650 -5.762  1.00 18.19 ? 126 THR A C   1 
ATOM   826  O  O   . THR A 1 108 ? 3.446   -12.440 -5.533  1.00 17.37 ? 126 THR A O   1 
ATOM   827  C  CB  . THR A 1 108 ? 5.649   -14.538 -5.372  1.00 19.51 ? 126 THR A CB  1 
ATOM   828  O  OG1 . THR A 1 108 ? 6.696   -15.333 -5.948  1.00 20.40 ? 126 THR A OG1 1 
ATOM   829  C  CG2 . THR A 1 108 ? 5.208   -15.151 -4.056  1.00 19.16 ? 126 THR A CG2 1 
ATOM   830  N  N   . SER A 1 109 ? 2.198   -14.331 -5.504  1.00 16.71 ? 127 SER A N   1 
ATOM   831  C  CA  . SER A 1 109 ? 1.013   -13.660 -4.957  1.00 15.84 ? 127 SER A CA  1 
ATOM   832  C  C   . SER A 1 109 ? 0.983   -13.646 -3.429  1.00 14.79 ? 127 SER A C   1 
ATOM   833  O  O   . SER A 1 109 ? 1.561   -14.510 -2.772  1.00 14.13 ? 127 SER A O   1 
ATOM   834  C  CB  . SER A 1 109 ? -0.290  -14.237 -5.534  1.00 15.87 ? 127 SER A CB  1 
ATOM   835  O  OG  . SER A 1 109 ? -0.533  -15.546 -5.071  1.00 17.47 ? 127 SER A OG  1 
ATOM   836  N  N   . PHE A 1 110 ? 0.336   -12.623 -2.878  1.00 13.92 ? 128 PHE A N   1 
ATOM   837  C  CA  . PHE A 1 110 ? 0.068   -12.559 -1.448  1.00 12.78 ? 128 PHE A CA  1 
ATOM   838  C  C   . PHE A 1 110 ? -1.327  -12.014 -1.219  1.00 12.20 ? 128 PHE A C   1 
ATOM   839  O  O   . PHE A 1 110 ? -1.930  -11.408 -2.109  1.00 11.60 ? 128 PHE A O   1 
ATOM   840  C  CB  . PHE A 1 110 ? 1.127   -11.737 -0.700  1.00 12.70 ? 128 PHE A CB  1 
ATOM   841  C  CG  . PHE A 1 110 ? 1.054   -10.245 -0.949  1.00 12.59 ? 128 PHE A CG  1 
ATOM   842  C  CD1 . PHE A 1 110 ? 0.230   -9.426  -0.162  1.00 12.20 ? 128 PHE A CD1 1 
ATOM   843  C  CD2 . PHE A 1 110 ? 1.818   -9.658  -1.951  1.00 11.97 ? 128 PHE A CD2 1 
ATOM   844  C  CE1 . PHE A 1 110 ? 0.168   -8.045  -0.387  1.00 11.59 ? 128 PHE A CE1 1 
ATOM   845  C  CE2 . PHE A 1 110 ? 1.760   -8.275  -2.177  1.00 12.71 ? 128 PHE A CE2 1 
ATOM   846  C  CZ  . PHE A 1 110 ? 0.938   -7.474  -1.391  1.00 11.51 ? 128 PHE A CZ  1 
ATOM   847  N  N   . ASN A 1 111 ? -1.848  -12.270 -0.030  1.00 11.66 ? 129 ASN A N   1 
ATOM   848  C  CA  . ASN A 1 111 ? -3.178  -11.821 0.333   1.00 11.27 ? 129 ASN A CA  1 
ATOM   849  C  C   . ASN A 1 111 ? -3.183  -11.542 1.829   1.00 11.19 ? 129 ASN A C   1 
ATOM   850  O  O   . ASN A 1 111 ? -3.016  -12.452 2.647   1.00 11.46 ? 129 ASN A O   1 
ATOM   851  C  CB  . ASN A 1 111 ? -4.232  -12.865 -0.059  1.00 11.01 ? 129 ASN A CB  1 
ATOM   852  C  CG  . ASN A 1 111 ? -5.654  -12.375 0.177   1.00 11.87 ? 129 ASN A CG  1 
ATOM   853  O  OD1 . ASN A 1 111 ? -6.052  -12.128 1.312   1.00 14.25 ? 129 ASN A OD1 1 
ATOM   854  N  ND2 . ASN A 1 111 ? -6.424  -12.250 -0.892  1.00 10.92 ? 129 ASN A ND2 1 
ATOM   855  N  N   . ALA A 1 112 ? -3.348  -10.267 2.169   1.00 10.56 ? 130 ALA A N   1 
ATOM   856  C  CA  . ALA A 1 112 ? -3.283  -9.816  3.550   1.00 10.11 ? 130 ALA A CA  1 
ATOM   857  C  C   . ALA A 1 112 ? -4.669  -9.426  4.057   1.00 10.09 ? 130 ALA A C   1 
ATOM   858  O  O   . ALA A 1 112 ? -5.379  -8.631  3.426   1.00 9.82  ? 130 ALA A O   1 
ATOM   859  C  CB  . ALA A 1 112 ? -2.318  -8.646  3.666   1.00 10.01 ? 130 ALA A CB  1 
ATOM   860  N  N   . VAL A 1 113 ? -5.063  -10.015 5.183   1.00 9.63  ? 131 VAL A N   1 
ATOM   861  C  CA  . VAL A 1 113 ? -6.279  -9.609  5.884   1.00 9.73  ? 131 VAL A CA  1 
ATOM   862  C  C   . VAL A 1 113 ? -5.958  -9.290  7.354   1.00 9.80  ? 131 VAL A C   1 
ATOM   863  O  O   . VAL A 1 113 ? -4.961  -9.789  7.893   1.00 9.90  ? 131 VAL A O   1 
ATOM   864  C  CB  . VAL A 1 113 ? -7.461  -10.638 5.721   1.00 10.04 ? 131 VAL A CB  1 
ATOM   865  C  CG1 . VAL A 1 113 ? -7.907  -10.711 4.272   1.00 9.51  ? 131 VAL A CG1 1 
ATOM   866  C  CG2 . VAL A 1 113 ? -7.088  -12.037 6.231   1.00 10.85 ? 131 VAL A CG2 1 
ATOM   867  N  N   . PRO A 1 114 ? -6.775  -8.428  7.996   1.00 9.63  ? 132 PRO A N   1 
ATOM   868  C  CA  . PRO A 1 114 ? -6.498  -8.072  9.388   1.00 9.58  ? 132 PRO A CA  1 
ATOM   869  C  C   . PRO A 1 114 ? -6.762  -9.223  10.355  1.00 9.94  ? 132 PRO A C   1 
ATOM   870  O  O   . PRO A 1 114 ? -7.702  -9.999  10.170  1.00 9.80  ? 132 PRO A O   1 
ATOM   871  C  CB  . PRO A 1 114 ? -7.463  -6.903  9.655   1.00 9.12  ? 132 PRO A CB  1 
ATOM   872  C  CG  . PRO A 1 114 ? -8.589  -7.117  8.706   1.00 8.84  ? 132 PRO A CG  1 
ATOM   873  C  CD  . PRO A 1 114 ? -7.961  -7.719  7.470   1.00 9.25  ? 132 PRO A CD  1 
ATOM   874  N  N   . LEU A 1 115 ? -5.927  -9.319  11.384  1.00 10.04 ? 133 LEU A N   1 
ATOM   875  C  CA  . LEU A 1 115 ? -6.053  -10.369 12.379  1.00 11.46 ? 133 LEU A CA  1 
ATOM   876  C  C   . LEU A 1 115 ? -7.271  -10.167 13.300  1.00 11.08 ? 133 LEU A C   1 
ATOM   877  O  O   . LEU A 1 115 ? -8.015  -11.112 13.566  1.00 10.37 ? 133 LEU A O   1 
ATOM   878  C  CB  . LEU A 1 115 ? -4.761  -10.439 13.202  1.00 11.50 ? 133 LEU A CB  1 
ATOM   879  C  CG  . LEU A 1 115 ? -4.645  -11.351 14.421  1.00 13.52 ? 133 LEU A CG  1 
ATOM   880  C  CD1 . LEU A 1 115 ? -4.849  -12.816 14.075  1.00 16.10 ? 133 LEU A CD1 1 
ATOM   881  C  CD2 . LEU A 1 115 ? -3.267  -11.133 15.031  1.00 13.37 ? 133 LEU A CD2 1 
ATOM   882  N  N   . HIS A 1 116 ? -7.463  -8.936  13.771  1.00 11.09 ? 134 HIS A N   1 
ATOM   883  C  CA  . HIS A 1 116 ? -8.429  -8.650  14.847  1.00 11.18 ? 134 HIS A CA  1 
ATOM   884  C  C   . HIS A 1 116 ? -9.773  -8.130  14.334  1.00 11.14 ? 134 HIS A C   1 
ATOM   885  O  O   . HIS A 1 116 ? -9.859  -7.709  13.184  1.00 11.13 ? 134 HIS A O   1 
ATOM   886  C  CB  . HIS A 1 116 ? -7.796  -7.688  15.854  1.00 11.79 ? 134 HIS A CB  1 
ATOM   887  C  CG  . HIS A 1 116 ? -6.572  -8.244  16.511  1.00 13.50 ? 134 HIS A CG  1 
ATOM   888  N  ND1 . HIS A 1 116 ? -6.603  -9.369  17.306  1.00 16.01 ? 134 HIS A ND1 1 
ATOM   889  C  CD2 . HIS A 1 116 ? -5.280  -7.847  16.471  1.00 14.47 ? 134 HIS A CD2 1 
ATOM   890  C  CE1 . HIS A 1 116 ? -5.381  -9.632  17.740  1.00 15.93 ? 134 HIS A CE1 1 
ATOM   891  N  NE2 . HIS A 1 116 ? -4.560  -8.726  17.246  1.00 15.50 ? 134 HIS A NE2 1 
ATOM   892  N  N   . PRO A 1 117 ? -10.837 -8.199  15.171  1.00 10.81 ? 135 PRO A N   1 
ATOM   893  C  CA  . PRO A 1 117 ? -12.172 -7.763  14.766  1.00 10.77 ? 135 PRO A CA  1 
ATOM   894  C  C   . PRO A 1 117 ? -12.258 -6.288  14.389  1.00 10.89 ? 135 PRO A C   1 
ATOM   895  O  O   . PRO A 1 117 ? -11.672 -5.439  15.059  1.00 10.98 ? 135 PRO A O   1 
ATOM   896  C  CB  . PRO A 1 117 ? -13.032 -8.036  16.019  1.00 10.37 ? 135 PRO A CB  1 
ATOM   897  C  CG  . PRO A 1 117 ? -12.298 -9.069  16.762  1.00 10.79 ? 135 PRO A CG  1 
ATOM   898  C  CD  . PRO A 1 117 ? -10.848 -8.743  16.545  1.00 10.60 ? 135 PRO A CD  1 
ATOM   899  N  N   . ASN A 1 118 ? -12.976 -6.011  13.303  1.00 11.26 ? 136 ASN A N   1 
ATOM   900  C  CA  . ASN A 1 118 ? -13.388 -4.657  12.928  1.00 11.35 ? 136 ASN A CA  1 
ATOM   901  C  C   . ASN A 1 118 ? -12.238 -3.669  12.755  1.00 11.48 ? 136 ASN A C   1 
ATOM   902  O  O   . ASN A 1 118 ? -12.337 -2.493  13.169  1.00 12.62 ? 136 ASN A O   1 
ATOM   903  C  CB  . ASN A 1 118 ? -14.419 -4.140  13.939  1.00 11.53 ? 136 ASN A CB  1 
ATOM   904  C  CG  . ASN A 1 118 ? -15.476 -5.175  14.253  1.00 11.84 ? 136 ASN A CG  1 
ATOM   905  O  OD1 . ASN A 1 118 ? -15.684 -5.541  15.414  1.00 14.96 ? 136 ASN A OD1 1 
ATOM   906  N  ND2 . ASN A 1 118 ? -16.114 -5.694  13.209  1.00 11.60 ? 136 ASN A ND2 1 
ATOM   907  N  N   . THR A 1 119 ? -11.141 -4.152  12.169  1.00 10.22 ? 137 THR A N   1 
ATOM   908  C  CA  . THR A 1 119 ? -9.993  -3.310  11.911  1.00 9.96  ? 137 THR A CA  1 
ATOM   909  C  C   . THR A 1 119 ? -9.882  -3.037  10.415  1.00 9.56  ? 137 THR A C   1 
ATOM   910  O  O   . THR A 1 119 ? -10.419 -3.787  9.597   1.00 9.71  ? 137 THR A O   1 
ATOM   911  C  CB  . THR A 1 119 ? -8.673  -3.881  12.495  1.00 9.83  ? 137 THR A CB  1 
ATOM   912  O  OG1 . THR A 1 119 ? -8.457  -5.207  12.020  1.00 11.26 ? 137 THR A OG1 1 
ATOM   913  C  CG2 . THR A 1 119 ? -8.730  -3.904  14.041  1.00 9.92  ? 137 THR A CG2 1 
ATOM   914  N  N   . VAL A 1 120 ? -9.206  -1.948  10.067  1.00 8.86  ? 138 VAL A N   1 
ATOM   915  C  CA  . VAL A 1 120 ? -9.083  -1.515  8.665   1.00 8.38  ? 138 VAL A CA  1 
ATOM   916  C  C   . VAL A 1 120 ? -7.637  -1.102  8.419   1.00 7.83  ? 138 VAL A C   1 
ATOM   917  O  O   . VAL A 1 120 ? -6.859  -0.983  9.365   1.00 7.36  ? 138 VAL A O   1 
ATOM   918  C  CB  . VAL A 1 120 ? -10.027 -0.313  8.355   1.00 8.59  ? 138 VAL A CB  1 
ATOM   919  C  CG1 . VAL A 1 120 ? -11.513 -0.715  8.519   1.00 9.24  ? 138 VAL A CG1 1 
ATOM   920  C  CG2 . VAL A 1 120 ? -9.698  0.878   9.257   1.00 8.17  ? 138 VAL A CG2 1 
ATOM   921  N  N   . LEU A 1 121 ? -7.269  -0.877  7.162   1.00 7.50  ? 139 LEU A N   1 
ATOM   922  C  CA  . LEU A 1 121 ? -5.911  -0.425  6.863   1.00 7.46  ? 139 LEU A CA  1 
ATOM   923  C  C   . LEU A 1 121 ? -5.688  0.999   7.379   1.00 7.28  ? 139 LEU A C   1 
ATOM   924  O  O   . LEU A 1 121 ? -6.385  1.942   6.959   1.00 7.59  ? 139 LEU A O   1 
ATOM   925  C  CB  . LEU A 1 121 ? -5.626  -0.488  5.357   1.00 6.77  ? 139 LEU A CB  1 
ATOM   926  C  CG  . LEU A 1 121 ? -4.181  -0.174  4.952   1.00 7.70  ? 139 LEU A CG  1 
ATOM   927  C  CD1 . LEU A 1 121 ? -3.233  -1.265  5.451   1.00 8.00  ? 139 LEU A CD1 1 
ATOM   928  C  CD2 . LEU A 1 121 ? -4.052  -0.014  3.440   1.00 7.48  ? 139 LEU A CD2 1 
ATOM   929  N  N   . ARG A 1 122 ? -4.726  1.145   8.291   1.00 7.60  ? 140 ARG A N   1 
ATOM   930  C  CA  . ARG A 1 122 ? -4.414  2.447   8.898   1.00 7.86  ? 140 ARG A CA  1 
ATOM   931  C  C   . ARG A 1 122 ? -3.142  3.112   8.354   1.00 7.98  ? 140 ARG A C   1 
ATOM   932  O  O   . ARG A 1 122 ? -3.062  4.339   8.283   1.00 7.83  ? 140 ARG A O   1 
ATOM   933  C  CB  . ARG A 1 122 ? -4.377  2.346   10.437  1.00 7.89  ? 140 ARG A CB  1 
ATOM   934  C  CG  . ARG A 1 122 ? -5.759  2.238   11.089  1.00 8.57  ? 140 ARG A CG  1 
ATOM   935  C  CD  . ARG A 1 122 ? -6.718  3.316   10.550  1.00 8.56  ? 140 ARG A CD  1 
ATOM   936  N  NE  . ARG A 1 122 ? -8.019  3.318   11.233  1.00 11.80 ? 140 ARG A NE  1 
ATOM   937  C  CZ  . ARG A 1 122 ? -9.141  3.831   10.726  1.00 12.75 ? 140 ARG A CZ  1 
ATOM   938  N  NH1 . ARG A 1 122 ? -9.156  4.375   9.508   1.00 12.79 ? 140 ARG A NH1 1 
ATOM   939  N  NH2 . ARG A 1 122 ? -10.263 3.797   11.437  1.00 13.88 ? 140 ARG A NH2 1 
ATOM   940  N  N   . PHE A 1 123 ? -2.142  2.310   7.990   1.00 7.69  ? 141 PHE A N   1 
ATOM   941  C  CA  . PHE A 1 123 ? -0.967  2.846   7.318   1.00 8.07  ? 141 PHE A CA  1 
ATOM   942  C  C   . PHE A 1 123 ? -0.156  1.737   6.681   1.00 8.20  ? 141 PHE A C   1 
ATOM   943  O  O   . PHE A 1 123 ? -0.393  0.557   6.931   1.00 7.90  ? 141 PHE A O   1 
ATOM   944  C  CB  . PHE A 1 123 ? -0.087  3.708   8.249   1.00 7.86  ? 141 PHE A CB  1 
ATOM   945  C  CG  . PHE A 1 123 ? 0.600   2.936   9.356   1.00 8.49  ? 141 PHE A CG  1 
ATOM   946  C  CD1 . PHE A 1 123 ? 1.923   2.521   9.216   1.00 9.24  ? 141 PHE A CD1 1 
ATOM   947  C  CD2 . PHE A 1 123 ? -0.056  2.678   10.550  1.00 9.44  ? 141 PHE A CD2 1 
ATOM   948  C  CE1 . PHE A 1 123 ? 2.576   1.832   10.232  1.00 9.85  ? 141 PHE A CE1 1 
ATOM   949  C  CE2 . PHE A 1 123 ? 0.584   1.974   11.585  1.00 9.74  ? 141 PHE A CE2 1 
ATOM   950  C  CZ  . PHE A 1 123 ? 1.904   1.556   11.421  1.00 9.24  ? 141 PHE A CZ  1 
ATOM   951  N  N   . ILE A 1 124 ? 0.786   2.135   5.839   1.00 8.38  ? 142 ILE A N   1 
ATOM   952  C  CA  . ILE A 1 124 ? 1.674   1.189   5.191   1.00 9.11  ? 142 ILE A CA  1 
ATOM   953  C  C   . ILE A 1 124 ? 3.136   1.465   5.559   1.00 9.29  ? 142 ILE A C   1 
ATOM   954  O  O   . ILE A 1 124 ? 3.502   2.568   5.978   1.00 9.67  ? 142 ILE A O   1 
ATOM   955  C  CB  . ILE A 1 124 ? 1.502   1.187   3.635   1.00 9.18  ? 142 ILE A CB  1 
ATOM   956  C  CG1 . ILE A 1 124 ? 2.048   2.478   3.015   1.00 9.64  ? 142 ILE A CG1 1 
ATOM   957  C  CG2 . ILE A 1 124 ? 0.017   0.905   3.239   1.00 8.87  ? 142 ILE A CG2 1 
ATOM   958  C  CD1 . ILE A 1 124 ? 2.276   2.427   1.456   1.00 9.47  ? 142 ILE A CD1 1 
ATOM   959  N  N   . SER A 1 125 ? 3.964   0.449   5.370   1.00 9.83  ? 143 SER A N   1 
ATOM   960  C  CA  . SER A 1 125 ? 5.404   0.567   5.524   1.00 10.11 ? 143 SER A CA  1 
ATOM   961  C  C   . SER A 1 125 ? 6.018   -0.257  4.394   1.00 10.47 ? 143 SER A C   1 
ATOM   962  O  O   . SER A 1 125 ? 5.297   -0.835  3.576   1.00 9.79  ? 143 SER A O   1 
ATOM   963  C  CB  . SER A 1 125 ? 5.844   0.041   6.895   1.00 10.23 ? 143 SER A CB  1 
ATOM   964  O  OG  . SER A 1 125 ? 5.458   -1.316  7.090   1.00 10.82 ? 143 SER A OG  1 
ATOM   965  N  N   . GLY A 1 126 ? 7.343   -0.307  4.334   1.00 10.90 ? 144 GLY A N   1 
ATOM   966  C  CA  . GLY A 1 126 ? 7.992   -1.192  3.381   1.00 11.34 ? 144 GLY A CA  1 
ATOM   967  C  C   . GLY A 1 126 ? 9.420   -0.786  3.183   1.00 11.95 ? 144 GLY A C   1 
ATOM   968  O  O   . GLY A 1 126 ? 10.043  -0.224  4.090   1.00 12.08 ? 144 GLY A O   1 
ATOM   969  N  N   . ARG A 1 127 ? 9.933   -1.081  1.991   1.00 12.56 ? 145 ARG A N   1 
ATOM   970  C  CA  . ARG A 1 127 ? 11.296  -0.735  1.601   1.00 13.52 ? 145 ARG A CA  1 
ATOM   971  C  C   . ARG A 1 127 ? 11.235  -0.151  0.199   1.00 13.02 ? 145 ARG A C   1 
ATOM   972  O  O   . ARG A 1 127 ? 10.443  -0.615  -0.627  1.00 12.46 ? 145 ARG A O   1 
ATOM   973  C  CB  . ARG A 1 127 ? 12.186  -1.984  1.590   1.00 13.88 ? 145 ARG A CB  1 
ATOM   974  C  CG  . ARG A 1 127 ? 12.164  -2.801  2.883   1.00 15.75 ? 145 ARG A CG  1 
ATOM   975  C  CD  . ARG A 1 127 ? 13.074  -4.032  2.789   1.00 16.04 ? 145 ARG A CD  1 
ATOM   976  N  NE  . ARG A 1 127 ? 14.469  -3.638  2.591   1.00 23.81 ? 145 ARG A NE  1 
ATOM   977  C  CZ  . ARG A 1 127 ? 15.343  -3.381  3.565   1.00 26.23 ? 145 ARG A CZ  1 
ATOM   978  N  NH1 . ARG A 1 127 ? 14.993  -3.498  4.841   1.00 27.68 ? 145 ARG A NH1 1 
ATOM   979  N  NH2 . ARG A 1 127 ? 16.586  -3.024  3.256   1.00 28.28 ? 145 ARG A NH2 1 
ATOM   980  N  N   . SER A 1 128 ? 12.063  0.858   -0.073  1.00 12.79 ? 146 SER A N   1 
ATOM   981  C  CA  . SER A 1 128 ? 12.123  1.439   -1.412  1.00 13.02 ? 146 SER A CA  1 
ATOM   982  C  C   . SER A 1 128 ? 13.514  1.925   -1.812  1.00 12.92 ? 146 SER A C   1 
ATOM   983  O  O   . SER A 1 128 ? 14.397  2.107   -0.963  1.00 13.09 ? 146 SER A O   1 
ATOM   984  C  CB  . SER A 1 128 ? 11.100  2.573   -1.570  1.00 12.60 ? 146 SER A CB  1 
ATOM   985  O  OG  . SER A 1 128 ? 11.464  3.690   -0.787  1.00 14.55 ? 146 SER A OG  1 
ATOM   986  N  N   . GLY A 1 129 ? 13.685  2.117   -3.114  1.00 12.58 ? 147 GLY A N   1 
ATOM   987  C  CA  . GLY A 1 129 ? 14.891  2.719   -3.706  1.00 13.02 ? 147 GLY A CA  1 
ATOM   988  C  C   . GLY A 1 129 ? 14.439  3.365   -4.997  1.00 13.03 ? 147 GLY A C   1 
ATOM   989  O  O   . GLY A 1 129 ? 13.665  4.323   -4.972  1.00 13.33 ? 147 GLY A O   1 
ATOM   990  N  N   . SER A 1 130 ? 14.884  2.828   -6.129  1.00 12.99 ? 148 SER A N   1 
ATOM   991  C  CA  . SER A 1 130 ? 14.354  3.260   -7.426  1.00 13.13 ? 148 SER A CA  1 
ATOM   992  C  C   . SER A 1 130 ? 12.984  2.624   -7.696  1.00 12.71 ? 148 SER A C   1 
ATOM   993  O  O   . SER A 1 130 ? 12.257  3.064   -8.587  1.00 12.91 ? 148 SER A O   1 
ATOM   994  C  CB  . SER A 1 130 ? 15.330  2.935   -8.563  1.00 13.29 ? 148 SER A CB  1 
ATOM   995  O  OG  . SER A 1 130 ? 15.310  1.551   -8.872  1.00 14.96 ? 148 SER A OG  1 
ATOM   996  N  N   . LEU A 1 131 ? 12.661  1.588   -6.917  1.00 12.53 ? 149 LEU A N   1 
ATOM   997  C  CA  . LEU A 1 131 ? 11.399  0.876   -6.993  1.00 12.06 ? 149 LEU A CA  1 
ATOM   998  C  C   . LEU A 1 131 ? 10.834  0.675   -5.594  1.00 12.07 ? 149 LEU A C   1 
ATOM   999  O  O   . LEU A 1 131 ? 11.452  1.073   -4.599  1.00 11.87 ? 149 LEU A O   1 
ATOM   1000 C  CB  . LEU A 1 131 ? 11.605  -0.493  -7.654  1.00 12.37 ? 149 LEU A CB  1 
ATOM   1001 C  CG  . LEU A 1 131 ? 12.160  -0.528  -9.086  1.00 12.72 ? 149 LEU A CG  1 
ATOM   1002 C  CD1 . LEU A 1 131 ? 12.423  -1.961  -9.491  1.00 14.11 ? 149 LEU A CD1 1 
ATOM   1003 C  CD2 . LEU A 1 131 ? 11.221  0.139   -10.090 1.00 13.64 ? 149 LEU A CD2 1 
ATOM   1004 N  N   . ILE A 1 132 ? 9.667   0.039   -5.517  1.00 11.56 ? 150 ILE A N   1 
ATOM   1005 C  CA  . ILE A 1 132 ? 9.168   -0.448  -4.236  1.00 11.02 ? 150 ILE A CA  1 
ATOM   1006 C  C   . ILE A 1 132 ? 9.669   -1.877  -4.066  1.00 11.27 ? 150 ILE A C   1 
ATOM   1007 O  O   . ILE A 1 132 ? 9.213   -2.786  -4.757  1.00 11.29 ? 150 ILE A O   1 
ATOM   1008 C  CB  . ILE A 1 132 ? 7.612   -0.382  -4.122  1.00 10.76 ? 150 ILE A CB  1 
ATOM   1009 C  CG1 . ILE A 1 132 ? 7.113   1.067   -4.279  1.00 9.63  ? 150 ILE A CG1 1 
ATOM   1010 C  CG2 . ILE A 1 132 ? 7.139   -0.987  -2.762  1.00 9.90  ? 150 ILE A CG2 1 
ATOM   1011 C  CD1 . ILE A 1 132 ? 7.711   2.068   -3.268  1.00 10.21 ? 150 ILE A CD1 1 
ATOM   1012 N  N   . ASP A 1 133 ? 10.624  -2.066  -3.163  1.00 11.46 ? 151 ASP A N   1 
ATOM   1013 C  CA  . ASP A 1 133 ? 11.214  -3.391  -2.950  1.00 11.94 ? 151 ASP A CA  1 
ATOM   1014 C  C   . ASP A 1 133 ? 10.282  -4.306  -2.152  1.00 11.91 ? 151 ASP A C   1 
ATOM   1015 O  O   . ASP A 1 133 ? 10.265  -5.521  -2.356  1.00 11.92 ? 151 ASP A O   1 
ATOM   1016 C  CB  . ASP A 1 133 ? 12.554  -3.272  -2.222  1.00 12.26 ? 151 ASP A CB  1 
ATOM   1017 C  CG  . ASP A 1 133 ? 13.608  -2.561  -3.045  1.00 13.61 ? 151 ASP A CG  1 
ATOM   1018 O  OD1 . ASP A 1 133 ? 14.461  -3.257  -3.646  1.00 15.13 ? 151 ASP A OD1 1 
ATOM   1019 O  OD2 . ASP A 1 133 ? 13.603  -1.317  -3.080  1.00 13.63 ? 151 ASP A OD2 1 
ATOM   1020 N  N   . ALA A 1 134 ? 9.514   -3.718  -1.235  1.00 11.69 ? 152 ALA A N   1 
ATOM   1021 C  CA  . ALA A 1 134 ? 8.661   -4.500  -0.340  1.00 11.30 ? 152 ALA A CA  1 
ATOM   1022 C  C   . ALA A 1 134 ? 7.562   -3.623  0.242   1.00 11.08 ? 152 ALA A C   1 
ATOM   1023 O  O   . ALA A 1 134 ? 7.703   -2.401  0.298   1.00 10.94 ? 152 ALA A O   1 
ATOM   1024 C  CB  . ALA A 1 134 ? 9.494   -5.131  0.793   1.00 11.29 ? 152 ALA A CB  1 
ATOM   1025 N  N   . ILE A 1 135 ? 6.475   -4.255  0.676   1.00 10.82 ? 153 ILE A N   1 
ATOM   1026 C  CA  . ILE A 1 135 ? 5.375   -3.528  1.318   1.00 10.48 ? 153 ILE A CA  1 
ATOM   1027 C  C   . ILE A 1 135 ? 4.862   -4.287  2.539   1.00 9.98  ? 153 ILE A C   1 
ATOM   1028 O  O   . ILE A 1 135 ? 4.883   -5.518  2.560   1.00 9.99  ? 153 ILE A O   1 
ATOM   1029 C  CB  . ILE A 1 135 ? 4.223   -3.235  0.321   1.00 10.59 ? 153 ILE A CB  1 
ATOM   1030 C  CG1 . ILE A 1 135 ? 3.251   -2.189  0.906   1.00 11.18 ? 153 ILE A CG1 1 
ATOM   1031 C  CG2 . ILE A 1 135 ? 3.510   -4.531  -0.107  1.00 10.75 ? 153 ILE A CG2 1 
ATOM   1032 C  CD1 . ILE A 1 135 ? 2.303   -1.567  -0.108  1.00 10.20 ? 153 ILE A CD1 1 
ATOM   1033 N  N   . GLY A 1 136 ? 4.427   -3.531  3.545   1.00 9.94  ? 154 GLY A N   1 
ATOM   1034 C  CA  . GLY A 1 136 ? 3.787   -4.063  4.747   1.00 9.33  ? 154 GLY A CA  1 
ATOM   1035 C  C   . GLY A 1 136 ? 2.506   -3.285  5.021   1.00 9.15  ? 154 GLY A C   1 
ATOM   1036 O  O   . GLY A 1 136 ? 2.442   -2.076  4.775   1.00 8.69  ? 154 GLY A O   1 
ATOM   1037 N  N   . LEU A 1 137 ? 1.489   -3.984  5.517   1.00 8.63  ? 155 LEU A N   1 
ATOM   1038 C  CA  . LEU A 1 137 ? 0.180   -3.382  5.777   1.00 8.93  ? 155 LEU A CA  1 
ATOM   1039 C  C   . LEU A 1 137 ? -0.081  -3.419  7.261   1.00 8.50  ? 155 LEU A C   1 
ATOM   1040 O  O   . LEU A 1 137 ? 0.068   -4.466  7.886   1.00 8.59  ? 155 LEU A O   1 
ATOM   1041 C  CB  . LEU A 1 137 ? -0.943  -4.141  5.058   1.00 8.76  ? 155 LEU A CB  1 
ATOM   1042 C  CG  . LEU A 1 137 ? -1.028  -4.212  3.522   1.00 10.68 ? 155 LEU A CG  1 
ATOM   1043 C  CD1 . LEU A 1 137 ? -0.573  -2.908  2.844   1.00 9.81  ? 155 LEU A CD1 1 
ATOM   1044 C  CD2 . LEU A 1 137 ? -0.269  -5.400  2.979   1.00 11.87 ? 155 LEU A CD2 1 
ATOM   1045 N  N   . HIS A 1 138 ? -0.475  -2.279  7.816   1.00 8.20  ? 156 HIS A N   1 
ATOM   1046 C  CA  . HIS A 1 138 ? -0.740  -2.180  9.242   1.00 8.23  ? 156 HIS A CA  1 
ATOM   1047 C  C   . HIS A 1 138 ? -2.222  -1.911  9.479   1.00 8.15  ? 156 HIS A C   1 
ATOM   1048 O  O   . HIS A 1 138 ? -2.753  -0.914  9.004   1.00 8.20  ? 156 HIS A O   1 
ATOM   1049 C  CB  . HIS A 1 138 ? 0.107   -1.069  9.858   1.00 8.38  ? 156 HIS A CB  1 
ATOM   1050 C  CG  . HIS A 1 138 ? 1.581   -1.296  9.731   1.00 8.42  ? 156 HIS A CG  1 
ATOM   1051 N  ND1 . HIS A 1 138 ? 2.363   -1.701  10.794  1.00 7.75  ? 156 HIS A ND1 1 
ATOM   1052 C  CD2 . HIS A 1 138 ? 2.415   -1.178  8.671   1.00 8.55  ? 156 HIS A CD2 1 
ATOM   1053 C  CE1 . HIS A 1 138 ? 3.620   -1.811  10.397  1.00 9.78  ? 156 HIS A CE1 1 
ATOM   1054 N  NE2 . HIS A 1 138 ? 3.680   -1.499  9.112   1.00 8.77  ? 156 HIS A NE2 1 
ATOM   1055 N  N   . TRP A 1 139 ? -2.857  -2.815  10.218  1.00 8.30  ? 157 TRP A N   1 
ATOM   1056 C  CA  . TRP A 1 139 ? -4.287  -2.804  10.490  1.00 8.52  ? 157 TRP A CA  1 
ATOM   1057 C  C   . TRP A 1 139 ? -4.559  -2.301  11.902  1.00 9.24  ? 157 TRP A C   1 
ATOM   1058 O  O   . TRP A 1 139 ? -3.772  -2.561  12.812  1.00 9.04  ? 157 TRP A O   1 
ATOM   1059 C  CB  . TRP A 1 139 ? -4.839  -4.228  10.387  1.00 8.77  ? 157 TRP A CB  1 
ATOM   1060 C  CG  . TRP A 1 139 ? -4.403  -4.949  9.143   1.00 8.24  ? 157 TRP A CG  1 
ATOM   1061 C  CD1 . TRP A 1 139 ? -3.357  -5.824  9.014   1.00 8.87  ? 157 TRP A CD1 1 
ATOM   1062 C  CD2 . TRP A 1 139 ? -5.011  -4.852  7.852   1.00 8.64  ? 157 TRP A CD2 1 
ATOM   1063 N  NE1 . TRP A 1 139 ? -3.276  -6.278  7.712   1.00 8.94  ? 157 TRP A NE1 1 
ATOM   1064 C  CE2 . TRP A 1 139 ? -4.274  -5.693  6.976   1.00 9.11  ? 157 TRP A CE2 1 
ATOM   1065 C  CE3 . TRP A 1 139 ? -6.104  -4.135  7.349   1.00 8.17  ? 157 TRP A CE3 1 
ATOM   1066 C  CZ2 . TRP A 1 139 ? -4.600  -5.839  5.621   1.00 9.95  ? 157 TRP A CZ2 1 
ATOM   1067 C  CZ3 . TRP A 1 139 ? -6.432  -4.277  5.992   1.00 9.34  ? 157 TRP A CZ3 1 
ATOM   1068 C  CH2 . TRP A 1 139 ? -5.676  -5.128  5.148   1.00 9.41  ? 157 TRP A CH2 1 
ATOM   1069 N  N   . ASP A 1 140 ? -5.673  -1.595  12.086  1.00 9.60  ? 158 ASP A N   1 
ATOM   1070 C  CA  . ASP A 1 140 ? -6.083  -1.155  13.421  1.00 11.07 ? 158 ASP A CA  1 
ATOM   1071 C  C   . ASP A 1 140 ? -7.525  -0.671  13.409  1.00 11.84 ? 158 ASP A C   1 
ATOM   1072 O  O   . ASP A 1 140 ? -8.150  -0.571  12.340  1.00 11.00 ? 158 ASP A O   1 
ATOM   1073 C  CB  . ASP A 1 140 ? -5.164  -0.041  13.947  1.00 11.21 ? 158 ASP A CB  1 
ATOM   1074 C  CG  . ASP A 1 140 ? -4.912  -0.141  15.454  1.00 13.45 ? 158 ASP A CG  1 
ATOM   1075 O  OD1 . ASP A 1 140 ? -5.720  -0.782  16.165  1.00 13.64 ? 158 ASP A OD1 1 
ATOM   1076 O  OD2 . ASP A 1 140 ? -3.902  0.435   15.935  1.00 15.40 ? 158 ASP A OD2 1 
ATOM   1077 N  N   . VAL A 1 141 ? -8.047  -0.359  14.599  1.00 12.92 ? 159 VAL A N   1 
ATOM   1078 C  CA  . VAL A 1 141 ? -9.390  0.215   14.726  1.00 14.61 ? 159 VAL A CA  1 
ATOM   1079 C  C   . VAL A 1 141 ? -9.480  1.583   14.040  1.00 15.31 ? 159 VAL A C   1 
ATOM   1080 O  O   . VAL A 1 141 ? -8.478  2.290   13.924  1.00 16.00 ? 159 VAL A O   1 
ATOM   1081 C  CB  . VAL A 1 141 ? -9.848  0.340   16.208  1.00 14.42 ? 159 VAL A CB  1 
ATOM   1082 C  CG1 . VAL A 1 141 ? -9.958  -1.023  16.843  1.00 16.25 ? 159 VAL A CG1 1 
ATOM   1083 C  CG2 . VAL A 1 141 ? -8.902  1.230   17.011  1.00 15.92 ? 159 VAL A CG2 1 
ATOM   1084 O  OXT . VAL A 1 141 ? -10.546 2.006   13.571  1.00 16.01 ? 159 VAL A OXT 1 
HETATM 1085 C  C1  . MAN B 2 .   ? 18.439  0.175   -10.693 1.00 36.15 ? 1   MAN B C1  1 
HETATM 1086 C  C2  . MAN B 2 .   ? 18.428  -0.224  -9.214  1.00 35.25 ? 1   MAN B C2  1 
HETATM 1087 C  C3  . MAN B 2 .   ? 18.848  0.935   -8.295  1.00 34.93 ? 1   MAN B C3  1 
HETATM 1088 C  C4  . MAN B 2 .   ? 20.119  1.632   -8.773  1.00 36.15 ? 1   MAN B C4  1 
HETATM 1089 C  C5  . MAN B 2 .   ? 19.996  2.028   -10.244 1.00 37.01 ? 1   MAN B C5  1 
HETATM 1090 C  C6  . MAN B 2 .   ? 21.319  2.591   -10.762 1.00 37.91 ? 1   MAN B C6  1 
HETATM 1091 O  O1  . MAN B 2 .   ? 17.273  0.936   -11.026 1.00 36.62 ? 1   MAN B O1  1 
HETATM 1092 O  O2  . MAN B 2 .   ? 19.291  -1.356  -9.056  1.00 35.08 ? 1   MAN B O2  1 
HETATM 1093 O  O3  . MAN B 2 .   ? 19.021  0.506   -6.931  1.00 30.63 ? 1   MAN B O3  1 
HETATM 1094 O  O4  . MAN B 2 .   ? 20.342  2.785   -7.952  1.00 37.20 ? 1   MAN B O4  1 
HETATM 1095 O  O5  . MAN B 2 .   ? 19.632  0.895   -11.047 1.00 36.88 ? 1   MAN B O5  1 
HETATM 1096 O  O6  . MAN B 2 .   ? 22.109  1.541   -11.346 1.00 39.23 ? 1   MAN B O6  1 
HETATM 1097 C  C1  . MAN B 2 .   ? 18.298  1.025   -5.928  1.00 24.14 ? 2   MAN B C1  1 
HETATM 1098 C  C2  . MAN B 2 .   ? 18.808  0.613   -4.547  1.00 23.05 ? 2   MAN B C2  1 
HETATM 1099 C  C3  . MAN B 2 .   ? 18.495  -0.860  -4.295  1.00 22.49 ? 2   MAN B C3  1 
HETATM 1100 C  C4  . MAN B 2 .   ? 17.001  -1.144  -4.486  1.00 20.47 ? 2   MAN B C4  1 
HETATM 1101 C  C5  . MAN B 2 .   ? 16.552  -0.612  -5.856  1.00 19.33 ? 2   MAN B C5  1 
HETATM 1102 C  C6  . MAN B 2 .   ? 15.072  -0.837  -6.153  1.00 17.04 ? 2   MAN B C6  1 
HETATM 1103 O  O2  . MAN B 2 .   ? 18.175  1.406   -3.534  1.00 23.84 ? 2   MAN B O2  1 
HETATM 1104 O  O3  . MAN B 2 .   ? 18.931  -1.230  -2.988  1.00 23.79 ? 2   MAN B O3  1 
HETATM 1105 O  O4  . MAN B 2 .   ? 16.770  -2.554  -4.402  1.00 21.26 ? 2   MAN B O4  1 
HETATM 1106 O  O5  . MAN B 2 .   ? 16.881  0.784   -5.982  1.00 19.82 ? 2   MAN B O5  1 
HETATM 1107 O  O6  . MAN B 2 .   ? 14.276  -0.115  -5.212  1.00 13.98 ? 2   MAN B O6  1 
HETATM 1108 CL CL  . CL  C 3 .   ? -2.324  -15.126 -2.544  1.00 13.79 ? 203 CL  A CL  1 
HETATM 1109 CL CL  . CL  D 3 .   ? -0.062  -14.657 1.453   1.00 20.27 ? 204 CL  A CL  1 
HETATM 1110 O  O   . HOH E 4 .   ? -6.024  -6.186  13.233  1.00 9.91  ? 301 HOH A O   1 
HETATM 1111 O  O   . HOH E 4 .   ? -1.420  -1.037  13.102  1.00 14.16 ? 302 HOH A O   1 
HETATM 1112 O  O   . HOH E 4 .   ? 12.362  -4.823  6.248   1.00 43.14 ? 303 HOH A O   1 
HETATM 1113 O  O   . HOH E 4 .   ? 1.071   -2.063  13.123  1.00 16.75 ? 304 HOH A O   1 
HETATM 1114 O  O   . HOH E 4 .   ? 7.056   -3.306  6.363   1.00 16.23 ? 305 HOH A O   1 
HETATM 1115 O  O   . HOH E 4 .   ? -2.433  -11.041 6.735   1.00 21.84 ? 306 HOH A O   1 
HETATM 1116 O  O   . HOH E 4 .   ? -2.680  -8.998  10.143  1.00 22.60 ? 307 HOH A O   1 
HETATM 1117 O  O   . HOH E 4 .   ? -0.823  -10.833 10.971  1.00 33.49 ? 308 HOH A O   1 
HETATM 1118 O  O   . HOH E 4 .   ? 0.362   -9.009  13.813  1.00 11.64 ? 309 HOH A O   1 
HETATM 1119 O  O   . HOH E 4 .   ? -12.582 11.691  2.859   1.00 36.87 ? 310 HOH A O   1 
HETATM 1120 O  O   . HOH E 4 .   ? 17.175  -7.299  -4.146  1.00 34.21 ? 311 HOH A O   1 
HETATM 1121 O  O   . HOH E 4 .   ? 14.616  -5.759  -3.393  1.00 28.28 ? 312 HOH A O   1 
HETATM 1122 O  O   . HOH E 4 .   ? 17.953  -4.146  -6.213  1.00 27.59 ? 313 HOH A O   1 
HETATM 1123 O  O   . HOH E 4 .   ? 16.557  0.323   6.204   1.00 19.91 ? 314 HOH A O   1 
HETATM 1124 O  O   . HOH E 4 .   ? 12.569  4.354   1.809   1.00 19.31 ? 315 HOH A O   1 
HETATM 1125 O  O   . HOH E 4 .   ? 12.930  5.354   -2.546  1.00 18.02 ? 316 HOH A O   1 
HETATM 1126 O  O   . HOH E 4 .   ? 9.903   6.557   6.504   1.00 21.22 ? 317 HOH A O   1 
HETATM 1127 O  O   . HOH E 4 .   ? 8.881   0.128   9.042   1.00 22.97 ? 318 HOH A O   1 
HETATM 1128 O  O   . HOH E 4 .   ? 6.376   0.685   10.670  1.00 12.32 ? 319 HOH A O   1 
HETATM 1129 O  O   . HOH E 4 .   ? 7.885   5.857   11.622  1.00 35.51 ? 320 HOH A O   1 
HETATM 1130 O  O   . HOH E 4 .   ? 5.739   9.857   5.383   1.00 22.55 ? 321 HOH A O   1 
HETATM 1131 O  O   . HOH E 4 .   ? 6.749   8.506   3.307   1.00 17.86 ? 322 HOH A O   1 
HETATM 1132 O  O   . HOH E 4 .   ? 4.813   7.833   0.504   1.00 16.38 ? 323 HOH A O   1 
HETATM 1133 O  O   . HOH E 4 .   ? 0.304   12.337  5.953   1.00 15.38 ? 324 HOH A O   1 
HETATM 1134 O  O   . HOH E 4 .   ? 5.218   -0.174  13.306  1.00 8.26  ? 325 HOH A O   1 
HETATM 1135 O  O   . HOH E 4 .   ? -1.875  1.187   14.362  1.00 23.20 ? 326 HOH A O   1 
HETATM 1136 O  O   . HOH E 4 .   ? -4.957  6.044   8.945   1.00 10.59 ? 327 HOH A O   1 
HETATM 1137 O  O   . HOH E 4 .   ? -5.956  16.007  7.547   1.00 20.00 ? 328 HOH A O   1 
HETATM 1138 O  O   . HOH E 4 .   ? -9.068  12.929  10.828  1.00 13.04 ? 329 HOH A O   1 
HETATM 1139 O  O   . HOH E 4 .   ? -13.243 6.371   7.673   1.00 29.62 ? 330 HOH A O   1 
HETATM 1140 O  O   . HOH E 4 .   ? -11.145 4.501   7.211   1.00 14.71 ? 331 HOH A O   1 
HETATM 1141 O  O   . HOH E 4 .   ? -7.310  4.429   7.458   1.00 7.50  ? 332 HOH A O   1 
HETATM 1142 O  O   . HOH E 4 .   ? -9.669  4.715   5.035   1.00 14.40 ? 333 HOH A O   1 
HETATM 1143 O  O   . HOH E 4 .   ? -8.584  2.021   5.074   1.00 11.96 ? 334 HOH A O   1 
HETATM 1144 O  O   . HOH E 4 .   ? -13.021 8.523   5.286   1.00 22.10 ? 335 HOH A O   1 
HETATM 1145 O  O   . HOH E 4 .   ? -11.697 7.170   3.209   1.00 17.83 ? 336 HOH A O   1 
HETATM 1146 O  O   . HOH E 4 .   ? 9.814   -2.039  -14.910 1.00 22.41 ? 337 HOH A O   1 
HETATM 1147 O  O   . HOH E 4 .   ? 12.587  4.252   -10.986 1.00 15.81 ? 338 HOH A O   1 
HETATM 1148 O  O   . HOH E 4 .   ? 14.333  6.735   -10.422 1.00 18.79 ? 339 HOH A O   1 
HETATM 1149 O  O   . HOH E 4 .   ? 16.390  10.502  -8.602  1.00 24.63 ? 340 HOH A O   1 
HETATM 1150 O  O   . HOH E 4 .   ? 8.477   10.821  -12.664 1.00 17.90 ? 341 HOH A O   1 
HETATM 1151 O  O   . HOH E 4 .   ? 9.261   12.744  -8.742  1.00 15.44 ? 342 HOH A O   1 
HETATM 1152 O  O   . HOH E 4 .   ? 10.155  12.618  -11.530 1.00 25.10 ? 343 HOH A O   1 
HETATM 1153 O  O   . HOH E 4 .   ? 7.275   11.203  -7.827  1.00 19.82 ? 344 HOH A O   1 
HETATM 1154 O  O   . HOH E 4 .   ? -1.834  -0.200  -13.287 1.00 14.37 ? 345 HOH A O   1 
HETATM 1155 O  O   . HOH E 4 .   ? -10.311 8.934   -8.222  1.00 19.59 ? 346 HOH A O   1 
HETATM 1156 O  O   . HOH E 4 .   ? -7.853  16.841  -3.801  1.00 34.17 ? 347 HOH A O   1 
HETATM 1157 O  O   . HOH E 4 .   ? -12.801 7.075   -6.906  1.00 17.60 ? 348 HOH A O   1 
HETATM 1158 O  O   . HOH E 4 .   ? -3.444  -9.297  -6.675  1.00 19.11 ? 349 HOH A O   1 
HETATM 1159 O  O   . HOH E 4 .   ? -9.845  -4.086  -10.156 1.00 19.11 ? 350 HOH A O   1 
HETATM 1160 O  O   . HOH E 4 .   ? -8.900  -6.886  -9.175  1.00 26.98 ? 351 HOH A O   1 
HETATM 1161 O  O   . HOH E 4 .   ? -1.623  -6.010  18.313  1.00 36.79 ? 352 HOH A O   1 
HETATM 1162 O  O   . HOH E 4 .   ? -10.981 -4.962  17.442  1.00 27.56 ? 353 HOH A O   1 
HETATM 1163 O  O   . HOH E 4 .   ? 6.541   -5.553  13.687  1.00 10.73 ? 354 HOH A O   1 
HETATM 1164 O  O   . HOH E 4 .   ? 4.560   -3.268  13.254  1.00 24.40 ? 355 HOH A O   1 
HETATM 1165 O  O   . HOH E 4 .   ? 2.300   -3.794  14.686  1.00 27.42 ? 356 HOH A O   1 
HETATM 1166 O  O   . HOH E 4 .   ? 4.122   -7.143  14.529  1.00 29.48 ? 357 HOH A O   1 
HETATM 1167 O  O   . HOH E 4 .   ? 3.427   -9.408  13.192  1.00 32.39 ? 358 HOH A O   1 
HETATM 1168 O  O   . HOH E 4 .   ? 1.436   -6.184  15.040  1.00 42.69 ? 359 HOH A O   1 
HETATM 1169 O  O   . HOH E 4 .   ? -6.358  3.222   15.056  1.00 19.75 ? 360 HOH A O   1 
HETATM 1170 O  O   . HOH E 4 .   ? 2.359   -11.317 7.386   1.00 27.74 ? 361 HOH A O   1 
HETATM 1171 O  O   . HOH E 4 .   ? -0.183  -16.992 -0.939  1.00 14.34 ? 362 HOH A O   1 
HETATM 1172 O  O   . HOH E 4 .   ? 3.512   -17.943 -2.156  1.00 37.51 ? 363 HOH A O   1 
HETATM 1173 O  O   . HOH E 4 .   ? 0.437   -17.366 -8.140  1.00 24.53 ? 364 HOH A O   1 
HETATM 1174 O  O   . HOH E 4 .   ? 19.278  1.620   -1.118  1.00 35.35 ? 365 HOH A O   1 
HETATM 1175 O  O   . HOH E 4 .   ? 20.482  -2.804  -6.942  1.00 36.38 ? 366 HOH A O   1 
HETATM 1176 O  O   . HOH E 4 .   ? 16.175  4.669   -0.937  1.00 29.19 ? 367 HOH A O   1 
HETATM 1177 O  O   . HOH E 4 .   ? 9.724   -1.164  6.726   1.00 29.43 ? 368 HOH A O   1 
HETATM 1178 O  O   . HOH E 4 .   ? 11.816  -5.066  8.838   1.00 23.27 ? 369 HOH A O   1 
HETATM 1179 O  O   . HOH E 4 .   ? 11.675  -4.253  12.049  1.00 18.68 ? 370 HOH A O   1 
HETATM 1180 O  O   . HOH E 4 .   ? 9.278   7.934   4.149   1.00 35.83 ? 371 HOH A O   1 
HETATM 1181 O  O   . HOH E 4 .   ? 5.395   12.141  5.300   1.00 21.94 ? 372 HOH A O   1 
HETATM 1182 O  O   . HOH E 4 .   ? -15.303 2.467   6.695   1.00 20.01 ? 373 HOH A O   1 
HETATM 1183 O  O   . HOH E 4 .   ? 13.522  1.652   -13.253 1.00 35.47 ? 374 HOH A O   1 
HETATM 1184 O  O   . HOH E 4 .   ? 9.285   -5.048  -22.334 1.00 32.12 ? 375 HOH A O   1 
HETATM 1185 O  O   . HOH E 4 .   ? 4.038   -8.225  -16.080 1.00 31.04 ? 376 HOH A O   1 
HETATM 1186 O  O   . HOH E 4 .   ? -10.252 17.085  0.915   1.00 21.37 ? 377 HOH A O   1 
HETATM 1187 O  O   . HOH E 4 .   ? -10.426 14.981  2.222   1.00 25.43 ? 378 HOH A O   1 
HETATM 1188 O  O   . HOH E 4 .   ? 2.740   -14.953 -0.461  1.00 35.11 ? 379 HOH A O   1 
HETATM 1189 O  O   . HOH E 4 .   ? -4.948  15.430  -3.832  1.00 36.21 ? 380 HOH A O   1 
HETATM 1190 O  O   . HOH E 4 .   ? -2.359  17.703  -6.193  1.00 27.80 ? 381 HOH A O   1 
HETATM 1191 O  O   . HOH E 4 .   ? -4.998  19.070  1.798   1.00 23.76 ? 382 HOH A O   1 
HETATM 1192 O  O   . HOH E 4 .   ? -5.204  20.185  4.361   1.00 23.61 ? 383 HOH A O   1 
HETATM 1193 O  O   . HOH E 4 .   ? 2.066   16.608  1.723   1.00 23.88 ? 384 HOH A O   1 
HETATM 1194 O  O   . HOH E 4 .   ? -7.461  22.214  5.872   1.00 39.57 ? 385 HOH A O   1 
HETATM 1195 O  O   . HOH E 4 .   ? -8.236  19.679  8.007   1.00 36.63 ? 386 HOH A O   1 
HETATM 1196 O  O   . HOH E 4 .   ? 3.416   14.285  4.703   1.00 26.35 ? 387 HOH A O   1 
HETATM 1197 O  O   . HOH E 4 .   ? 10.175  13.068  -4.026  1.00 26.57 ? 388 HOH A O   1 
HETATM 1198 O  O   . HOH E 4 .   ? 10.548  12.538  -1.401  1.00 34.63 ? 389 HOH A O   1 
HETATM 1199 O  O   . HOH E 4 .   ? 11.959  9.676   -5.879  1.00 18.28 ? 390 HOH A O   1 
HETATM 1200 O  O   . HOH E 4 .   ? -2.935  10.220  -12.283 1.00 25.95 ? 391 HOH A O   1 
HETATM 1201 O  O   . HOH E 4 .   ? -4.956  6.813   -12.447 1.00 27.63 ? 392 HOH A O   1 
HETATM 1202 O  O   . HOH E 4 .   ? -15.339 -6.093  0.077   1.00 30.57 ? 393 HOH A O   1 
HETATM 1203 O  O   . HOH E 4 .   ? -13.135 -8.399  4.564   1.00 29.29 ? 394 HOH A O   1 
HETATM 1204 O  O   . HOH E 4 .   ? -2.143  -11.539 -6.047  1.00 35.36 ? 395 HOH A O   1 
HETATM 1205 O  O   . HOH E 4 .   ? -4.791  -13.886 -7.718  1.00 37.88 ? 396 HOH A O   1 
HETATM 1206 O  O   . HOH E 4 .   ? -11.928 -0.010  -10.385 1.00 38.44 ? 397 HOH A O   1 
HETATM 1207 O  O   . HOH E 4 .   ? 7.344   -15.261 -8.737  1.00 39.23 ? 398 HOH A O   1 
HETATM 1208 O  O   . HOH E 4 .   ? 5.761   -18.236 -5.622  1.00 30.85 ? 399 HOH A O   1 
HETATM 1209 O  O   . HOH E 4 .   ? -1.162  7.490   -15.436 1.00 26.88 ? 400 HOH A O   1 
HETATM 1210 O  O   . HOH E 4 .   ? 10.145  -10.125 2.969   1.00 31.97 ? 401 HOH A O   1 
HETATM 1211 O  O   . HOH E 4 .   ? 10.448  -11.986 1.147   1.00 32.13 ? 402 HOH A O   1 
HETATM 1212 O  O   . HOH E 4 .   ? 5.891   -12.218 4.547   1.00 31.22 ? 403 HOH A O   1 
HETATM 1213 O  O   . HOH E 4 .   ? 15.854  -10.458 -0.620  1.00 39.66 ? 404 HOH A O   1 
HETATM 1214 O  O   . HOH E 4 .   ? 7.912   8.550   7.349   1.00 33.78 ? 405 HOH A O   1 
HETATM 1215 O  O   . HOH E 4 .   ? 6.411   7.420   10.282  1.00 29.88 ? 406 HOH A O   1 
HETATM 1216 O  O   . HOH E 4 .   ? -19.256 7.906   0.729   1.00 31.36 ? 407 HOH A O   1 
HETATM 1217 O  O   . HOH E 4 .   ? -11.879 5.687   9.888   1.00 43.04 ? 408 HOH A O   1 
HETATM 1218 O  O   . HOH E 4 .   ? -13.145 0.158   12.762  1.00 31.00 ? 409 HOH A O   1 
HETATM 1219 O  O   . HOH E 4 .   ? -8.259  -9.046  -4.062  1.00 34.34 ? 410 HOH A O   1 
HETATM 1220 O  O   . HOH E 4 .   ? -3.404  -3.816  -11.995 1.00 25.97 ? 411 HOH A O   1 
HETATM 1221 O  O   . HOH E 4 .   ? -15.048 -0.426  7.925   1.00 42.72 ? 412 HOH A O   1 
HETATM 1222 O  O   . HOH E 4 .   ? -18.941 1.248   -4.347  1.00 34.71 ? 413 HOH A O   1 
HETATM 1223 O  O   . HOH E 4 .   ? -6.764  -6.690  -10.832 1.00 31.36 ? 414 HOH A O   1 
HETATM 1224 O  O   . HOH E 4 .   ? 4.310   -15.464 -12.919 1.00 34.34 ? 415 HOH A O   1 
HETATM 1225 O  O   . HOH E 4 .   ? 13.620  -9.341  3.523   1.00 37.45 ? 416 HOH A O   1 
HETATM 1226 O  O   . HOH E 4 .   ? 16.071  0.846   8.536   1.00 31.22 ? 417 HOH A O   1 
HETATM 1227 O  O   . HOH E 4 .   ? 8.173   3.098   12.144  1.00 32.79 ? 418 HOH A O   1 
HETATM 1228 O  O   . HOH E 4 .   ? -4.744  7.757   15.038  1.00 38.15 ? 419 HOH A O   1 
HETATM 1229 O  O   . HOH E 4 .   ? 9.973   0.461   -17.216 1.00 35.33 ? 420 HOH A O   1 
HETATM 1230 O  O   . HOH E 4 .   ? -2.750  -15.362 -9.092  1.00 32.32 ? 421 HOH A O   1 
HETATM 1231 O  O   . HOH E 4 .   ? -15.697 -7.514  -2.054  1.00 34.30 ? 422 HOH A O   1 
HETATM 1232 O  O   . HOH E 4 .   ? -17.825 -5.834  -5.023  1.00 28.56 ? 423 HOH A O   1 
HETATM 1233 O  O   . HOH E 4 .   ? -20.198 -1.735  -4.534  1.00 31.57 ? 424 HOH A O   1 
HETATM 1234 O  O   . HOH E 4 .   ? -0.904  -7.365  -16.225 1.00 33.77 ? 425 HOH A O   1 
HETATM 1235 O  O   . HOH E 4 .   ? -9.375  -6.878  19.048  1.00 37.88 ? 426 HOH A O   1 
HETATM 1236 O  O   . HOH E 4 .   ? 11.512  -7.812  2.987   1.00 38.47 ? 427 HOH A O   1 
HETATM 1237 O  O   . HOH E 4 .   ? 0.537   1.796   15.453  1.00 27.15 ? 428 HOH A O   1 
HETATM 1238 O  O   . HOH E 4 .   ? 17.769  4.655   -4.779  1.00 35.59 ? 429 HOH A O   1 
HETATM 1239 O  O   . HOH E 4 .   ? -1.870  -8.666  17.925  1.00 33.78 ? 430 HOH A O   1 
HETATM 1240 O  O   . HOH E 4 .   ? 16.608  4.897   -14.482 1.00 39.51 ? 431 HOH A O   1 
HETATM 1241 O  O   . HOH E 4 .   ? -12.558 13.711  -1.549  1.00 39.04 ? 432 HOH A O   1 
HETATM 1242 O  O   . HOH E 4 .   ? -1.426  -2.096  24.409  1.00 39.64 ? 433 HOH A O   1 
HETATM 1243 O  O   . HOH E 4 .   ? -5.242  15.824  11.565  1.00 36.34 ? 434 HOH A O   1 
HETATM 1244 O  O   . HOH E 4 .   ? 10.373  -13.548 -5.459  1.00 40.35 ? 435 HOH A O   1 
HETATM 1245 O  O   . HOH E 4 .   ? -21.095 -1.918  0.292   1.00 38.26 ? 436 HOH A O   1 
HETATM 1246 O  O   . HOH E 4 .   ? 7.952   -11.701 0.977   1.00 27.78 ? 437 HOH A O   1 
HETATM 1247 O  O   . HOH E 4 .   ? 10.208  -13.750 -0.687  1.00 37.47 ? 438 HOH A O   1 
HETATM 1248 O  O   . HOH E 4 .   ? 13.039  -12.178 3.600   1.00 36.31 ? 439 HOH A O   1 
HETATM 1249 O  O   . HOH E 4 .   ? -13.602 -5.235  -9.876  1.00 31.70 ? 440 HOH A O   1 
HETATM 1250 O  O   . HOH E 4 .   ? -4.770  18.101  8.298   1.00 34.56 ? 441 HOH A O   1 
HETATM 1251 O  O   . HOH E 4 .   ? 12.011  6.896   2.973   1.00 41.48 ? 442 HOH A O   1 
HETATM 1252 O  O   . HOH E 4 .   ? -7.436  11.230  -9.291  1.00 35.03 ? 443 HOH A O   1 
HETATM 1253 O  O   . HOH E 4 .   ? -11.690 11.628  -0.249  1.00 41.21 ? 444 HOH A O   1 
HETATM 1254 O  O   . HOH E 4 .   ? 8.831   -12.442 -11.995 1.00 34.69 ? 445 HOH A O   1 
HETATM 1255 O  O   . HOH E 4 .   ? -4.259  -0.966  -13.769 1.00 44.30 ? 446 HOH A O   1 
HETATM 1256 O  O   . HOH E 4 .   ? 19.093  7.026   2.305   1.00 35.89 ? 447 HOH A O   1 
HETATM 1257 O  O   . HOH E 4 .   ? 10.529  2.260   10.577  1.00 41.13 ? 448 HOH A O   1 
HETATM 1258 O  O   . HOH E 4 .   ? 12.944  1.880   9.925   1.00 39.22 ? 449 HOH A O   1 
HETATM 1259 O  O   . HOH E 4 .   ? 3.060   0.767   14.623  1.00 36.21 ? 450 HOH A O   1 
HETATM 1260 O  O   . HOH E 4 .   ? 10.758  9.897   1.169   1.00 36.77 ? 451 HOH A O   1 
HETATM 1261 O  O   . HOH E 4 .   ? -7.787  15.459  9.963   1.00 41.15 ? 452 HOH A O   1 
HETATM 1262 O  O   . HOH E 4 .   ? -6.868  3.871   17.649  1.00 43.18 ? 453 HOH A O   1 
HETATM 1263 O  O   . HOH E 4 .   ? -14.467 -4.273  17.960  0.50 17.99 ? 454 HOH A O   1 
HETATM 1264 O  O   . HOH E 4 .   ? -14.536 -6.380  19.553  1.00 39.50 ? 455 HOH A O   1 
# 
loop_
_pdbx_poly_seq_scheme.asym_id 
_pdbx_poly_seq_scheme.entity_id 
_pdbx_poly_seq_scheme.seq_id 
_pdbx_poly_seq_scheme.mon_id 
_pdbx_poly_seq_scheme.ndb_seq_num 
_pdbx_poly_seq_scheme.pdb_seq_num 
_pdbx_poly_seq_scheme.auth_seq_num 
_pdbx_poly_seq_scheme.pdb_mon_id 
_pdbx_poly_seq_scheme.auth_mon_id 
_pdbx_poly_seq_scheme.pdb_strand_id 
_pdbx_poly_seq_scheme.pdb_ins_code 
_pdbx_poly_seq_scheme.hetero 
A 1 1   GLY 1   19  ?   ?   ?   A . n 
A 1 2   SER 2   20  ?   ?   ?   A . n 
A 1 3   ALA 3   21  ?   ?   ?   A . n 
A 1 4   ARG 4   22  22  ARG ARG A . n 
A 1 5   SER 5   23  23  SER SER A . n 
A 1 6   SER 6   24  24  SER SER A . n 
A 1 7   SER 7   25  25  SER SER A . n 
A 1 8   TYR 8   26  26  TYR TYR A . n 
A 1 9   SER 9   27  27  SER SER A . n 
A 1 10  GLY 10  28  28  GLY GLY A . n 
A 1 11  GLU 11  29  29  GLU GLU A . n 
A 1 12  TYR 12  30  30  TYR TYR A . n 
A 1 13  GLY 13  31  31  GLY GLY A . n 
A 1 14  SER 14  32  32  SER SER A . n 
A 1 15  GLY 15  33  33  GLY GLY A . n 
A 1 16  GLY 16  34  34  GLY GLY A . n 
A 1 17  GLY 17  35  35  GLY GLY A . n 
A 1 18  LYS 18  36  36  LYS LYS A . n 
A 1 19  ARG 19  37  37  ARG ARG A . n 
A 1 20  PHE 20  38  38  PHE PHE A . n 
A 1 21  SER 21  39  39  SER SER A . n 
A 1 22  HIS 22  40  40  HIS HIS A . n 
A 1 23  SER 23  41  41  SER SER A . n 
A 1 24  GLY 24  42  42  GLY GLY A . n 
A 1 25  ASN 25  43  43  ASN ASN A . n 
A 1 26  GLN 26  44  44  GLN GLN A . n 
A 1 27  LEU 27  45  45  LEU LEU A . n 
A 1 28  ASP 28  46  46  ASP ASP A . n 
A 1 29  GLY 29  47  47  GLY GLY A . n 
A 1 30  PRO 30  48  48  PRO PRO A . n 
A 1 31  ILE 31  49  49  ILE ILE A . n 
A 1 32  THR 32  50  50  THR THR A . n 
A 1 33  ALA 33  51  51  ALA ALA A . n 
A 1 34  LEU 34  52  52  LEU LEU A . n 
A 1 35  ARG 35  53  53  ARG ARG A . n 
A 1 36  VAL 36  54  54  VAL VAL A . n 
A 1 37  ARG 37  55  55  ARG ARG A . n 
A 1 38  VAL 38  56  56  VAL VAL A . n 
A 1 39  ASN 39  57  57  ASN ASN A . n 
A 1 40  THR 40  58  58  THR THR A . n 
A 1 41  TYR 41  59  59  TYR TYR A . n 
A 1 42  TYR 42  60  60  TYR TYR A . n 
A 1 43  ILE 43  61  61  ILE ILE A . n 
A 1 44  VAL 44  62  62  VAL VAL A . n 
A 1 45  GLY 45  63  63  GLY GLY A . n 
A 1 46  LEU 46  64  64  LEU LEU A . n 
A 1 47  GLN 47  65  65  GLN GLN A . n 
A 1 48  VAL 48  66  66  VAL VAL A . n 
A 1 49  ARG 49  67  67  ARG ARG A . n 
A 1 50  TYR 50  68  68  TYR TYR A . n 
A 1 51  GLY 51  69  69  GLY GLY A . n 
A 1 52  LYS 52  70  70  LYS LYS A . n 
A 1 53  VAL 53  71  71  VAL VAL A . n 
A 1 54  TRP 54  72  72  TRP TRP A . n 
A 1 55  SER 55  73  73  SER SER A . n 
A 1 56  ASP 56  74  74  ASP ASP A . n 
A 1 57  TYR 57  75  75  TYR TYR A . n 
A 1 58  VAL 58  76  76  VAL VAL A . n 
A 1 59  GLY 59  77  77  GLY GLY A . n 
A 1 60  GLY 60  78  78  GLY GLY A . n 
A 1 61  ARG 61  79  79  ARG ARG A . n 
A 1 62  ASN 62  80  80  ASN ASN A . n 
A 1 63  GLY 63  81  81  GLY GLY A . n 
A 1 64  ASP 64  82  82  ASP ASP A . n 
A 1 65  LEU 65  83  83  LEU LEU A . n 
A 1 66  GLU 66  84  84  GLU GLU A . n 
A 1 67  GLU 67  85  85  GLU GLU A . n 
A 1 68  ILE 68  86  86  ILE ILE A . n 
A 1 69  PHE 69  87  87  PHE PHE A . n 
A 1 70  LEU 70  88  88  LEU LEU A . n 
A 1 71  HIS 71  89  89  HIS HIS A . n 
A 1 72  PRO 72  90  90  PRO PRO A . n 
A 1 73  GLY 73  91  91  GLY GLY A . n 
A 1 74  GLU 74  92  92  GLU GLU A . n 
A 1 75  SER 75  93  93  SER SER A . n 
A 1 76  VAL 76  94  94  VAL VAL A . n 
A 1 77  ILE 77  95  95  ILE ILE A . n 
A 1 78  GLN 78  96  96  GLN GLN A . n 
A 1 79  VAL 79  97  97  VAL VAL A . n 
A 1 80  SER 80  98  98  SER SER A . n 
A 1 81  GLY 81  99  99  GLY GLY A . n 
A 1 82  LYS 82  100 100 LYS LYS A . n 
A 1 83  TYR 83  101 101 TYR TYR A . n 
A 1 84  LYS 84  102 102 LYS LYS A . n 
A 1 85  TRP 85  103 103 TRP TRP A . n 
A 1 86  TYR 86  104 104 TYR TYR A . n 
A 1 87  LEU 87  105 105 LEU LEU A . n 
A 1 88  LYS 88  106 106 LYS LYS A . n 
A 1 89  LYS 89  107 107 LYS LYS A . n 
A 1 90  LEU 90  108 108 LEU LEU A . n 
A 1 91  VAL 91  109 109 VAL VAL A . n 
A 1 92  PHE 92  110 110 PHE PHE A . n 
A 1 93  VAL 93  111 111 VAL VAL A . n 
A 1 94  THR 94  112 112 THR THR A . n 
A 1 95  ASP 95  113 113 ASP ASP A . n 
A 1 96  LYS 96  114 114 LYS LYS A . n 
A 1 97  GLY 97  115 115 GLY GLY A . n 
A 1 98  ARG 98  116 116 ARG ARG A . n 
A 1 99  TYR 99  117 117 TYR TYR A . n 
A 1 100 LEU 100 118 118 LEU LEU A . n 
A 1 101 SER 101 119 119 SER SER A . n 
A 1 102 PHE 102 120 120 PHE PHE A . n 
A 1 103 GLY 103 121 121 GLY GLY A . n 
A 1 104 LYS 104 122 122 LYS LYS A . n 
A 1 105 ASP 105 123 123 ASP ASP A . n 
A 1 106 SER 106 124 124 SER SER A . n 
A 1 107 GLY 107 125 125 GLY GLY A . n 
A 1 108 THR 108 126 126 THR THR A . n 
A 1 109 SER 109 127 127 SER SER A . n 
A 1 110 PHE 110 128 128 PHE PHE A . n 
A 1 111 ASN 111 129 129 ASN ASN A . n 
A 1 112 ALA 112 130 130 ALA ALA A . n 
A 1 113 VAL 113 131 131 VAL VAL A . n 
A 1 114 PRO 114 132 132 PRO PRO A . n 
A 1 115 LEU 115 133 133 LEU LEU A . n 
A 1 116 HIS 116 134 134 HIS HIS A . n 
A 1 117 PRO 117 135 135 PRO PRO A . n 
A 1 118 ASN 118 136 136 ASN ASN A . n 
A 1 119 THR 119 137 137 THR THR A . n 
A 1 120 VAL 120 138 138 VAL VAL A . n 
A 1 121 LEU 121 139 139 LEU LEU A . n 
A 1 122 ARG 122 140 140 ARG ARG A . n 
A 1 123 PHE 123 141 141 PHE PHE A . n 
A 1 124 ILE 124 142 142 ILE ILE A . n 
A 1 125 SER 125 143 143 SER SER A . n 
A 1 126 GLY 126 144 144 GLY GLY A . n 
A 1 127 ARG 127 145 145 ARG ARG A . n 
A 1 128 SER 128 146 146 SER SER A . n 
A 1 129 GLY 129 147 147 GLY GLY A . n 
A 1 130 SER 130 148 148 SER SER A . n 
A 1 131 LEU 131 149 149 LEU LEU A . n 
A 1 132 ILE 132 150 150 ILE ILE A . n 
A 1 133 ASP 133 151 151 ASP ASP A . n 
A 1 134 ALA 134 152 152 ALA ALA A . n 
A 1 135 ILE 135 153 153 ILE ILE A . n 
A 1 136 GLY 136 154 154 GLY GLY A . n 
A 1 137 LEU 137 155 155 LEU LEU A . n 
A 1 138 HIS 138 156 156 HIS HIS A . n 
A 1 139 TRP 139 157 157 TRP TRP A . n 
A 1 140 ASP 140 158 158 ASP ASP A . n 
A 1 141 VAL 141 159 159 VAL VAL A . n 
# 
loop_
_pdbx_nonpoly_scheme.asym_id 
_pdbx_nonpoly_scheme.entity_id 
_pdbx_nonpoly_scheme.mon_id 
_pdbx_nonpoly_scheme.ndb_seq_num 
_pdbx_nonpoly_scheme.pdb_seq_num 
_pdbx_nonpoly_scheme.auth_seq_num 
_pdbx_nonpoly_scheme.pdb_mon_id 
_pdbx_nonpoly_scheme.auth_mon_id 
_pdbx_nonpoly_scheme.pdb_strand_id 
_pdbx_nonpoly_scheme.pdb_ins_code 
C 3 CL  1   203 1   CL  CL  A . 
D 3 CL  1   204 2   CL  CL  A . 
E 4 HOH 1   301 1   HOH HOH A . 
E 4 HOH 2   302 2   HOH HOH A . 
E 4 HOH 3   303 137 HOH HOH A . 
E 4 HOH 4   304 3   HOH HOH A . 
E 4 HOH 5   305 4   HOH HOH A . 
E 4 HOH 6   306 5   HOH HOH A . 
E 4 HOH 7   307 6   HOH HOH A . 
E 4 HOH 8   308 7   HOH HOH A . 
E 4 HOH 9   309 8   HOH HOH A . 
E 4 HOH 10  310 9   HOH HOH A . 
E 4 HOH 11  311 10  HOH HOH A . 
E 4 HOH 12  312 11  HOH HOH A . 
E 4 HOH 13  313 12  HOH HOH A . 
E 4 HOH 14  314 13  HOH HOH A . 
E 4 HOH 15  315 14  HOH HOH A . 
E 4 HOH 16  316 15  HOH HOH A . 
E 4 HOH 17  317 16  HOH HOH A . 
E 4 HOH 18  318 17  HOH HOH A . 
E 4 HOH 19  319 18  HOH HOH A . 
E 4 HOH 20  320 19  HOH HOH A . 
E 4 HOH 21  321 20  HOH HOH A . 
E 4 HOH 22  322 21  HOH HOH A . 
E 4 HOH 23  323 22  HOH HOH A . 
E 4 HOH 24  324 23  HOH HOH A . 
E 4 HOH 25  325 24  HOH HOH A . 
E 4 HOH 26  326 25  HOH HOH A . 
E 4 HOH 27  327 26  HOH HOH A . 
E 4 HOH 28  328 27  HOH HOH A . 
E 4 HOH 29  329 28  HOH HOH A . 
E 4 HOH 30  330 29  HOH HOH A . 
E 4 HOH 31  331 30  HOH HOH A . 
E 4 HOH 32  332 31  HOH HOH A . 
E 4 HOH 33  333 32  HOH HOH A . 
E 4 HOH 34  334 33  HOH HOH A . 
E 4 HOH 35  335 34  HOH HOH A . 
E 4 HOH 36  336 35  HOH HOH A . 
E 4 HOH 37  337 36  HOH HOH A . 
E 4 HOH 38  338 37  HOH HOH A . 
E 4 HOH 39  339 38  HOH HOH A . 
E 4 HOH 40  340 39  HOH HOH A . 
E 4 HOH 41  341 40  HOH HOH A . 
E 4 HOH 42  342 41  HOH HOH A . 
E 4 HOH 43  343 42  HOH HOH A . 
E 4 HOH 44  344 43  HOH HOH A . 
E 4 HOH 45  345 44  HOH HOH A . 
E 4 HOH 46  346 45  HOH HOH A . 
E 4 HOH 47  347 46  HOH HOH A . 
E 4 HOH 48  348 47  HOH HOH A . 
E 4 HOH 49  349 48  HOH HOH A . 
E 4 HOH 50  350 49  HOH HOH A . 
E 4 HOH 51  351 50  HOH HOH A . 
E 4 HOH 52  352 61  HOH HOH A . 
E 4 HOH 53  353 63  HOH HOH A . 
E 4 HOH 54  354 64  HOH HOH A . 
E 4 HOH 55  355 65  HOH HOH A . 
E 4 HOH 56  356 66  HOH HOH A . 
E 4 HOH 57  357 67  HOH HOH A . 
E 4 HOH 58  358 68  HOH HOH A . 
E 4 HOH 59  359 69  HOH HOH A . 
E 4 HOH 60  360 70  HOH HOH A . 
E 4 HOH 61  361 71  HOH HOH A . 
E 4 HOH 62  362 74  HOH HOH A . 
E 4 HOH 63  363 75  HOH HOH A . 
E 4 HOH 64  364 76  HOH HOH A . 
E 4 HOH 65  365 77  HOH HOH A . 
E 4 HOH 66  366 78  HOH HOH A . 
E 4 HOH 67  367 79  HOH HOH A . 
E 4 HOH 68  368 81  HOH HOH A . 
E 4 HOH 69  369 82  HOH HOH A . 
E 4 HOH 70  370 83  HOH HOH A . 
E 4 HOH 71  371 84  HOH HOH A . 
E 4 HOH 72  372 85  HOH HOH A . 
E 4 HOH 73  373 86  HOH HOH A . 
E 4 HOH 74  374 88  HOH HOH A . 
E 4 HOH 75  375 89  HOH HOH A . 
E 4 HOH 76  376 90  HOH HOH A . 
E 4 HOH 77  377 91  HOH HOH A . 
E 4 HOH 78  378 92  HOH HOH A . 
E 4 HOH 79  379 93  HOH HOH A . 
E 4 HOH 80  380 94  HOH HOH A . 
E 4 HOH 81  381 95  HOH HOH A . 
E 4 HOH 82  382 96  HOH HOH A . 
E 4 HOH 83  383 97  HOH HOH A . 
E 4 HOH 84  384 98  HOH HOH A . 
E 4 HOH 85  385 99  HOH HOH A . 
E 4 HOH 86  386 100 HOH HOH A . 
E 4 HOH 87  387 101 HOH HOH A . 
E 4 HOH 88  388 102 HOH HOH A . 
E 4 HOH 89  389 103 HOH HOH A . 
E 4 HOH 90  390 104 HOH HOH A . 
E 4 HOH 91  391 105 HOH HOH A . 
E 4 HOH 92  392 107 HOH HOH A . 
E 4 HOH 93  393 108 HOH HOH A . 
E 4 HOH 94  394 109 HOH HOH A . 
E 4 HOH 95  395 110 HOH HOH A . 
E 4 HOH 96  396 111 HOH HOH A . 
E 4 HOH 97  397 112 HOH HOH A . 
E 4 HOH 98  398 114 HOH HOH A . 
E 4 HOH 99  399 115 HOH HOH A . 
E 4 HOH 100 400 116 HOH HOH A . 
E 4 HOH 101 401 121 HOH HOH A . 
E 4 HOH 102 402 122 HOH HOH A . 
E 4 HOH 103 403 123 HOH HOH A . 
E 4 HOH 104 404 124 HOH HOH A . 
E 4 HOH 105 405 125 HOH HOH A . 
E 4 HOH 106 406 126 HOH HOH A . 
E 4 HOH 107 407 127 HOH HOH A . 
E 4 HOH 108 408 128 HOH HOH A . 
E 4 HOH 109 409 129 HOH HOH A . 
E 4 HOH 110 410 130 HOH HOH A . 
E 4 HOH 111 411 131 HOH HOH A . 
E 4 HOH 112 412 132 HOH HOH A . 
E 4 HOH 113 413 133 HOH HOH A . 
E 4 HOH 114 414 134 HOH HOH A . 
E 4 HOH 115 415 135 HOH HOH A . 
E 4 HOH 116 416 138 HOH HOH A . 
E 4 HOH 117 417 139 HOH HOH A . 
E 4 HOH 118 418 140 HOH HOH A . 
E 4 HOH 119 419 141 HOH HOH A . 
E 4 HOH 120 420 142 HOH HOH A . 
E 4 HOH 121 421 144 HOH HOH A . 
E 4 HOH 122 422 145 HOH HOH A . 
E 4 HOH 123 423 146 HOH HOH A . 
E 4 HOH 124 424 147 HOH HOH A . 
E 4 HOH 125 425 149 HOH HOH A . 
E 4 HOH 126 426 150 HOH HOH A . 
E 4 HOH 127 427 152 HOH HOH A . 
E 4 HOH 128 428 153 HOH HOH A . 
E 4 HOH 129 429 156 HOH HOH A . 
E 4 HOH 130 430 160 HOH HOH A . 
E 4 HOH 131 431 161 HOH HOH A . 
E 4 HOH 132 432 162 HOH HOH A . 
E 4 HOH 133 433 163 HOH HOH A . 
E 4 HOH 134 434 164 HOH HOH A . 
E 4 HOH 135 435 165 HOH HOH A . 
E 4 HOH 136 436 166 HOH HOH A . 
E 4 HOH 137 437 167 HOH HOH A . 
E 4 HOH 138 438 168 HOH HOH A . 
E 4 HOH 139 439 169 HOH HOH A . 
E 4 HOH 140 440 170 HOH HOH A . 
E 4 HOH 141 441 172 HOH HOH A . 
E 4 HOH 142 442 176 HOH HOH A . 
E 4 HOH 143 443 177 HOH HOH A . 
E 4 HOH 144 444 178 HOH HOH A . 
E 4 HOH 145 445 179 HOH HOH A . 
E 4 HOH 146 446 180 HOH HOH A . 
E 4 HOH 147 447 181 HOH HOH A . 
E 4 HOH 148 448 183 HOH HOH A . 
E 4 HOH 149 449 184 HOH HOH A . 
E 4 HOH 150 450 185 HOH HOH A . 
E 4 HOH 151 451 186 HOH HOH A . 
E 4 HOH 152 452 188 HOH HOH A . 
E 4 HOH 153 453 190 HOH HOH A . 
E 4 HOH 154 454 191 HOH HOH A . 
E 4 HOH 155 455 193 HOH HOH A . 
# 
_pdbx_molecule_features.prd_id    PRD_900112 
_pdbx_molecule_features.name      3alpha-alpha-mannobiose 
_pdbx_molecule_features.type      Oligosaccharide 
_pdbx_molecule_features.class     Metabolism 
_pdbx_molecule_features.details   oligosaccharide 
# 
_pdbx_molecule.instance_id   1 
_pdbx_molecule.prd_id        PRD_900112 
_pdbx_molecule.asym_id       B 
# 
_pdbx_struct_assembly.id                   1 
_pdbx_struct_assembly.details              author_and_software_defined_assembly 
_pdbx_struct_assembly.method_details       PISA 
_pdbx_struct_assembly.oligomeric_details   monomeric 
_pdbx_struct_assembly.oligomeric_count     1 
# 
_pdbx_struct_assembly_gen.assembly_id       1 
_pdbx_struct_assembly_gen.oper_expression   1 
_pdbx_struct_assembly_gen.asym_id_list      A,B,C,D,E 
# 
_pdbx_struct_oper_list.id                   1 
_pdbx_struct_oper_list.type                 'identity operation' 
_pdbx_struct_oper_list.name                 1_555 
_pdbx_struct_oper_list.symmetry_operation   x,y,z 
_pdbx_struct_oper_list.matrix[1][1]         1.0000000000 
_pdbx_struct_oper_list.matrix[1][2]         0.0000000000 
_pdbx_struct_oper_list.matrix[1][3]         0.0000000000 
_pdbx_struct_oper_list.vector[1]            0.0000000000 
_pdbx_struct_oper_list.matrix[2][1]         0.0000000000 
_pdbx_struct_oper_list.matrix[2][2]         1.0000000000 
_pdbx_struct_oper_list.matrix[2][3]         0.0000000000 
_pdbx_struct_oper_list.vector[2]            0.0000000000 
_pdbx_struct_oper_list.matrix[3][1]         0.0000000000 
_pdbx_struct_oper_list.matrix[3][2]         0.0000000000 
_pdbx_struct_oper_list.matrix[3][3]         1.0000000000 
_pdbx_struct_oper_list.vector[3]            0.0000000000 
# 
_pdbx_struct_special_symmetry.id              1 
_pdbx_struct_special_symmetry.PDB_model_num   1 
_pdbx_struct_special_symmetry.auth_asym_id    A 
_pdbx_struct_special_symmetry.auth_comp_id    HOH 
_pdbx_struct_special_symmetry.auth_seq_id     454 
_pdbx_struct_special_symmetry.PDB_ins_code    ? 
_pdbx_struct_special_symmetry.label_asym_id   E 
_pdbx_struct_special_symmetry.label_comp_id   HOH 
_pdbx_struct_special_symmetry.label_seq_id    . 
# 
loop_
_pdbx_audit_revision_history.ordinal 
_pdbx_audit_revision_history.data_content_type 
_pdbx_audit_revision_history.major_revision 
_pdbx_audit_revision_history.minor_revision 
_pdbx_audit_revision_history.revision_date 
1 'Structure model' 1 0 2013-10-16 
2 'Structure model' 1 1 2014-09-03 
3 'Structure model' 2 0 2020-07-29 
4 'Structure model' 2 1 2023-11-08 
# 
loop_
_pdbx_audit_revision_details.ordinal 
_pdbx_audit_revision_details.revision_ordinal 
_pdbx_audit_revision_details.data_content_type 
_pdbx_audit_revision_details.provider 
_pdbx_audit_revision_details.type 
_pdbx_audit_revision_details.description 
_pdbx_audit_revision_details.details 
1 1 'Structure model' repository 'Initial release' ?                          ? 
2 3 'Structure model' repository Remediation       'Carbohydrate remediation' ? 
# 
loop_
_pdbx_audit_revision_group.ordinal 
_pdbx_audit_revision_group.revision_ordinal 
_pdbx_audit_revision_group.data_content_type 
_pdbx_audit_revision_group.group 
1  2 'Structure model' 'Database references'    
2  3 'Structure model' 'Atomic model'           
3  3 'Structure model' 'Data collection'        
4  3 'Structure model' 'Database references'    
5  3 'Structure model' 'Derived calculations'   
6  3 'Structure model' 'Structure summary'      
7  4 'Structure model' 'Data collection'        
8  4 'Structure model' 'Database references'    
9  4 'Structure model' 'Refinement description' 
10 4 'Structure model' 'Structure summary'      
# 
loop_
_pdbx_audit_revision_category.ordinal 
_pdbx_audit_revision_category.revision_ordinal 
_pdbx_audit_revision_category.data_content_type 
_pdbx_audit_revision_category.category 
1  3 'Structure model' atom_site                     
2  3 'Structure model' chem_comp                     
3  3 'Structure model' entity                        
4  3 'Structure model' entity_name_com               
5  3 'Structure model' pdbx_branch_scheme            
6  3 'Structure model' pdbx_chem_comp_identifier     
7  3 'Structure model' pdbx_entity_branch            
8  3 'Structure model' pdbx_entity_branch_descriptor 
9  3 'Structure model' pdbx_entity_branch_link       
10 3 'Structure model' pdbx_entity_branch_list       
11 3 'Structure model' pdbx_entity_nonpoly           
12 3 'Structure model' pdbx_molecule_features        
13 3 'Structure model' pdbx_nonpoly_scheme           
14 3 'Structure model' pdbx_struct_assembly_gen      
15 3 'Structure model' pdbx_struct_special_symmetry  
16 3 'Structure model' struct_asym                   
17 3 'Structure model' struct_conn                   
18 3 'Structure model' struct_ref_seq_dif            
19 3 'Structure model' struct_site                   
20 3 'Structure model' struct_site_gen               
21 4 'Structure model' chem_comp                     
22 4 'Structure model' chem_comp_atom                
23 4 'Structure model' chem_comp_bond                
24 4 'Structure model' database_2                    
25 4 'Structure model' pdbx_initial_refinement_model 
# 
loop_
_pdbx_audit_revision_item.ordinal 
_pdbx_audit_revision_item.revision_ordinal 
_pdbx_audit_revision_item.data_content_type 
_pdbx_audit_revision_item.item 
1  3 'Structure model' '_atom_site.auth_asym_id'                     
2  3 'Structure model' '_atom_site.auth_seq_id'                      
3  3 'Structure model' '_atom_site.label_asym_id'                    
4  3 'Structure model' '_chem_comp.name'                             
5  3 'Structure model' '_chem_comp.type'                             
6  3 'Structure model' '_entity.formula_weight'                      
7  3 'Structure model' '_entity.pdbx_description'                    
8  3 'Structure model' '_entity.pdbx_number_of_molecules'            
9  3 'Structure model' '_entity.type'                                
10 3 'Structure model' '_pdbx_struct_assembly_gen.asym_id_list'      
11 3 'Structure model' '_pdbx_struct_special_symmetry.label_asym_id' 
12 3 'Structure model' '_struct_conn.pdbx_leaving_atom_flag'         
13 3 'Structure model' '_struct_conn.ptnr1_auth_asym_id'             
14 3 'Structure model' '_struct_conn.ptnr1_auth_seq_id'              
15 3 'Structure model' '_struct_conn.ptnr2_auth_asym_id'             
16 3 'Structure model' '_struct_conn.ptnr2_auth_seq_id'              
17 3 'Structure model' '_struct_conn.ptnr2_label_asym_id'            
18 3 'Structure model' '_struct_ref_seq_dif.details'                 
19 4 'Structure model' '_chem_comp.pdbx_synonyms'                    
20 4 'Structure model' '_database_2.pdbx_DOI'                        
21 4 'Structure model' '_database_2.pdbx_database_accession'         
# 
loop_
_software.name 
_software.classification 
_software.version 
_software.citation_id 
_software.pdbx_ordinal 
HKL-2000  'data collection' .        ? 1 
MOLREP    phasing           .        ? 2 
REFMAC    refinement        5.2.0019 ? 3 
DENZO     'data reduction'  .        ? 4 
SCALEPACK 'data scaling'    .        ? 5 
# 
loop_
_pdbx_validate_torsion.id 
_pdbx_validate_torsion.PDB_model_num 
_pdbx_validate_torsion.auth_comp_id 
_pdbx_validate_torsion.auth_asym_id 
_pdbx_validate_torsion.auth_seq_id 
_pdbx_validate_torsion.PDB_ins_code 
_pdbx_validate_torsion.label_alt_id 
_pdbx_validate_torsion.phi 
_pdbx_validate_torsion.psi 
1 1 ASN A 57  ? ? -120.06 -157.77 
2 1 LYS A 102 ? ? -117.67 -108.60 
# 
loop_
_pdbx_unobs_or_zero_occ_residues.id 
_pdbx_unobs_or_zero_occ_residues.PDB_model_num 
_pdbx_unobs_or_zero_occ_residues.polymer_flag 
_pdbx_unobs_or_zero_occ_residues.occupancy_flag 
_pdbx_unobs_or_zero_occ_residues.auth_asym_id 
_pdbx_unobs_or_zero_occ_residues.auth_comp_id 
_pdbx_unobs_or_zero_occ_residues.auth_seq_id 
_pdbx_unobs_or_zero_occ_residues.PDB_ins_code 
_pdbx_unobs_or_zero_occ_residues.label_asym_id 
_pdbx_unobs_or_zero_occ_residues.label_comp_id 
_pdbx_unobs_or_zero_occ_residues.label_seq_id 
1 1 Y 1 A GLY 19 ? A GLY 1 
2 1 Y 1 A SER 20 ? A SER 2 
3 1 Y 1 A ALA 21 ? A ALA 3 
# 
loop_
_chem_comp_atom.comp_id 
_chem_comp_atom.atom_id 
_chem_comp_atom.type_symbol 
_chem_comp_atom.pdbx_aromatic_flag 
_chem_comp_atom.pdbx_stereo_config 
_chem_comp_atom.pdbx_ordinal 
ALA N    N  N N 1   
ALA CA   C  N S 2   
ALA C    C  N N 3   
ALA O    O  N N 4   
ALA CB   C  N N 5   
ALA OXT  O  N N 6   
ALA H    H  N N 7   
ALA H2   H  N N 8   
ALA HA   H  N N 9   
ALA HB1  H  N N 10  
ALA HB2  H  N N 11  
ALA HB3  H  N N 12  
ALA HXT  H  N N 13  
ARG N    N  N N 14  
ARG CA   C  N S 15  
ARG C    C  N N 16  
ARG O    O  N N 17  
ARG CB   C  N N 18  
ARG CG   C  N N 19  
ARG CD   C  N N 20  
ARG NE   N  N N 21  
ARG CZ   C  N N 22  
ARG NH1  N  N N 23  
ARG NH2  N  N N 24  
ARG OXT  O  N N 25  
ARG H    H  N N 26  
ARG H2   H  N N 27  
ARG HA   H  N N 28  
ARG HB2  H  N N 29  
ARG HB3  H  N N 30  
ARG HG2  H  N N 31  
ARG HG3  H  N N 32  
ARG HD2  H  N N 33  
ARG HD3  H  N N 34  
ARG HE   H  N N 35  
ARG HH11 H  N N 36  
ARG HH12 H  N N 37  
ARG HH21 H  N N 38  
ARG HH22 H  N N 39  
ARG HXT  H  N N 40  
ASN N    N  N N 41  
ASN CA   C  N S 42  
ASN C    C  N N 43  
ASN O    O  N N 44  
ASN CB   C  N N 45  
ASN CG   C  N N 46  
ASN OD1  O  N N 47  
ASN ND2  N  N N 48  
ASN OXT  O  N N 49  
ASN H    H  N N 50  
ASN H2   H  N N 51  
ASN HA   H  N N 52  
ASN HB2  H  N N 53  
ASN HB3  H  N N 54  
ASN HD21 H  N N 55  
ASN HD22 H  N N 56  
ASN HXT  H  N N 57  
ASP N    N  N N 58  
ASP CA   C  N S 59  
ASP C    C  N N 60  
ASP O    O  N N 61  
ASP CB   C  N N 62  
ASP CG   C  N N 63  
ASP OD1  O  N N 64  
ASP OD2  O  N N 65  
ASP OXT  O  N N 66  
ASP H    H  N N 67  
ASP H2   H  N N 68  
ASP HA   H  N N 69  
ASP HB2  H  N N 70  
ASP HB3  H  N N 71  
ASP HD2  H  N N 72  
ASP HXT  H  N N 73  
CL  CL   CL N N 74  
GLN N    N  N N 75  
GLN CA   C  N S 76  
GLN C    C  N N 77  
GLN O    O  N N 78  
GLN CB   C  N N 79  
GLN CG   C  N N 80  
GLN CD   C  N N 81  
GLN OE1  O  N N 82  
GLN NE2  N  N N 83  
GLN OXT  O  N N 84  
GLN H    H  N N 85  
GLN H2   H  N N 86  
GLN HA   H  N N 87  
GLN HB2  H  N N 88  
GLN HB3  H  N N 89  
GLN HG2  H  N N 90  
GLN HG3  H  N N 91  
GLN HE21 H  N N 92  
GLN HE22 H  N N 93  
GLN HXT  H  N N 94  
GLU N    N  N N 95  
GLU CA   C  N S 96  
GLU C    C  N N 97  
GLU O    O  N N 98  
GLU CB   C  N N 99  
GLU CG   C  N N 100 
GLU CD   C  N N 101 
GLU OE1  O  N N 102 
GLU OE2  O  N N 103 
GLU OXT  O  N N 104 
GLU H    H  N N 105 
GLU H2   H  N N 106 
GLU HA   H  N N 107 
GLU HB2  H  N N 108 
GLU HB3  H  N N 109 
GLU HG2  H  N N 110 
GLU HG3  H  N N 111 
GLU HE2  H  N N 112 
GLU HXT  H  N N 113 
GLY N    N  N N 114 
GLY CA   C  N N 115 
GLY C    C  N N 116 
GLY O    O  N N 117 
GLY OXT  O  N N 118 
GLY H    H  N N 119 
GLY H2   H  N N 120 
GLY HA2  H  N N 121 
GLY HA3  H  N N 122 
GLY HXT  H  N N 123 
HIS N    N  N N 124 
HIS CA   C  N S 125 
HIS C    C  N N 126 
HIS O    O  N N 127 
HIS CB   C  N N 128 
HIS CG   C  Y N 129 
HIS ND1  N  Y N 130 
HIS CD2  C  Y N 131 
HIS CE1  C  Y N 132 
HIS NE2  N  Y N 133 
HIS OXT  O  N N 134 
HIS H    H  N N 135 
HIS H2   H  N N 136 
HIS HA   H  N N 137 
HIS HB2  H  N N 138 
HIS HB3  H  N N 139 
HIS HD1  H  N N 140 
HIS HD2  H  N N 141 
HIS HE1  H  N N 142 
HIS HE2  H  N N 143 
HIS HXT  H  N N 144 
HOH O    O  N N 145 
HOH H1   H  N N 146 
HOH H2   H  N N 147 
ILE N    N  N N 148 
ILE CA   C  N S 149 
ILE C    C  N N 150 
ILE O    O  N N 151 
ILE CB   C  N S 152 
ILE CG1  C  N N 153 
ILE CG2  C  N N 154 
ILE CD1  C  N N 155 
ILE OXT  O  N N 156 
ILE H    H  N N 157 
ILE H2   H  N N 158 
ILE HA   H  N N 159 
ILE HB   H  N N 160 
ILE HG12 H  N N 161 
ILE HG13 H  N N 162 
ILE HG21 H  N N 163 
ILE HG22 H  N N 164 
ILE HG23 H  N N 165 
ILE HD11 H  N N 166 
ILE HD12 H  N N 167 
ILE HD13 H  N N 168 
ILE HXT  H  N N 169 
LEU N    N  N N 170 
LEU CA   C  N S 171 
LEU C    C  N N 172 
LEU O    O  N N 173 
LEU CB   C  N N 174 
LEU CG   C  N N 175 
LEU CD1  C  N N 176 
LEU CD2  C  N N 177 
LEU OXT  O  N N 178 
LEU H    H  N N 179 
LEU H2   H  N N 180 
LEU HA   H  N N 181 
LEU HB2  H  N N 182 
LEU HB3  H  N N 183 
LEU HG   H  N N 184 
LEU HD11 H  N N 185 
LEU HD12 H  N N 186 
LEU HD13 H  N N 187 
LEU HD21 H  N N 188 
LEU HD22 H  N N 189 
LEU HD23 H  N N 190 
LEU HXT  H  N N 191 
LYS N    N  N N 192 
LYS CA   C  N S 193 
LYS C    C  N N 194 
LYS O    O  N N 195 
LYS CB   C  N N 196 
LYS CG   C  N N 197 
LYS CD   C  N N 198 
LYS CE   C  N N 199 
LYS NZ   N  N N 200 
LYS OXT  O  N N 201 
LYS H    H  N N 202 
LYS H2   H  N N 203 
LYS HA   H  N N 204 
LYS HB2  H  N N 205 
LYS HB3  H  N N 206 
LYS HG2  H  N N 207 
LYS HG3  H  N N 208 
LYS HD2  H  N N 209 
LYS HD3  H  N N 210 
LYS HE2  H  N N 211 
LYS HE3  H  N N 212 
LYS HZ1  H  N N 213 
LYS HZ2  H  N N 214 
LYS HZ3  H  N N 215 
LYS HXT  H  N N 216 
MAN C1   C  N S 217 
MAN C2   C  N S 218 
MAN C3   C  N S 219 
MAN C4   C  N S 220 
MAN C5   C  N R 221 
MAN C6   C  N N 222 
MAN O1   O  N N 223 
MAN O2   O  N N 224 
MAN O3   O  N N 225 
MAN O4   O  N N 226 
MAN O5   O  N N 227 
MAN O6   O  N N 228 
MAN H1   H  N N 229 
MAN H2   H  N N 230 
MAN H3   H  N N 231 
MAN H4   H  N N 232 
MAN H5   H  N N 233 
MAN H61  H  N N 234 
MAN H62  H  N N 235 
MAN HO1  H  N N 236 
MAN HO2  H  N N 237 
MAN HO3  H  N N 238 
MAN HO4  H  N N 239 
MAN HO6  H  N N 240 
PHE N    N  N N 241 
PHE CA   C  N S 242 
PHE C    C  N N 243 
PHE O    O  N N 244 
PHE CB   C  N N 245 
PHE CG   C  Y N 246 
PHE CD1  C  Y N 247 
PHE CD2  C  Y N 248 
PHE CE1  C  Y N 249 
PHE CE2  C  Y N 250 
PHE CZ   C  Y N 251 
PHE OXT  O  N N 252 
PHE H    H  N N 253 
PHE H2   H  N N 254 
PHE HA   H  N N 255 
PHE HB2  H  N N 256 
PHE HB3  H  N N 257 
PHE HD1  H  N N 258 
PHE HD2  H  N N 259 
PHE HE1  H  N N 260 
PHE HE2  H  N N 261 
PHE HZ   H  N N 262 
PHE HXT  H  N N 263 
PRO N    N  N N 264 
PRO CA   C  N S 265 
PRO C    C  N N 266 
PRO O    O  N N 267 
PRO CB   C  N N 268 
PRO CG   C  N N 269 
PRO CD   C  N N 270 
PRO OXT  O  N N 271 
PRO H    H  N N 272 
PRO HA   H  N N 273 
PRO HB2  H  N N 274 
PRO HB3  H  N N 275 
PRO HG2  H  N N 276 
PRO HG3  H  N N 277 
PRO HD2  H  N N 278 
PRO HD3  H  N N 279 
PRO HXT  H  N N 280 
SER N    N  N N 281 
SER CA   C  N S 282 
SER C    C  N N 283 
SER O    O  N N 284 
SER CB   C  N N 285 
SER OG   O  N N 286 
SER OXT  O  N N 287 
SER H    H  N N 288 
SER H2   H  N N 289 
SER HA   H  N N 290 
SER HB2  H  N N 291 
SER HB3  H  N N 292 
SER HG   H  N N 293 
SER HXT  H  N N 294 
THR N    N  N N 295 
THR CA   C  N S 296 
THR C    C  N N 297 
THR O    O  N N 298 
THR CB   C  N R 299 
THR OG1  O  N N 300 
THR CG2  C  N N 301 
THR OXT  O  N N 302 
THR H    H  N N 303 
THR H2   H  N N 304 
THR HA   H  N N 305 
THR HB   H  N N 306 
THR HG1  H  N N 307 
THR HG21 H  N N 308 
THR HG22 H  N N 309 
THR HG23 H  N N 310 
THR HXT  H  N N 311 
TRP N    N  N N 312 
TRP CA   C  N S 313 
TRP C    C  N N 314 
TRP O    O  N N 315 
TRP CB   C  N N 316 
TRP CG   C  Y N 317 
TRP CD1  C  Y N 318 
TRP CD2  C  Y N 319 
TRP NE1  N  Y N 320 
TRP CE2  C  Y N 321 
TRP CE3  C  Y N 322 
TRP CZ2  C  Y N 323 
TRP CZ3  C  Y N 324 
TRP CH2  C  Y N 325 
TRP OXT  O  N N 326 
TRP H    H  N N 327 
TRP H2   H  N N 328 
TRP HA   H  N N 329 
TRP HB2  H  N N 330 
TRP HB3  H  N N 331 
TRP HD1  H  N N 332 
TRP HE1  H  N N 333 
TRP HE3  H  N N 334 
TRP HZ2  H  N N 335 
TRP HZ3  H  N N 336 
TRP HH2  H  N N 337 
TRP HXT  H  N N 338 
TYR N    N  N N 339 
TYR CA   C  N S 340 
TYR C    C  N N 341 
TYR O    O  N N 342 
TYR CB   C  N N 343 
TYR CG   C  Y N 344 
TYR CD1  C  Y N 345 
TYR CD2  C  Y N 346 
TYR CE1  C  Y N 347 
TYR CE2  C  Y N 348 
TYR CZ   C  Y N 349 
TYR OH   O  N N 350 
TYR OXT  O  N N 351 
TYR H    H  N N 352 
TYR H2   H  N N 353 
TYR HA   H  N N 354 
TYR HB2  H  N N 355 
TYR HB3  H  N N 356 
TYR HD1  H  N N 357 
TYR HD2  H  N N 358 
TYR HE1  H  N N 359 
TYR HE2  H  N N 360 
TYR HH   H  N N 361 
TYR HXT  H  N N 362 
VAL N    N  N N 363 
VAL CA   C  N S 364 
VAL C    C  N N 365 
VAL O    O  N N 366 
VAL CB   C  N N 367 
VAL CG1  C  N N 368 
VAL CG2  C  N N 369 
VAL OXT  O  N N 370 
VAL H    H  N N 371 
VAL H2   H  N N 372 
VAL HA   H  N N 373 
VAL HB   H  N N 374 
VAL HG11 H  N N 375 
VAL HG12 H  N N 376 
VAL HG13 H  N N 377 
VAL HG21 H  N N 378 
VAL HG22 H  N N 379 
VAL HG23 H  N N 380 
VAL HXT  H  N N 381 
# 
loop_
_chem_comp_bond.comp_id 
_chem_comp_bond.atom_id_1 
_chem_comp_bond.atom_id_2 
_chem_comp_bond.value_order 
_chem_comp_bond.pdbx_aromatic_flag 
_chem_comp_bond.pdbx_stereo_config 
_chem_comp_bond.pdbx_ordinal 
ALA N   CA   sing N N 1   
ALA N   H    sing N N 2   
ALA N   H2   sing N N 3   
ALA CA  C    sing N N 4   
ALA CA  CB   sing N N 5   
ALA CA  HA   sing N N 6   
ALA C   O    doub N N 7   
ALA C   OXT  sing N N 8   
ALA CB  HB1  sing N N 9   
ALA CB  HB2  sing N N 10  
ALA CB  HB3  sing N N 11  
ALA OXT HXT  sing N N 12  
ARG N   CA   sing N N 13  
ARG N   H    sing N N 14  
ARG N   H2   sing N N 15  
ARG CA  C    sing N N 16  
ARG CA  CB   sing N N 17  
ARG CA  HA   sing N N 18  
ARG C   O    doub N N 19  
ARG C   OXT  sing N N 20  
ARG CB  CG   sing N N 21  
ARG CB  HB2  sing N N 22  
ARG CB  HB3  sing N N 23  
ARG CG  CD   sing N N 24  
ARG CG  HG2  sing N N 25  
ARG CG  HG3  sing N N 26  
ARG CD  NE   sing N N 27  
ARG CD  HD2  sing N N 28  
ARG CD  HD3  sing N N 29  
ARG NE  CZ   sing N N 30  
ARG NE  HE   sing N N 31  
ARG CZ  NH1  sing N N 32  
ARG CZ  NH2  doub N N 33  
ARG NH1 HH11 sing N N 34  
ARG NH1 HH12 sing N N 35  
ARG NH2 HH21 sing N N 36  
ARG NH2 HH22 sing N N 37  
ARG OXT HXT  sing N N 38  
ASN N   CA   sing N N 39  
ASN N   H    sing N N 40  
ASN N   H2   sing N N 41  
ASN CA  C    sing N N 42  
ASN CA  CB   sing N N 43  
ASN CA  HA   sing N N 44  
ASN C   O    doub N N 45  
ASN C   OXT  sing N N 46  
ASN CB  CG   sing N N 47  
ASN CB  HB2  sing N N 48  
ASN CB  HB3  sing N N 49  
ASN CG  OD1  doub N N 50  
ASN CG  ND2  sing N N 51  
ASN ND2 HD21 sing N N 52  
ASN ND2 HD22 sing N N 53  
ASN OXT HXT  sing N N 54  
ASP N   CA   sing N N 55  
ASP N   H    sing N N 56  
ASP N   H2   sing N N 57  
ASP CA  C    sing N N 58  
ASP CA  CB   sing N N 59  
ASP CA  HA   sing N N 60  
ASP C   O    doub N N 61  
ASP C   OXT  sing N N 62  
ASP CB  CG   sing N N 63  
ASP CB  HB2  sing N N 64  
ASP CB  HB3  sing N N 65  
ASP CG  OD1  doub N N 66  
ASP CG  OD2  sing N N 67  
ASP OD2 HD2  sing N N 68  
ASP OXT HXT  sing N N 69  
GLN N   CA   sing N N 70  
GLN N   H    sing N N 71  
GLN N   H2   sing N N 72  
GLN CA  C    sing N N 73  
GLN CA  CB   sing N N 74  
GLN CA  HA   sing N N 75  
GLN C   O    doub N N 76  
GLN C   OXT  sing N N 77  
GLN CB  CG   sing N N 78  
GLN CB  HB2  sing N N 79  
GLN CB  HB3  sing N N 80  
GLN CG  CD   sing N N 81  
GLN CG  HG2  sing N N 82  
GLN CG  HG3  sing N N 83  
GLN CD  OE1  doub N N 84  
GLN CD  NE2  sing N N 85  
GLN NE2 HE21 sing N N 86  
GLN NE2 HE22 sing N N 87  
GLN OXT HXT  sing N N 88  
GLU N   CA   sing N N 89  
GLU N   H    sing N N 90  
GLU N   H2   sing N N 91  
GLU CA  C    sing N N 92  
GLU CA  CB   sing N N 93  
GLU CA  HA   sing N N 94  
GLU C   O    doub N N 95  
GLU C   OXT  sing N N 96  
GLU CB  CG   sing N N 97  
GLU CB  HB2  sing N N 98  
GLU CB  HB3  sing N N 99  
GLU CG  CD   sing N N 100 
GLU CG  HG2  sing N N 101 
GLU CG  HG3  sing N N 102 
GLU CD  OE1  doub N N 103 
GLU CD  OE2  sing N N 104 
GLU OE2 HE2  sing N N 105 
GLU OXT HXT  sing N N 106 
GLY N   CA   sing N N 107 
GLY N   H    sing N N 108 
GLY N   H2   sing N N 109 
GLY CA  C    sing N N 110 
GLY CA  HA2  sing N N 111 
GLY CA  HA3  sing N N 112 
GLY C   O    doub N N 113 
GLY C   OXT  sing N N 114 
GLY OXT HXT  sing N N 115 
HIS N   CA   sing N N 116 
HIS N   H    sing N N 117 
HIS N   H2   sing N N 118 
HIS CA  C    sing N N 119 
HIS CA  CB   sing N N 120 
HIS CA  HA   sing N N 121 
HIS C   O    doub N N 122 
HIS C   OXT  sing N N 123 
HIS CB  CG   sing N N 124 
HIS CB  HB2  sing N N 125 
HIS CB  HB3  sing N N 126 
HIS CG  ND1  sing Y N 127 
HIS CG  CD2  doub Y N 128 
HIS ND1 CE1  doub Y N 129 
HIS ND1 HD1  sing N N 130 
HIS CD2 NE2  sing Y N 131 
HIS CD2 HD2  sing N N 132 
HIS CE1 NE2  sing Y N 133 
HIS CE1 HE1  sing N N 134 
HIS NE2 HE2  sing N N 135 
HIS OXT HXT  sing N N 136 
HOH O   H1   sing N N 137 
HOH O   H2   sing N N 138 
ILE N   CA   sing N N 139 
ILE N   H    sing N N 140 
ILE N   H2   sing N N 141 
ILE CA  C    sing N N 142 
ILE CA  CB   sing N N 143 
ILE CA  HA   sing N N 144 
ILE C   O    doub N N 145 
ILE C   OXT  sing N N 146 
ILE CB  CG1  sing N N 147 
ILE CB  CG2  sing N N 148 
ILE CB  HB   sing N N 149 
ILE CG1 CD1  sing N N 150 
ILE CG1 HG12 sing N N 151 
ILE CG1 HG13 sing N N 152 
ILE CG2 HG21 sing N N 153 
ILE CG2 HG22 sing N N 154 
ILE CG2 HG23 sing N N 155 
ILE CD1 HD11 sing N N 156 
ILE CD1 HD12 sing N N 157 
ILE CD1 HD13 sing N N 158 
ILE OXT HXT  sing N N 159 
LEU N   CA   sing N N 160 
LEU N   H    sing N N 161 
LEU N   H2   sing N N 162 
LEU CA  C    sing N N 163 
LEU CA  CB   sing N N 164 
LEU CA  HA   sing N N 165 
LEU C   O    doub N N 166 
LEU C   OXT  sing N N 167 
LEU CB  CG   sing N N 168 
LEU CB  HB2  sing N N 169 
LEU CB  HB3  sing N N 170 
LEU CG  CD1  sing N N 171 
LEU CG  CD2  sing N N 172 
LEU CG  HG   sing N N 173 
LEU CD1 HD11 sing N N 174 
LEU CD1 HD12 sing N N 175 
LEU CD1 HD13 sing N N 176 
LEU CD2 HD21 sing N N 177 
LEU CD2 HD22 sing N N 178 
LEU CD2 HD23 sing N N 179 
LEU OXT HXT  sing N N 180 
LYS N   CA   sing N N 181 
LYS N   H    sing N N 182 
LYS N   H2   sing N N 183 
LYS CA  C    sing N N 184 
LYS CA  CB   sing N N 185 
LYS CA  HA   sing N N 186 
LYS C   O    doub N N 187 
LYS C   OXT  sing N N 188 
LYS CB  CG   sing N N 189 
LYS CB  HB2  sing N N 190 
LYS CB  HB3  sing N N 191 
LYS CG  CD   sing N N 192 
LYS CG  HG2  sing N N 193 
LYS CG  HG3  sing N N 194 
LYS CD  CE   sing N N 195 
LYS CD  HD2  sing N N 196 
LYS CD  HD3  sing N N 197 
LYS CE  NZ   sing N N 198 
LYS CE  HE2  sing N N 199 
LYS CE  HE3  sing N N 200 
LYS NZ  HZ1  sing N N 201 
LYS NZ  HZ2  sing N N 202 
LYS NZ  HZ3  sing N N 203 
LYS OXT HXT  sing N N 204 
MAN C1  C2   sing N N 205 
MAN C1  O1   sing N N 206 
MAN C1  O5   sing N N 207 
MAN C1  H1   sing N N 208 
MAN C2  C3   sing N N 209 
MAN C2  O2   sing N N 210 
MAN C2  H2   sing N N 211 
MAN C3  C4   sing N N 212 
MAN C3  O3   sing N N 213 
MAN C3  H3   sing N N 214 
MAN C4  C5   sing N N 215 
MAN C4  O4   sing N N 216 
MAN C4  H4   sing N N 217 
MAN C5  C6   sing N N 218 
MAN C5  O5   sing N N 219 
MAN C5  H5   sing N N 220 
MAN C6  O6   sing N N 221 
MAN C6  H61  sing N N 222 
MAN C6  H62  sing N N 223 
MAN O1  HO1  sing N N 224 
MAN O2  HO2  sing N N 225 
MAN O3  HO3  sing N N 226 
MAN O4  HO4  sing N N 227 
MAN O6  HO6  sing N N 228 
PHE N   CA   sing N N 229 
PHE N   H    sing N N 230 
PHE N   H2   sing N N 231 
PHE CA  C    sing N N 232 
PHE CA  CB   sing N N 233 
PHE CA  HA   sing N N 234 
PHE C   O    doub N N 235 
PHE C   OXT  sing N N 236 
PHE CB  CG   sing N N 237 
PHE CB  HB2  sing N N 238 
PHE CB  HB3  sing N N 239 
PHE CG  CD1  doub Y N 240 
PHE CG  CD2  sing Y N 241 
PHE CD1 CE1  sing Y N 242 
PHE CD1 HD1  sing N N 243 
PHE CD2 CE2  doub Y N 244 
PHE CD2 HD2  sing N N 245 
PHE CE1 CZ   doub Y N 246 
PHE CE1 HE1  sing N N 247 
PHE CE2 CZ   sing Y N 248 
PHE CE2 HE2  sing N N 249 
PHE CZ  HZ   sing N N 250 
PHE OXT HXT  sing N N 251 
PRO N   CA   sing N N 252 
PRO N   CD   sing N N 253 
PRO N   H    sing N N 254 
PRO CA  C    sing N N 255 
PRO CA  CB   sing N N 256 
PRO CA  HA   sing N N 257 
PRO C   O    doub N N 258 
PRO C   OXT  sing N N 259 
PRO CB  CG   sing N N 260 
PRO CB  HB2  sing N N 261 
PRO CB  HB3  sing N N 262 
PRO CG  CD   sing N N 263 
PRO CG  HG2  sing N N 264 
PRO CG  HG3  sing N N 265 
PRO CD  HD2  sing N N 266 
PRO CD  HD3  sing N N 267 
PRO OXT HXT  sing N N 268 
SER N   CA   sing N N 269 
SER N   H    sing N N 270 
SER N   H2   sing N N 271 
SER CA  C    sing N N 272 
SER CA  CB   sing N N 273 
SER CA  HA   sing N N 274 
SER C   O    doub N N 275 
SER C   OXT  sing N N 276 
SER CB  OG   sing N N 277 
SER CB  HB2  sing N N 278 
SER CB  HB3  sing N N 279 
SER OG  HG   sing N N 280 
SER OXT HXT  sing N N 281 
THR N   CA   sing N N 282 
THR N   H    sing N N 283 
THR N   H2   sing N N 284 
THR CA  C    sing N N 285 
THR CA  CB   sing N N 286 
THR CA  HA   sing N N 287 
THR C   O    doub N N 288 
THR C   OXT  sing N N 289 
THR CB  OG1  sing N N 290 
THR CB  CG2  sing N N 291 
THR CB  HB   sing N N 292 
THR OG1 HG1  sing N N 293 
THR CG2 HG21 sing N N 294 
THR CG2 HG22 sing N N 295 
THR CG2 HG23 sing N N 296 
THR OXT HXT  sing N N 297 
TRP N   CA   sing N N 298 
TRP N   H    sing N N 299 
TRP N   H2   sing N N 300 
TRP CA  C    sing N N 301 
TRP CA  CB   sing N N 302 
TRP CA  HA   sing N N 303 
TRP C   O    doub N N 304 
TRP C   OXT  sing N N 305 
TRP CB  CG   sing N N 306 
TRP CB  HB2  sing N N 307 
TRP CB  HB3  sing N N 308 
TRP CG  CD1  doub Y N 309 
TRP CG  CD2  sing Y N 310 
TRP CD1 NE1  sing Y N 311 
TRP CD1 HD1  sing N N 312 
TRP CD2 CE2  doub Y N 313 
TRP CD2 CE3  sing Y N 314 
TRP NE1 CE2  sing Y N 315 
TRP NE1 HE1  sing N N 316 
TRP CE2 CZ2  sing Y N 317 
TRP CE3 CZ3  doub Y N 318 
TRP CE3 HE3  sing N N 319 
TRP CZ2 CH2  doub Y N 320 
TRP CZ2 HZ2  sing N N 321 
TRP CZ3 CH2  sing Y N 322 
TRP CZ3 HZ3  sing N N 323 
TRP CH2 HH2  sing N N 324 
TRP OXT HXT  sing N N 325 
TYR N   CA   sing N N 326 
TYR N   H    sing N N 327 
TYR N   H2   sing N N 328 
TYR CA  C    sing N N 329 
TYR CA  CB   sing N N 330 
TYR CA  HA   sing N N 331 
TYR C   O    doub N N 332 
TYR C   OXT  sing N N 333 
TYR CB  CG   sing N N 334 
TYR CB  HB2  sing N N 335 
TYR CB  HB3  sing N N 336 
TYR CG  CD1  doub Y N 337 
TYR CG  CD2  sing Y N 338 
TYR CD1 CE1  sing Y N 339 
TYR CD1 HD1  sing N N 340 
TYR CD2 CE2  doub Y N 341 
TYR CD2 HD2  sing N N 342 
TYR CE1 CZ   doub Y N 343 
TYR CE1 HE1  sing N N 344 
TYR CE2 CZ   sing Y N 345 
TYR CE2 HE2  sing N N 346 
TYR CZ  OH   sing N N 347 
TYR OH  HH   sing N N 348 
TYR OXT HXT  sing N N 349 
VAL N   CA   sing N N 350 
VAL N   H    sing N N 351 
VAL N   H2   sing N N 352 
VAL CA  C    sing N N 353 
VAL CA  CB   sing N N 354 
VAL CA  HA   sing N N 355 
VAL C   O    doub N N 356 
VAL C   OXT  sing N N 357 
VAL CB  CG1  sing N N 358 
VAL CB  CG2  sing N N 359 
VAL CB  HB   sing N N 360 
VAL CG1 HG11 sing N N 361 
VAL CG1 HG12 sing N N 362 
VAL CG1 HG13 sing N N 363 
VAL CG2 HG21 sing N N 364 
VAL CG2 HG22 sing N N 365 
VAL CG2 HG23 sing N N 366 
VAL OXT HXT  sing N N 367 
# 
loop_
_pdbx_branch_scheme.asym_id 
_pdbx_branch_scheme.entity_id 
_pdbx_branch_scheme.mon_id 
_pdbx_branch_scheme.num 
_pdbx_branch_scheme.pdb_asym_id 
_pdbx_branch_scheme.pdb_mon_id 
_pdbx_branch_scheme.pdb_seq_num 
_pdbx_branch_scheme.auth_asym_id 
_pdbx_branch_scheme.auth_mon_id 
_pdbx_branch_scheme.auth_seq_num 
_pdbx_branch_scheme.hetero 
B 2 MAN 1 B MAN 1 A MAN 810 n 
B 2 MAN 2 B MAN 2 A MAN 811 n 
# 
loop_
_pdbx_chem_comp_identifier.comp_id 
_pdbx_chem_comp_identifier.type 
_pdbx_chem_comp_identifier.program 
_pdbx_chem_comp_identifier.program_version 
_pdbx_chem_comp_identifier.identifier 
MAN 'CONDENSED IUPAC CARBOHYDRATE SYMBOL' GMML     1.0 DManpa            
MAN 'COMMON NAME'                         GMML     1.0 a-D-mannopyranose 
MAN 'IUPAC CARBOHYDRATE SYMBOL'           PDB-CARE 1.0 a-D-Manp          
MAN 'SNFG CARBOHYDRATE SYMBOL'            GMML     1.0 Man               
# 
_pdbx_entity_branch.entity_id   2 
_pdbx_entity_branch.type        oligosaccharide 
# 
loop_
_pdbx_entity_branch_descriptor.ordinal 
_pdbx_entity_branch_descriptor.entity_id 
_pdbx_entity_branch_descriptor.descriptor 
_pdbx_entity_branch_descriptor.type 
_pdbx_entity_branch_descriptor.program 
_pdbx_entity_branch_descriptor.program_version 
1 2 DManpa1-3DManpa1-ROH                        'Glycam Condensed Sequence' GMML       1.0   
2 2 'WURCS=2.0/1,2,1/[a1122h-1a_1-5]/1-1/a3-b1' WURCS                       PDB2Glycan 1.1.0 
3 2 '[][a-D-Manp]{[(3+1)][a-D-Manp]{}}'         LINUCS                      PDB-CARE   ?     
# 
_pdbx_entity_branch_link.link_id                    1 
_pdbx_entity_branch_link.entity_id                  2 
_pdbx_entity_branch_link.entity_branch_list_num_1   2 
_pdbx_entity_branch_link.comp_id_1                  MAN 
_pdbx_entity_branch_link.atom_id_1                  C1 
_pdbx_entity_branch_link.leaving_atom_id_1          O1 
_pdbx_entity_branch_link.entity_branch_list_num_2   1 
_pdbx_entity_branch_link.comp_id_2                  MAN 
_pdbx_entity_branch_link.atom_id_2                  O3 
_pdbx_entity_branch_link.leaving_atom_id_2          HO3 
_pdbx_entity_branch_link.value_order                sing 
_pdbx_entity_branch_link.details                    ? 
# 
loop_
_pdbx_entity_branch_list.entity_id 
_pdbx_entity_branch_list.comp_id 
_pdbx_entity_branch_list.num 
_pdbx_entity_branch_list.hetero 
2 MAN 1 n 
2 MAN 2 n 
# 
loop_
_pdbx_entity_nonpoly.entity_id 
_pdbx_entity_nonpoly.name 
_pdbx_entity_nonpoly.comp_id 
3 'CHLORIDE ION' CL  
4 water          HOH 
# 
_pdbx_initial_refinement_model.id               1 
_pdbx_initial_refinement_model.entity_id_list   ? 
_pdbx_initial_refinement_model.type             'experimental model' 
_pdbx_initial_refinement_model.source_name      PDB 
_pdbx_initial_refinement_model.accession_code   3APA 
_pdbx_initial_refinement_model.details          ? 
# 
